data_2BV6
# 
_entry.id   2BV6 
# 
_audit_conform.dict_name       mmcif_pdbx.dic 
_audit_conform.dict_version    5.398 
_audit_conform.dict_location   http://mmcif.pdb.org/dictionaries/ascii/mmcif_pdbx.dic 
# 
loop_
_database_2.database_id 
_database_2.database_code 
_database_2.pdbx_database_accession 
_database_2.pdbx_DOI 
PDB   2BV6         pdb_00002bv6 10.2210/pdb2bv6/pdb 
PDBE  EBI-24584    ?            ?                   
WWPDB D_1290024584 ?            ?                   
# 
loop_
_pdbx_audit_revision_history.ordinal 
_pdbx_audit_revision_history.data_content_type 
_pdbx_audit_revision_history.major_revision 
_pdbx_audit_revision_history.minor_revision 
_pdbx_audit_revision_history.revision_date 
1 'Structure model' 1 0 2006-09-20 
2 'Structure model' 1 1 2011-05-08 
3 'Structure model' 1 2 2011-07-13 
4 'Structure model' 1 3 2024-11-13 
# 
_pdbx_audit_revision_details.ordinal             1 
_pdbx_audit_revision_details.revision_ordinal    1 
_pdbx_audit_revision_details.data_content_type   'Structure model' 
_pdbx_audit_revision_details.provider            repository 
_pdbx_audit_revision_details.type                'Initial release' 
_pdbx_audit_revision_details.description         ? 
_pdbx_audit_revision_details.details             ? 
# 
loop_
_pdbx_audit_revision_group.ordinal 
_pdbx_audit_revision_group.revision_ordinal 
_pdbx_audit_revision_group.data_content_type 
_pdbx_audit_revision_group.group 
1 2 'Structure model' 'Version format compliance' 
2 3 'Structure model' 'Version format compliance' 
3 4 'Structure model' 'Data collection'           
4 4 'Structure model' 'Database references'       
5 4 'Structure model' 'Derived calculations'      
6 4 'Structure model' Other                       
7 4 'Structure model' 'Structure summary'         
# 
loop_
_pdbx_audit_revision_category.ordinal 
_pdbx_audit_revision_category.revision_ordinal 
_pdbx_audit_revision_category.data_content_type 
_pdbx_audit_revision_category.category 
1 4 'Structure model' chem_comp_atom            
2 4 'Structure model' chem_comp_bond            
3 4 'Structure model' database_2                
4 4 'Structure model' pdbx_database_status      
5 4 'Structure model' pdbx_entry_details        
6 4 'Structure model' pdbx_modification_feature 
7 4 'Structure model' struct_conn               
# 
loop_
_pdbx_audit_revision_item.ordinal 
_pdbx_audit_revision_item.revision_ordinal 
_pdbx_audit_revision_item.data_content_type 
_pdbx_audit_revision_item.item 
1 4 'Structure model' '_database_2.pdbx_DOI'                         
2 4 'Structure model' '_database_2.pdbx_database_accession'          
3 4 'Structure model' '_pdbx_database_status.status_code_sf'         
4 4 'Structure model' '_pdbx_entry_details.has_protein_modification' 
5 4 'Structure model' '_struct_conn.pdbx_leaving_atom_flag'          
# 
_pdbx_database_status.status_code                     REL 
_pdbx_database_status.entry_id                        2BV6 
_pdbx_database_status.deposit_site                    PDBE 
_pdbx_database_status.process_site                    PDBE 
_pdbx_database_status.SG_entry                        . 
_pdbx_database_status.recvd_initial_deposition_date   2005-06-22 
_pdbx_database_status.pdb_format_compatible           Y 
_pdbx_database_status.status_code_sf                  REL 
_pdbx_database_status.status_code_mr                  ? 
_pdbx_database_status.status_code_cs                  ? 
_pdbx_database_status.methods_development_category    ? 
_pdbx_database_status.status_code_nmr_data            ? 
# 
loop_
_audit_author.name 
_audit_author.pdbx_ordinal 
'Chen, P.R.'     1 
'Bae, T.'        2 
'Williams, W.A.' 3 
'Duguid, E.M.'   4 
'Rice, P.A.'     5 
'Schneewind, O.' 6 
'He, C.'         7 
# 
_citation.id                        primary 
_citation.title                     'An Oxidation-Sensing Mechanism is Used by the Global Regulator Mgra in Staphylococcus Aureus.' 
_citation.journal_abbrev            Nat.Chem.Biol. 
_citation.journal_volume            2 
_citation.page_first                591 
_citation.page_last                 ? 
_citation.year                      2006 
_citation.journal_id_ASTM           ? 
_citation.country                   US 
_citation.journal_id_ISSN           1552-4450 
_citation.journal_id_CSD            ? 
_citation.book_publisher            ? 
_citation.pdbx_database_id_PubMed   16980961 
_citation.pdbx_database_id_DOI      10.1038/NCHEMBIO820 
# 
loop_
_citation_author.citation_id 
_citation_author.name 
_citation_author.ordinal 
_citation_author.identifier_ORCID 
primary 'Chen, P.R.'     1 ? 
primary 'Bae, T.'        2 ? 
primary 'Williams, W.A.' 3 ? 
primary 'Duguid, E.M.'   4 ? 
primary 'Rice, P.A.'     5 ? 
primary 'Schneewind, O.' 6 ? 
primary 'He, C.'         7 ? 
# 
loop_
_entity.id 
_entity.type 
_entity.src_method 
_entity.pdbx_description 
_entity.formula_weight 
_entity.pdbx_number_of_molecules 
_entity.pdbx_ec 
_entity.pdbx_mutation 
_entity.pdbx_fragment 
_entity.details 
1 polymer     man 'HTH-TYPE TRANSCRIPTIONAL REGULATOR MGRA' 16533.510 1 ? ? 'RESIDUES 5-142' ? 
2 non-polymer syn 'SULFATE ION'                             96.063    1 ? ? ?                ? 
3 water       nat water                                     18.015    9 ? ? ?                ? 
# 
_entity_name_com.entity_id   1 
_entity_name_com.name        MGRA 
# 
_entity_poly.entity_id                      1 
_entity_poly.type                           'polypeptide(L)' 
_entity_poly.nstd_linkage                   no 
_entity_poly.nstd_monomer                   yes 
_entity_poly.pdbx_seq_one_letter_code       
;GSH(MSE)NLKEQLCFSLYNAQRQVNRYYSNKVFKKYNLTYPQFLVLTILWDESPVNVKKVVTELALDTGTVSPLLKR
(MSE)EQVDLIKRERSEVDQREVFIHLTDKSETIRPELSNASDKVASASSLSQDEVKELNRLLGKVIHAFDE
;
_entity_poly.pdbx_seq_one_letter_code_can   
;GSHMNLKEQLCFSLYNAQRQVNRYYSNKVFKKYNLTYPQFLVLTILWDESPVNVKKVVTELALDTGTVSPLLKRMEQVDL
IKRERSEVDQREVFIHLTDKSETIRPELSNASDKVASASSLSQDEVKELNRLLGKVIHAFDE
;
_entity_poly.pdbx_strand_id                 A 
_entity_poly.pdbx_target_identifier         ? 
# 
loop_
_pdbx_entity_nonpoly.entity_id 
_pdbx_entity_nonpoly.name 
_pdbx_entity_nonpoly.comp_id 
2 'SULFATE ION' SO4 
3 water         HOH 
# 
loop_
_entity_poly_seq.entity_id 
_entity_poly_seq.num 
_entity_poly_seq.mon_id 
_entity_poly_seq.hetero 
1 1   GLY n 
1 2   SER n 
1 3   HIS n 
1 4   MSE n 
1 5   ASN n 
1 6   LEU n 
1 7   LYS n 
1 8   GLU n 
1 9   GLN n 
1 10  LEU n 
1 11  CYS n 
1 12  PHE n 
1 13  SER n 
1 14  LEU n 
1 15  TYR n 
1 16  ASN n 
1 17  ALA n 
1 18  GLN n 
1 19  ARG n 
1 20  GLN n 
1 21  VAL n 
1 22  ASN n 
1 23  ARG n 
1 24  TYR n 
1 25  TYR n 
1 26  SER n 
1 27  ASN n 
1 28  LYS n 
1 29  VAL n 
1 30  PHE n 
1 31  LYS n 
1 32  LYS n 
1 33  TYR n 
1 34  ASN n 
1 35  LEU n 
1 36  THR n 
1 37  TYR n 
1 38  PRO n 
1 39  GLN n 
1 40  PHE n 
1 41  LEU n 
1 42  VAL n 
1 43  LEU n 
1 44  THR n 
1 45  ILE n 
1 46  LEU n 
1 47  TRP n 
1 48  ASP n 
1 49  GLU n 
1 50  SER n 
1 51  PRO n 
1 52  VAL n 
1 53  ASN n 
1 54  VAL n 
1 55  LYS n 
1 56  LYS n 
1 57  VAL n 
1 58  VAL n 
1 59  THR n 
1 60  GLU n 
1 61  LEU n 
1 62  ALA n 
1 63  LEU n 
1 64  ASP n 
1 65  THR n 
1 66  GLY n 
1 67  THR n 
1 68  VAL n 
1 69  SER n 
1 70  PRO n 
1 71  LEU n 
1 72  LEU n 
1 73  LYS n 
1 74  ARG n 
1 75  MSE n 
1 76  GLU n 
1 77  GLN n 
1 78  VAL n 
1 79  ASP n 
1 80  LEU n 
1 81  ILE n 
1 82  LYS n 
1 83  ARG n 
1 84  GLU n 
1 85  ARG n 
1 86  SER n 
1 87  GLU n 
1 88  VAL n 
1 89  ASP n 
1 90  GLN n 
1 91  ARG n 
1 92  GLU n 
1 93  VAL n 
1 94  PHE n 
1 95  ILE n 
1 96  HIS n 
1 97  LEU n 
1 98  THR n 
1 99  ASP n 
1 100 LYS n 
1 101 SER n 
1 102 GLU n 
1 103 THR n 
1 104 ILE n 
1 105 ARG n 
1 106 PRO n 
1 107 GLU n 
1 108 LEU n 
1 109 SER n 
1 110 ASN n 
1 111 ALA n 
1 112 SER n 
1 113 ASP n 
1 114 LYS n 
1 115 VAL n 
1 116 ALA n 
1 117 SER n 
1 118 ALA n 
1 119 SER n 
1 120 SER n 
1 121 LEU n 
1 122 SER n 
1 123 GLN n 
1 124 ASP n 
1 125 GLU n 
1 126 VAL n 
1 127 LYS n 
1 128 GLU n 
1 129 LEU n 
1 130 ASN n 
1 131 ARG n 
1 132 LEU n 
1 133 LEU n 
1 134 GLY n 
1 135 LYS n 
1 136 VAL n 
1 137 ILE n 
1 138 HIS n 
1 139 ALA n 
1 140 PHE n 
1 141 ASP n 
1 142 GLU n 
# 
_entity_src_gen.entity_id                          1 
_entity_src_gen.pdbx_src_id                        1 
_entity_src_gen.pdbx_alt_source_flag               sample 
_entity_src_gen.pdbx_seq_type                      ? 
_entity_src_gen.pdbx_beg_seq_num                   ? 
_entity_src_gen.pdbx_end_seq_num                   ? 
_entity_src_gen.gene_src_common_name               ? 
_entity_src_gen.gene_src_genus                     ? 
_entity_src_gen.pdbx_gene_src_gene                 ? 
_entity_src_gen.gene_src_species                   ? 
_entity_src_gen.gene_src_strain                    NEWMAN 
_entity_src_gen.gene_src_tissue                    ? 
_entity_src_gen.gene_src_tissue_fraction           ? 
_entity_src_gen.gene_src_details                   ? 
_entity_src_gen.pdbx_gene_src_fragment             ? 
_entity_src_gen.pdbx_gene_src_scientific_name      'STAPHYLOCOCCUS AUREUS' 
_entity_src_gen.pdbx_gene_src_ncbi_taxonomy_id     1280 
_entity_src_gen.pdbx_gene_src_variant              ? 
_entity_src_gen.pdbx_gene_src_cell_line            ? 
_entity_src_gen.pdbx_gene_src_atcc                 ? 
_entity_src_gen.pdbx_gene_src_organ                ? 
_entity_src_gen.pdbx_gene_src_organelle            ? 
_entity_src_gen.pdbx_gene_src_cell                 ? 
_entity_src_gen.pdbx_gene_src_cellular_location    ? 
_entity_src_gen.host_org_common_name               ? 
_entity_src_gen.pdbx_host_org_scientific_name      'ESCHERICHIA COLI' 
_entity_src_gen.pdbx_host_org_ncbi_taxonomy_id     469008 
_entity_src_gen.host_org_genus                     ? 
_entity_src_gen.pdbx_host_org_gene                 ? 
_entity_src_gen.pdbx_host_org_organ                ? 
_entity_src_gen.host_org_species                   ? 
_entity_src_gen.pdbx_host_org_tissue               ? 
_entity_src_gen.pdbx_host_org_tissue_fraction      ? 
_entity_src_gen.pdbx_host_org_strain               'BL21(DE3)' 
_entity_src_gen.pdbx_host_org_variant              ? 
_entity_src_gen.pdbx_host_org_cell_line            ? 
_entity_src_gen.pdbx_host_org_atcc                 ? 
_entity_src_gen.pdbx_host_org_culture_collection   ? 
_entity_src_gen.pdbx_host_org_cell                 ? 
_entity_src_gen.pdbx_host_org_organelle            ? 
_entity_src_gen.pdbx_host_org_cellular_location    ? 
_entity_src_gen.pdbx_host_org_vector_type          ? 
_entity_src_gen.pdbx_host_org_vector               PET28A 
_entity_src_gen.host_org_details                   ? 
_entity_src_gen.expression_system_id               ? 
_entity_src_gen.plasmid_name                       PET28A 
_entity_src_gen.plasmid_details                    ? 
_entity_src_gen.pdbx_description                   ? 
# 
loop_
_chem_comp.id 
_chem_comp.type 
_chem_comp.mon_nstd_flag 
_chem_comp.name 
_chem_comp.pdbx_synonyms 
_chem_comp.formula 
_chem_comp.formula_weight 
ALA 'L-peptide linking' y ALANINE          ? 'C3 H7 N O2'     89.093  
ARG 'L-peptide linking' y ARGININE         ? 'C6 H15 N4 O2 1' 175.209 
ASN 'L-peptide linking' y ASPARAGINE       ? 'C4 H8 N2 O3'    132.118 
ASP 'L-peptide linking' y 'ASPARTIC ACID'  ? 'C4 H7 N O4'     133.103 
CYS 'L-peptide linking' y CYSTEINE         ? 'C3 H7 N O2 S'   121.158 
GLN 'L-peptide linking' y GLUTAMINE        ? 'C5 H10 N2 O3'   146.144 
GLU 'L-peptide linking' y 'GLUTAMIC ACID'  ? 'C5 H9 N O4'     147.129 
GLY 'peptide linking'   y GLYCINE          ? 'C2 H5 N O2'     75.067  
HIS 'L-peptide linking' y HISTIDINE        ? 'C6 H10 N3 O2 1' 156.162 
HOH non-polymer         . WATER            ? 'H2 O'           18.015  
ILE 'L-peptide linking' y ISOLEUCINE       ? 'C6 H13 N O2'    131.173 
LEU 'L-peptide linking' y LEUCINE          ? 'C6 H13 N O2'    131.173 
LYS 'L-peptide linking' y LYSINE           ? 'C6 H15 N2 O2 1' 147.195 
MSE 'L-peptide linking' n SELENOMETHIONINE ? 'C5 H11 N O2 Se' 196.106 
PHE 'L-peptide linking' y PHENYLALANINE    ? 'C9 H11 N O2'    165.189 
PRO 'L-peptide linking' y PROLINE          ? 'C5 H9 N O2'     115.130 
SER 'L-peptide linking' y SERINE           ? 'C3 H7 N O3'     105.093 
SO4 non-polymer         . 'SULFATE ION'    ? 'O4 S -2'        96.063  
THR 'L-peptide linking' y THREONINE        ? 'C4 H9 N O3'     119.119 
TRP 'L-peptide linking' y TRYPTOPHAN       ? 'C11 H12 N2 O2'  204.225 
TYR 'L-peptide linking' y TYROSINE         ? 'C9 H11 N O3'    181.189 
VAL 'L-peptide linking' y VALINE           ? 'C5 H11 N O2'    117.146 
# 
loop_
_pdbx_poly_seq_scheme.asym_id 
_pdbx_poly_seq_scheme.entity_id 
_pdbx_poly_seq_scheme.seq_id 
_pdbx_poly_seq_scheme.mon_id 
_pdbx_poly_seq_scheme.ndb_seq_num 
_pdbx_poly_seq_scheme.pdb_seq_num 
_pdbx_poly_seq_scheme.auth_seq_num 
_pdbx_poly_seq_scheme.pdb_mon_id 
_pdbx_poly_seq_scheme.auth_mon_id 
_pdbx_poly_seq_scheme.pdb_strand_id 
_pdbx_poly_seq_scheme.pdb_ins_code 
_pdbx_poly_seq_scheme.hetero 
A 1 1   GLY 1   2   ?   ?   ?   A . n 
A 1 2   SER 2   3   ?   ?   ?   A . n 
A 1 3   HIS 3   4   ?   ?   ?   A . n 
A 1 4   MSE 4   5   5   MSE MSE A . n 
A 1 5   ASN 5   6   6   ASN ASN A . n 
A 1 6   LEU 6   7   7   LEU LEU A . n 
A 1 7   LYS 7   8   8   LYS LYS A . n 
A 1 8   GLU 8   9   9   GLU GLU A . n 
A 1 9   GLN 9   10  10  GLN GLN A . n 
A 1 10  LEU 10  11  11  LEU LEU A . n 
A 1 11  CYS 11  12  12  CYS CYS A . n 
A 1 12  PHE 12  13  13  PHE PHE A . n 
A 1 13  SER 13  14  14  SER SER A . n 
A 1 14  LEU 14  15  15  LEU LEU A . n 
A 1 15  TYR 15  16  16  TYR TYR A . n 
A 1 16  ASN 16  17  17  ASN ASN A . n 
A 1 17  ALA 17  18  18  ALA ALA A . n 
A 1 18  GLN 18  19  19  GLN GLN A . n 
A 1 19  ARG 19  20  20  ARG ARG A . n 
A 1 20  GLN 20  21  21  GLN GLN A . n 
A 1 21  VAL 21  22  22  VAL VAL A . n 
A 1 22  ASN 22  23  23  ASN ASN A . n 
A 1 23  ARG 23  24  24  ARG ARG A . n 
A 1 24  TYR 24  25  25  TYR TYR A . n 
A 1 25  TYR 25  26  26  TYR TYR A . n 
A 1 26  SER 26  27  27  SER SER A . n 
A 1 27  ASN 27  28  28  ASN ASN A . n 
A 1 28  LYS 28  29  29  LYS LYS A . n 
A 1 29  VAL 29  30  30  VAL VAL A . n 
A 1 30  PHE 30  31  31  PHE PHE A . n 
A 1 31  LYS 31  32  32  LYS LYS A . n 
A 1 32  LYS 32  33  33  LYS LYS A . n 
A 1 33  TYR 33  34  34  TYR TYR A . n 
A 1 34  ASN 34  35  35  ASN ASN A . n 
A 1 35  LEU 35  36  36  LEU LEU A . n 
A 1 36  THR 36  37  37  THR THR A . n 
A 1 37  TYR 37  38  38  TYR TYR A . n 
A 1 38  PRO 38  39  39  PRO PRO A . n 
A 1 39  GLN 39  40  40  GLN GLN A . n 
A 1 40  PHE 40  41  41  PHE PHE A . n 
A 1 41  LEU 41  42  42  LEU LEU A . n 
A 1 42  VAL 42  43  43  VAL VAL A . n 
A 1 43  LEU 43  44  44  LEU LEU A . n 
A 1 44  THR 44  45  45  THR THR A . n 
A 1 45  ILE 45  46  46  ILE ILE A . n 
A 1 46  LEU 46  47  47  LEU LEU A . n 
A 1 47  TRP 47  48  48  TRP TRP A . n 
A 1 48  ASP 48  49  49  ASP ASP A . n 
A 1 49  GLU 49  50  50  GLU GLU A . n 
A 1 50  SER 50  51  51  SER SER A . n 
A 1 51  PRO 51  52  52  PRO PRO A . n 
A 1 52  VAL 52  53  53  VAL VAL A . n 
A 1 53  ASN 53  54  54  ASN ASN A . n 
A 1 54  VAL 54  55  55  VAL VAL A . n 
A 1 55  LYS 55  56  56  LYS LYS A . n 
A 1 56  LYS 56  57  57  LYS LYS A . n 
A 1 57  VAL 57  58  58  VAL VAL A . n 
A 1 58  VAL 58  59  59  VAL VAL A . n 
A 1 59  THR 59  60  60  THR THR A . n 
A 1 60  GLU 60  61  61  GLU GLU A . n 
A 1 61  LEU 61  62  62  LEU LEU A . n 
A 1 62  ALA 62  63  63  ALA ALA A . n 
A 1 63  LEU 63  64  64  LEU LEU A . n 
A 1 64  ASP 64  65  65  ASP ASP A . n 
A 1 65  THR 65  66  66  THR THR A . n 
A 1 66  GLY 66  67  67  GLY GLY A . n 
A 1 67  THR 67  68  68  THR THR A . n 
A 1 68  VAL 68  69  69  VAL VAL A . n 
A 1 69  SER 69  70  70  SER SER A . n 
A 1 70  PRO 70  71  71  PRO PRO A . n 
A 1 71  LEU 71  72  72  LEU LEU A . n 
A 1 72  LEU 72  73  73  LEU LEU A . n 
A 1 73  LYS 73  74  74  LYS LYS A . n 
A 1 74  ARG 74  75  75  ARG ARG A . n 
A 1 75  MSE 75  76  76  MSE MSE A . n 
A 1 76  GLU 76  77  77  GLU GLU A . n 
A 1 77  GLN 77  78  78  GLN GLN A . n 
A 1 78  VAL 78  79  79  VAL VAL A . n 
A 1 79  ASP 79  80  80  ASP ASP A . n 
A 1 80  LEU 80  81  81  LEU LEU A . n 
A 1 81  ILE 81  82  82  ILE ILE A . n 
A 1 82  LYS 82  83  83  LYS LYS A . n 
A 1 83  ARG 83  84  84  ARG ARG A . n 
A 1 84  GLU 84  85  85  GLU GLU A . n 
A 1 85  ARG 85  86  86  ARG ARG A . n 
A 1 86  SER 86  87  87  SER SER A . n 
A 1 87  GLU 87  88  88  GLU GLU A . n 
A 1 88  VAL 88  89  89  VAL VAL A . n 
A 1 89  ASP 89  90  90  ASP ASP A . n 
A 1 90  GLN 90  91  91  GLN GLN A . n 
A 1 91  ARG 91  92  92  ARG ARG A . n 
A 1 92  GLU 92  93  93  GLU GLU A . n 
A 1 93  VAL 93  94  94  VAL VAL A . n 
A 1 94  PHE 94  95  95  PHE PHE A . n 
A 1 95  ILE 95  96  96  ILE ILE A . n 
A 1 96  HIS 96  97  97  HIS HIS A . n 
A 1 97  LEU 97  98  98  LEU LEU A . n 
A 1 98  THR 98  99  99  THR THR A . n 
A 1 99  ASP 99  100 100 ASP ASP A . n 
A 1 100 LYS 100 101 101 LYS LYS A . n 
A 1 101 SER 101 102 102 SER SER A . n 
A 1 102 GLU 102 103 103 GLU GLU A . n 
A 1 103 THR 103 104 104 THR THR A . n 
A 1 104 ILE 104 105 105 ILE ILE A . n 
A 1 105 ARG 105 106 106 ARG ARG A . n 
A 1 106 PRO 106 107 107 PRO PRO A . n 
A 1 107 GLU 107 108 108 GLU GLU A . n 
A 1 108 LEU 108 109 109 LEU LEU A . n 
A 1 109 SER 109 110 110 SER SER A . n 
A 1 110 ASN 110 111 111 ASN ASN A . n 
A 1 111 ALA 111 112 112 ALA ALA A . n 
A 1 112 SER 112 113 113 SER SER A . n 
A 1 113 ASP 113 114 114 ASP ASP A . n 
A 1 114 LYS 114 115 115 LYS LYS A . n 
A 1 115 VAL 115 116 116 VAL VAL A . n 
A 1 116 ALA 116 117 117 ALA ALA A . n 
A 1 117 SER 117 118 118 SER SER A . n 
A 1 118 ALA 118 119 119 ALA ALA A . n 
A 1 119 SER 119 120 120 SER SER A . n 
A 1 120 SER 120 121 121 SER SER A . n 
A 1 121 LEU 121 122 122 LEU LEU A . n 
A 1 122 SER 122 123 123 SER SER A . n 
A 1 123 GLN 123 124 124 GLN GLN A . n 
A 1 124 ASP 124 125 125 ASP ASP A . n 
A 1 125 GLU 125 126 126 GLU GLU A . n 
A 1 126 VAL 126 127 127 VAL VAL A . n 
A 1 127 LYS 127 128 128 LYS LYS A . n 
A 1 128 GLU 128 129 129 GLU GLU A . n 
A 1 129 LEU 129 130 130 LEU LEU A . n 
A 1 130 ASN 130 131 131 ASN ASN A . n 
A 1 131 ARG 131 132 132 ARG ARG A . n 
A 1 132 LEU 132 133 133 LEU LEU A . n 
A 1 133 LEU 133 134 134 LEU LEU A . n 
A 1 134 GLY 134 135 135 GLY GLY A . n 
A 1 135 LYS 135 136 136 LYS LYS A . n 
A 1 136 VAL 136 137 137 VAL VAL A . n 
A 1 137 ILE 137 138 138 ILE ILE A . n 
A 1 138 HIS 138 139 139 HIS HIS A . n 
A 1 139 ALA 139 140 140 ALA ALA A . n 
A 1 140 PHE 140 141 141 PHE PHE A . n 
A 1 141 ASP 141 142 ?   ?   ?   A . n 
A 1 142 GLU 142 143 ?   ?   ?   A . n 
# 
loop_
_pdbx_nonpoly_scheme.asym_id 
_pdbx_nonpoly_scheme.entity_id 
_pdbx_nonpoly_scheme.mon_id 
_pdbx_nonpoly_scheme.ndb_seq_num 
_pdbx_nonpoly_scheme.pdb_seq_num 
_pdbx_nonpoly_scheme.auth_seq_num 
_pdbx_nonpoly_scheme.pdb_mon_id 
_pdbx_nonpoly_scheme.auth_mon_id 
_pdbx_nonpoly_scheme.pdb_strand_id 
_pdbx_nonpoly_scheme.pdb_ins_code 
B 2 SO4 1 1142 1142 SO4 SO4 A . 
C 3 HOH 1 2001 2001 HOH HOH A . 
C 3 HOH 2 2002 2002 HOH HOH A . 
C 3 HOH 3 2003 2003 HOH HOH A . 
C 3 HOH 4 2004 2004 HOH HOH A . 
C 3 HOH 5 2005 2005 HOH HOH A . 
C 3 HOH 6 2006 2006 HOH HOH A . 
C 3 HOH 7 2007 2007 HOH HOH A . 
C 3 HOH 8 2008 2008 HOH HOH A . 
C 3 HOH 9 2009 2009 HOH HOH A . 
# 
loop_
_software.name 
_software.classification 
_software.version 
_software.citation_id 
_software.pdbx_ordinal 
CNS       refinement       1.1 ? 1 
MOSFLM    'data reduction' .   ? 2 
SCALEPACK 'data scaling'   .   ? 3 
SOLVE     phasing          .   ? 4 
# 
_cell.entry_id           2BV6 
_cell.length_a           119.800 
_cell.length_b           119.800 
_cell.length_c           62.300 
_cell.angle_alpha        90.00 
_cell.angle_beta         90.00 
_cell.angle_gamma        120.00 
_cell.Z_PDB              12 
_cell.pdbx_unique_axis   ? 
# 
_symmetry.entry_id                         2BV6 
_symmetry.space_group_name_H-M             'P 61 2 2' 
_symmetry.pdbx_full_space_group_name_H-M   ? 
_symmetry.cell_setting                     ? 
_symmetry.Int_Tables_number                178 
# 
_exptl.entry_id          2BV6 
_exptl.method            'X-RAY DIFFRACTION' 
_exptl.crystals_number   1 
# 
_exptl_crystal.id                    1 
_exptl_crystal.density_meas          ? 
_exptl_crystal.density_Matthews      3.90 
_exptl_crystal.density_percent_sol   70 
_exptl_crystal.description           ? 
# 
_exptl_crystal_grow.crystal_id      1 
_exptl_crystal_grow.method          ? 
_exptl_crystal_grow.temp            ? 
_exptl_crystal_grow.temp_details    ? 
_exptl_crystal_grow.pH              6.60 
_exptl_crystal_grow.pdbx_pH_range   ? 
_exptl_crystal_grow.pdbx_details    
;PROTEIN WAS CRYSTALLIZED FROM 1.6 M AMMONIUM SULFATE, 0.1M MES, PH 6.0, XTALS WERE RINSED IN CRYOPROTECTANT SOLUTIONS CONSISTING OF RESERVOIR BUFFER WITH AN ADDED 10%, 20% AND 25% GLYCEROL RESPECTIVELY. SELENOMETHIONINE (SEMET)-CONTAINING PROTEIN WAS CRYSTALLIZED UNDER THE SAME CONDITION.
;
# 
_diffrn.id                     1 
_diffrn.ambient_temp           77.0 
_diffrn.ambient_temp_details   ? 
_diffrn.crystal_id             1 
# 
_diffrn_detector.diffrn_id              1 
_diffrn_detector.detector               CCD 
_diffrn_detector.type                   ? 
_diffrn_detector.pdbx_collection_date   2005-04-03 
_diffrn_detector.details                'BENT MIRROR' 
# 
_diffrn_radiation.diffrn_id                        1 
_diffrn_radiation.wavelength_id                    1 
_diffrn_radiation.pdbx_monochromatic_or_laue_m_l   M 
_diffrn_radiation.monochromator                    'SI 111' 
_diffrn_radiation.pdbx_diffrn_protocol             MAD 
_diffrn_radiation.pdbx_scattering_type             x-ray 
# 
_diffrn_radiation_wavelength.id           1 
_diffrn_radiation_wavelength.wavelength   1.5 
_diffrn_radiation_wavelength.wt           1.0 
# 
_diffrn_source.diffrn_id                   1 
_diffrn_source.source                      SYNCHROTRON 
_diffrn_source.type                        'APS BEAMLINE 14-ID-B' 
_diffrn_source.pdbx_synchrotron_site       APS 
_diffrn_source.pdbx_synchrotron_beamline   14-ID-B 
_diffrn_source.pdbx_wavelength             1.5 
_diffrn_source.pdbx_wavelength_list        ? 
# 
_reflns.pdbx_diffrn_id               1 
_reflns.pdbx_ordinal                 1 
_reflns.entry_id                     2BV6 
_reflns.observed_criterion_sigma_I   2.000 
_reflns.observed_criterion_sigma_F   ? 
_reflns.d_resolution_low             24.500 
_reflns.d_resolution_high            2.800 
_reflns.number_obs                   8544 
_reflns.number_all                   ? 
_reflns.percent_possible_obs         99.0 
_reflns.pdbx_Rmerge_I_obs            0.07000 
_reflns.pdbx_Rsym_value              ? 
_reflns.pdbx_netI_over_sigmaI        ? 
_reflns.B_iso_Wilson_estimate        118.1 
_reflns.pdbx_redundancy              19.300 
# 
_reflns_shell.pdbx_diffrn_id         1 
_reflns_shell.pdbx_ordinal           1 
_reflns_shell.d_res_high             2.80 
_reflns_shell.d_res_low              2.98 
_reflns_shell.percent_possible_all   98.0 
_reflns_shell.Rmerge_I_obs           0.95000 
_reflns_shell.pdbx_Rsym_value        ? 
_reflns_shell.meanI_over_sigI_obs    ? 
_reflns_shell.pdbx_redundancy        10.00 
# 
_refine.pdbx_refine_id                           'X-RAY DIFFRACTION' 
_refine.entry_id                                 2BV6 
_refine.pdbx_diffrn_id                           1 
_refine.pdbx_TLS_residual_ADP_flag               ? 
_refine.ls_number_reflns_obs                     6560 
_refine.ls_number_reflns_all                     ? 
_refine.pdbx_ls_sigma_I                          ? 
_refine.pdbx_ls_sigma_F                          0.0 
_refine.pdbx_data_cutoff_high_absF               287948.87 
_refine.pdbx_data_cutoff_low_absF                ? 
_refine.pdbx_data_cutoff_high_rms_absF           ? 
_refine.ls_d_res_low                             24.39 
_refine.ls_d_res_high                            2.80 
_refine.ls_percent_reflns_obs                    95.5 
_refine.ls_R_factor_obs                          0.250 
_refine.ls_R_factor_all                          ? 
_refine.ls_R_factor_R_work                       0.250 
_refine.ls_R_factor_R_free                       0.292 
_refine.ls_R_factor_R_free_error                 0.016 
_refine.ls_R_factor_R_free_error_details         ? 
_refine.ls_percent_reflns_R_free                 5.1 
_refine.ls_number_reflns_R_free                  337 
_refine.ls_number_parameters                     ? 
_refine.ls_number_restraints                     ? 
_refine.occupancy_min                            ? 
_refine.occupancy_max                            ? 
_refine.correlation_coeff_Fo_to_Fc               ? 
_refine.correlation_coeff_Fo_to_Fc_free          ? 
_refine.B_iso_mean                               80.1 
_refine.aniso_B[1][1]                            4.87 
_refine.aniso_B[2][2]                            4.87 
_refine.aniso_B[3][3]                            -9.73 
_refine.aniso_B[1][2]                            12.88 
_refine.aniso_B[1][3]                            0.00 
_refine.aniso_B[2][3]                            0.00 
_refine.solvent_model_details                    'FLAT MODEL' 
_refine.solvent_model_param_ksol                 0.31802 
_refine.solvent_model_param_bsol                 42.404 
_refine.pdbx_solvent_vdw_probe_radii             ? 
_refine.pdbx_solvent_ion_probe_radii             ? 
_refine.pdbx_solvent_shrinkage_radii             ? 
_refine.pdbx_ls_cross_valid_method               THROUGHOUT 
_refine.details                                  ? 
_refine.pdbx_starting_model                      ? 
_refine.pdbx_method_to_determine_struct          MAD 
_refine.pdbx_isotropic_thermal_model             RESTRAINED 
_refine.pdbx_stereochemistry_target_values       'MAXIMUM LIKELIHOOD' 
_refine.pdbx_stereochem_target_val_spec_case     ? 
_refine.pdbx_R_Free_selection_details            RANDOM 
_refine.pdbx_overall_ESU_R                       ? 
_refine.pdbx_overall_ESU_R_Free                  ? 
_refine.overall_SU_ML                            ? 
_refine.pdbx_overall_phase_error                 ? 
_refine.overall_SU_B                             ? 
_refine.overall_SU_R_Cruickshank_DPI             ? 
_refine.pdbx_overall_SU_R_free_Cruickshank_DPI   ? 
_refine.pdbx_overall_SU_R_Blow_DPI               ? 
_refine.pdbx_overall_SU_R_free_Blow_DPI          ? 
# 
_refine_analyze.pdbx_refine_id                  'X-RAY DIFFRACTION' 
_refine_analyze.entry_id                        2BV6 
_refine_analyze.Luzzati_coordinate_error_obs    0.47 
_refine_analyze.Luzzati_sigma_a_obs             0.60 
_refine_analyze.Luzzati_d_res_low_obs           5.00 
_refine_analyze.Luzzati_coordinate_error_free   0.49 
_refine_analyze.Luzzati_sigma_a_free            0.61 
_refine_analyze.Luzzati_d_res_low_free          ? 
_refine_analyze.number_disordered_residues      ? 
_refine_analyze.occupancy_sum_hydrogen          ? 
_refine_analyze.occupancy_sum_non_hydrogen      ? 
# 
_refine_hist.pdbx_refine_id                   'X-RAY DIFFRACTION' 
_refine_hist.cycle_id                         LAST 
_refine_hist.pdbx_number_atoms_protein        1118 
_refine_hist.pdbx_number_atoms_nucleic_acid   0 
_refine_hist.pdbx_number_atoms_ligand         5 
_refine_hist.number_atoms_solvent             9 
_refine_hist.number_atoms_total               1132 
_refine_hist.d_res_high                       2.80 
_refine_hist.d_res_low                        24.39 
# 
loop_
_refine_ls_restr.type 
_refine_ls_restr.dev_ideal 
_refine_ls_restr.dev_ideal_target 
_refine_ls_restr.weight 
_refine_ls_restr.number 
_refine_ls_restr.pdbx_refine_id 
_refine_ls_restr.pdbx_restraint_function 
c_bond_d                0.008 ?    ? ? 'X-RAY DIFFRACTION' ? 
c_bond_d_na             ?     ?    ? ? 'X-RAY DIFFRACTION' ? 
c_bond_d_prot           ?     ?    ? ? 'X-RAY DIFFRACTION' ? 
c_angle_d               ?     ?    ? ? 'X-RAY DIFFRACTION' ? 
c_angle_d_na            ?     ?    ? ? 'X-RAY DIFFRACTION' ? 
c_angle_d_prot          ?     ?    ? ? 'X-RAY DIFFRACTION' ? 
c_angle_deg             1.4   ?    ? ? 'X-RAY DIFFRACTION' ? 
c_angle_deg_na          ?     ?    ? ? 'X-RAY DIFFRACTION' ? 
c_angle_deg_prot        ?     ?    ? ? 'X-RAY DIFFRACTION' ? 
c_dihedral_angle_d      20.0  ?    ? ? 'X-RAY DIFFRACTION' ? 
c_dihedral_angle_d_na   ?     ?    ? ? 'X-RAY DIFFRACTION' ? 
c_dihedral_angle_d_prot ?     ?    ? ? 'X-RAY DIFFRACTION' ? 
c_improper_angle_d      1.04  ?    ? ? 'X-RAY DIFFRACTION' ? 
c_improper_angle_d_na   ?     ?    ? ? 'X-RAY DIFFRACTION' ? 
c_improper_angle_d_prot ?     ?    ? ? 'X-RAY DIFFRACTION' ? 
c_mcbond_it             2.08  1.50 ? ? 'X-RAY DIFFRACTION' ? 
c_mcangle_it            3.68  2.00 ? ? 'X-RAY DIFFRACTION' ? 
c_scbond_it             4.30  2.00 ? ? 'X-RAY DIFFRACTION' ? 
c_scangle_it            6.80  2.50 ? ? 'X-RAY DIFFRACTION' ? 
# 
_refine_ls_shell.pdbx_refine_id                   'X-RAY DIFFRACTION' 
_refine_ls_shell.pdbx_total_number_of_bins_used   6 
_refine_ls_shell.d_res_high                       2.80 
_refine_ls_shell.d_res_low                        2.98 
_refine_ls_shell.number_reflns_R_work             926 
_refine_ls_shell.R_factor_R_work                  0.472 
_refine_ls_shell.percent_reflns_obs               87.0 
_refine_ls_shell.R_factor_R_free                  0.451 
_refine_ls_shell.R_factor_R_free_error            0.063 
_refine_ls_shell.percent_reflns_R_free            5.3 
_refine_ls_shell.number_reflns_R_free             52 
_refine_ls_shell.number_reflns_all                ? 
_refine_ls_shell.R_factor_all                     ? 
# 
loop_
_pdbx_xplor_file.pdbx_refine_id 
_pdbx_xplor_file.serial_no 
_pdbx_xplor_file.param_file 
_pdbx_xplor_file.topol_file 
'X-RAY DIFFRACTION' 1 PROTEIN_REP.PARAM PROTEIN.TOP 
'X-RAY DIFFRACTION' 2 WATER_REP.PARAM   WATER.TOP   
'X-RAY DIFFRACTION' 3 ION.PARAM         ION.TOP     
# 
_struct.entry_id                  2BV6 
_struct.title                     
'Crystal structure of MgrA, a global regulator and major virulence determinant in Staphylococcus aureus' 
_struct.pdbx_model_details        ? 
_struct.pdbx_CASP_flag            ? 
_struct.pdbx_model_type_details   ? 
# 
_struct_keywords.entry_id        2BV6 
_struct_keywords.pdbx_keywords   'TRANSCRIPTIONAL REGULATOR' 
_struct_keywords.text            
'TRANSCRIPTIONAL REGULATOR, MULTIDRUG RESISTANCE REGULATOR, VIRULENCE DETERMINANT, TRANSCRIPTIONAL FACTORS' 
# 
loop_
_struct_asym.id 
_struct_asym.pdbx_blank_PDB_chainid_flag 
_struct_asym.pdbx_modified 
_struct_asym.entity_id 
_struct_asym.details 
A N N 1 ? 
B N N 2 ? 
C N N 3 ? 
# 
loop_
_struct_ref.id 
_struct_ref.db_name 
_struct_ref.db_code 
_struct_ref.entity_id 
_struct_ref.pdbx_seq_one_letter_code 
_struct_ref.pdbx_align_begin 
_struct_ref.pdbx_db_accession 
_struct_ref.pdbx_db_isoform 
1 PDB 2BV6       1 ? ? 2BV6   ? 
2 UNP MGRA_STAAU 1 ? ? Q7X448 ? 
# 
loop_
_struct_ref_seq.align_id 
_struct_ref_seq.ref_id 
_struct_ref_seq.pdbx_PDB_id_code 
_struct_ref_seq.pdbx_strand_id 
_struct_ref_seq.seq_align_beg 
_struct_ref_seq.pdbx_seq_align_beg_ins_code 
_struct_ref_seq.seq_align_end 
_struct_ref_seq.pdbx_seq_align_end_ins_code 
_struct_ref_seq.pdbx_db_accession 
_struct_ref_seq.db_align_beg 
_struct_ref_seq.pdbx_db_align_beg_ins_code 
_struct_ref_seq.db_align_end 
_struct_ref_seq.pdbx_db_align_end_ins_code 
_struct_ref_seq.pdbx_auth_seq_align_beg 
_struct_ref_seq.pdbx_auth_seq_align_end 
1 1 2BV6 A 1 ? 4   ? 2BV6   2 ? 5   ? 2 5   
2 2 2BV6 A 5 ? 142 ? Q7X448 5 ? 142 ? 6 143 
# 
_pdbx_struct_assembly.id                   1 
_pdbx_struct_assembly.details              author_and_software_defined_assembly 
_pdbx_struct_assembly.method_details       PQS 
_pdbx_struct_assembly.oligomeric_details   dimeric 
_pdbx_struct_assembly.oligomeric_count     2 
# 
_pdbx_struct_assembly_gen.assembly_id       1 
_pdbx_struct_assembly_gen.oper_expression   1,2 
_pdbx_struct_assembly_gen.asym_id_list      A,B,C 
# 
loop_
_pdbx_struct_oper_list.id 
_pdbx_struct_oper_list.type 
_pdbx_struct_oper_list.name 
_pdbx_struct_oper_list.symmetry_operation 
_pdbx_struct_oper_list.matrix[1][1] 
_pdbx_struct_oper_list.matrix[1][2] 
_pdbx_struct_oper_list.matrix[1][3] 
_pdbx_struct_oper_list.vector[1] 
_pdbx_struct_oper_list.matrix[2][1] 
_pdbx_struct_oper_list.matrix[2][2] 
_pdbx_struct_oper_list.matrix[2][3] 
_pdbx_struct_oper_list.vector[2] 
_pdbx_struct_oper_list.matrix[3][1] 
_pdbx_struct_oper_list.matrix[3][2] 
_pdbx_struct_oper_list.matrix[3][3] 
_pdbx_struct_oper_list.vector[3] 
1 'identity operation'         1_555 x,y,z     1.0000000000  0.0000000000 0.0000000000 0.0000000000   0.0000000000 1.0000000000  0.0000000000 0.0000000000  0.0000000000 0.0000000000 1.0000000000 0.0000000000  
2 'crystal symmetry operation' 8_555 x-y,-y,-z -0.9317027739 0.0925015823 0.3512454958 -14.9710763842 0.0925015823 -0.8747161017 0.4757259702 17.2437196221 0.3512454958 0.4757259702 0.8064188756 -1.6301657047 
# 
_struct_biol.id   1 
# 
loop_
_struct_conf.conf_type_id 
_struct_conf.id 
_struct_conf.pdbx_PDB_helix_id 
_struct_conf.beg_label_comp_id 
_struct_conf.beg_label_asym_id 
_struct_conf.beg_label_seq_id 
_struct_conf.pdbx_beg_PDB_ins_code 
_struct_conf.end_label_comp_id 
_struct_conf.end_label_asym_id 
_struct_conf.end_label_seq_id 
_struct_conf.pdbx_end_PDB_ins_code 
_struct_conf.beg_auth_comp_id 
_struct_conf.beg_auth_asym_id 
_struct_conf.beg_auth_seq_id 
_struct_conf.end_auth_comp_id 
_struct_conf.end_auth_asym_id 
_struct_conf.end_auth_seq_id 
_struct_conf.pdbx_PDB_helix_class 
_struct_conf.details 
_struct_conf.pdbx_PDB_helix_length 
HELX_P HELX_P1 1 GLN A 9   ? VAL A 29  ? GLN A 10  VAL A 30  1 ? 21 
HELX_P HELX_P2 2 VAL A 29  ? ASN A 34  ? VAL A 30  ASN A 35  1 ? 6  
HELX_P HELX_P3 3 THR A 36  ? GLU A 49  ? THR A 37  GLU A 50  1 ? 14 
HELX_P HELX_P4 4 VAL A 54  ? LEU A 61  ? VAL A 55  LEU A 62  1 ? 8  
HELX_P HELX_P5 5 THR A 67  ? VAL A 78  ? THR A 68  VAL A 79  1 ? 12 
HELX_P HELX_P6 6 THR A 98  ? SER A 109 ? THR A 99  SER A 110 1 ? 12 
HELX_P HELX_P7 7 ASN A 110 ? SER A 119 ? ASN A 111 SER A 120 1 ? 10 
HELX_P HELX_P8 8 SER A 122 ? HIS A 138 ? SER A 123 HIS A 139 1 ? 17 
# 
_struct_conf_type.id          HELX_P 
_struct_conf_type.criteria    ? 
_struct_conf_type.reference   ? 
# 
loop_
_struct_conn.id 
_struct_conn.conn_type_id 
_struct_conn.pdbx_leaving_atom_flag 
_struct_conn.pdbx_PDB_id 
_struct_conn.ptnr1_label_asym_id 
_struct_conn.ptnr1_label_comp_id 
_struct_conn.ptnr1_label_seq_id 
_struct_conn.ptnr1_label_atom_id 
_struct_conn.pdbx_ptnr1_label_alt_id 
_struct_conn.pdbx_ptnr1_PDB_ins_code 
_struct_conn.pdbx_ptnr1_standard_comp_id 
_struct_conn.ptnr1_symmetry 
_struct_conn.ptnr2_label_asym_id 
_struct_conn.ptnr2_label_comp_id 
_struct_conn.ptnr2_label_seq_id 
_struct_conn.ptnr2_label_atom_id 
_struct_conn.pdbx_ptnr2_label_alt_id 
_struct_conn.pdbx_ptnr2_PDB_ins_code 
_struct_conn.ptnr1_auth_asym_id 
_struct_conn.ptnr1_auth_comp_id 
_struct_conn.ptnr1_auth_seq_id 
_struct_conn.ptnr2_auth_asym_id 
_struct_conn.ptnr2_auth_comp_id 
_struct_conn.ptnr2_auth_seq_id 
_struct_conn.ptnr2_symmetry 
_struct_conn.pdbx_ptnr3_label_atom_id 
_struct_conn.pdbx_ptnr3_label_seq_id 
_struct_conn.pdbx_ptnr3_label_comp_id 
_struct_conn.pdbx_ptnr3_label_asym_id 
_struct_conn.pdbx_ptnr3_label_alt_id 
_struct_conn.pdbx_ptnr3_PDB_ins_code 
_struct_conn.details 
_struct_conn.pdbx_dist_value 
_struct_conn.pdbx_value_order 
_struct_conn.pdbx_role 
covale1 covale both ? A MSE 4  C ? ? ? 1_555 A ASN 5  N ? ? A MSE 5  A ASN 6  1_555 ? ? ? ? ? ? ? 1.325 ? ? 
covale2 covale both ? A ARG 74 C ? ? ? 1_555 A MSE 75 N ? ? A ARG 75 A MSE 76 1_555 ? ? ? ? ? ? ? 1.328 ? ? 
covale3 covale both ? A MSE 75 C ? ? ? 1_555 A GLU 76 N ? ? A MSE 76 A GLU 77 1_555 ? ? ? ? ? ? ? 1.330 ? ? 
# 
_struct_conn_type.id          covale 
_struct_conn_type.criteria    ? 
_struct_conn_type.reference   ? 
# 
loop_
_pdbx_modification_feature.ordinal 
_pdbx_modification_feature.label_comp_id 
_pdbx_modification_feature.label_asym_id 
_pdbx_modification_feature.label_seq_id 
_pdbx_modification_feature.label_alt_id 
_pdbx_modification_feature.modified_residue_label_comp_id 
_pdbx_modification_feature.modified_residue_label_asym_id 
_pdbx_modification_feature.modified_residue_label_seq_id 
_pdbx_modification_feature.modified_residue_label_alt_id 
_pdbx_modification_feature.auth_comp_id 
_pdbx_modification_feature.auth_asym_id 
_pdbx_modification_feature.auth_seq_id 
_pdbx_modification_feature.PDB_ins_code 
_pdbx_modification_feature.symmetry 
_pdbx_modification_feature.modified_residue_auth_comp_id 
_pdbx_modification_feature.modified_residue_auth_asym_id 
_pdbx_modification_feature.modified_residue_auth_seq_id 
_pdbx_modification_feature.modified_residue_PDB_ins_code 
_pdbx_modification_feature.modified_residue_symmetry 
_pdbx_modification_feature.comp_id_linking_atom 
_pdbx_modification_feature.modified_residue_id_linking_atom 
_pdbx_modification_feature.modified_residue_id 
_pdbx_modification_feature.ref_pcm_id 
_pdbx_modification_feature.ref_comp_id 
_pdbx_modification_feature.type 
_pdbx_modification_feature.category 
1 MSE A 4  ? . . . . MSE A 5  ? 1_555 . . . . . . . MET 1 MSE Selenomethionine 'Named protein modification' 
2 MSE A 75 ? . . . . MSE A 76 ? 1_555 . . . . . . . MET 1 MSE Selenomethionine 'Named protein modification' 
# 
_struct_sheet.id               AA 
_struct_sheet.type             ? 
_struct_sheet.number_strands   3 
_struct_sheet.details          ? 
# 
loop_
_struct_sheet_order.sheet_id 
_struct_sheet_order.range_id_1 
_struct_sheet_order.range_id_2 
_struct_sheet_order.offset 
_struct_sheet_order.sense 
AA 1 2 ? anti-parallel 
AA 2 3 ? anti-parallel 
# 
loop_
_struct_sheet_range.sheet_id 
_struct_sheet_range.id 
_struct_sheet_range.beg_label_comp_id 
_struct_sheet_range.beg_label_asym_id 
_struct_sheet_range.beg_label_seq_id 
_struct_sheet_range.pdbx_beg_PDB_ins_code 
_struct_sheet_range.end_label_comp_id 
_struct_sheet_range.end_label_asym_id 
_struct_sheet_range.end_label_seq_id 
_struct_sheet_range.pdbx_end_PDB_ins_code 
_struct_sheet_range.beg_auth_comp_id 
_struct_sheet_range.beg_auth_asym_id 
_struct_sheet_range.beg_auth_seq_id 
_struct_sheet_range.end_auth_comp_id 
_struct_sheet_range.end_auth_asym_id 
_struct_sheet_range.end_auth_seq_id 
AA 1 PRO A 51 ? ASN A 53 ? PRO A 52 ASN A 54 
AA 2 VAL A 93 ? LEU A 97 ? VAL A 94 LEU A 98 
AA 3 ILE A 81 ? ARG A 85 ? ILE A 82 ARG A 86 
# 
loop_
_pdbx_struct_sheet_hbond.sheet_id 
_pdbx_struct_sheet_hbond.range_id_1 
_pdbx_struct_sheet_hbond.range_id_2 
_pdbx_struct_sheet_hbond.range_1_label_atom_id 
_pdbx_struct_sheet_hbond.range_1_label_comp_id 
_pdbx_struct_sheet_hbond.range_1_label_asym_id 
_pdbx_struct_sheet_hbond.range_1_label_seq_id 
_pdbx_struct_sheet_hbond.range_1_PDB_ins_code 
_pdbx_struct_sheet_hbond.range_1_auth_atom_id 
_pdbx_struct_sheet_hbond.range_1_auth_comp_id 
_pdbx_struct_sheet_hbond.range_1_auth_asym_id 
_pdbx_struct_sheet_hbond.range_1_auth_seq_id 
_pdbx_struct_sheet_hbond.range_2_label_atom_id 
_pdbx_struct_sheet_hbond.range_2_label_comp_id 
_pdbx_struct_sheet_hbond.range_2_label_asym_id 
_pdbx_struct_sheet_hbond.range_2_label_seq_id 
_pdbx_struct_sheet_hbond.range_2_PDB_ins_code 
_pdbx_struct_sheet_hbond.range_2_auth_atom_id 
_pdbx_struct_sheet_hbond.range_2_auth_comp_id 
_pdbx_struct_sheet_hbond.range_2_auth_asym_id 
_pdbx_struct_sheet_hbond.range_2_auth_seq_id 
AA 1 2 N VAL A 52 ? N VAL A 53 O ILE A 95 ? O ILE A 96 
AA 2 3 N HIS A 96 ? N HIS A 97 O LYS A 82 ? O LYS A 83 
# 
_struct_site.id                   AC1 
_struct_site.pdbx_evidence_code   Software 
_struct_site.pdbx_auth_asym_id    ? 
_struct_site.pdbx_auth_comp_id    ? 
_struct_site.pdbx_auth_seq_id     ? 
_struct_site.pdbx_auth_ins_code   ? 
_struct_site.pdbx_num_residues    2 
_struct_site.details              'BINDING SITE FOR RESIDUE SO4 A1142' 
# 
loop_
_struct_site_gen.id 
_struct_site_gen.site_id 
_struct_site_gen.pdbx_num_res 
_struct_site_gen.label_comp_id 
_struct_site_gen.label_asym_id 
_struct_site_gen.label_seq_id 
_struct_site_gen.pdbx_auth_ins_code 
_struct_site_gen.auth_comp_id 
_struct_site_gen.auth_asym_id 
_struct_site_gen.auth_seq_id 
_struct_site_gen.label_atom_id 
_struct_site_gen.label_alt_id 
_struct_site_gen.symmetry 
_struct_site_gen.details 
1 AC1 2 ARG A 83 ? ARG A 84 . ? 1_555 ? 
2 AC1 2 ARG A 85 ? ARG A 86 . ? 1_555 ? 
# 
_pdbx_entry_details.entry_id                   2BV6 
_pdbx_entry_details.compound_details           ? 
_pdbx_entry_details.source_details             ? 
_pdbx_entry_details.nonpolymer_details         ? 
_pdbx_entry_details.sequence_details           
;RESIDUES 5-143 OF THE 147 RESIDUE PROTEIN
WITH N-TERMINAL GLY SER HIS CLONING ARTIFACTS.
;
_pdbx_entry_details.has_ligand_of_interest     ? 
_pdbx_entry_details.has_protein_modification   Y 
# 
loop_
_pdbx_validate_torsion.id 
_pdbx_validate_torsion.PDB_model_num 
_pdbx_validate_torsion.auth_comp_id 
_pdbx_validate_torsion.auth_asym_id 
_pdbx_validate_torsion.auth_seq_id 
_pdbx_validate_torsion.PDB_ins_code 
_pdbx_validate_torsion.label_alt_id 
_pdbx_validate_torsion.phi 
_pdbx_validate_torsion.psi 
1 1 VAL A 30  ? ? -135.71 -62.98 
2 1 PHE A 31  ? ? -29.85  -46.41 
3 1 SER A 51  ? ? -24.64  -79.26 
4 1 ALA A 112 ? ? -23.15  -63.13 
5 1 SER A 113 ? ? -54.74  -5.05  
6 1 ALA A 140 ? ? -50.81  -8.46  
# 
loop_
_pdbx_struct_mod_residue.id 
_pdbx_struct_mod_residue.label_asym_id 
_pdbx_struct_mod_residue.label_comp_id 
_pdbx_struct_mod_residue.label_seq_id 
_pdbx_struct_mod_residue.auth_asym_id 
_pdbx_struct_mod_residue.auth_comp_id 
_pdbx_struct_mod_residue.auth_seq_id 
_pdbx_struct_mod_residue.PDB_ins_code 
_pdbx_struct_mod_residue.parent_comp_id 
_pdbx_struct_mod_residue.details 
1 A MSE 4  A MSE 5  ? MET SELENOMETHIONINE 
2 A MSE 75 A MSE 76 ? MET SELENOMETHIONINE 
# 
loop_
_pdbx_unobs_or_zero_occ_residues.id 
_pdbx_unobs_or_zero_occ_residues.PDB_model_num 
_pdbx_unobs_or_zero_occ_residues.polymer_flag 
_pdbx_unobs_or_zero_occ_residues.occupancy_flag 
_pdbx_unobs_or_zero_occ_residues.auth_asym_id 
_pdbx_unobs_or_zero_occ_residues.auth_comp_id 
_pdbx_unobs_or_zero_occ_residues.auth_seq_id 
_pdbx_unobs_or_zero_occ_residues.PDB_ins_code 
_pdbx_unobs_or_zero_occ_residues.label_asym_id 
_pdbx_unobs_or_zero_occ_residues.label_comp_id 
_pdbx_unobs_or_zero_occ_residues.label_seq_id 
1 1 Y 1 A GLY 2   ? A GLY 1   
2 1 Y 1 A SER 3   ? A SER 2   
3 1 Y 1 A HIS 4   ? A HIS 3   
4 1 Y 1 A ASP 142 ? A ASP 141 
5 1 Y 1 A GLU 143 ? A GLU 142 
# 
loop_
_chem_comp_atom.comp_id 
_chem_comp_atom.atom_id 
_chem_comp_atom.type_symbol 
_chem_comp_atom.pdbx_aromatic_flag 
_chem_comp_atom.pdbx_stereo_config 
_chem_comp_atom.pdbx_ordinal 
ALA N    N  N N 1   
ALA CA   C  N S 2   
ALA C    C  N N 3   
ALA O    O  N N 4   
ALA CB   C  N N 5   
ALA OXT  O  N N 6   
ALA H    H  N N 7   
ALA H2   H  N N 8   
ALA HA   H  N N 9   
ALA HB1  H  N N 10  
ALA HB2  H  N N 11  
ALA HB3  H  N N 12  
ALA HXT  H  N N 13  
ARG N    N  N N 14  
ARG CA   C  N S 15  
ARG C    C  N N 16  
ARG O    O  N N 17  
ARG CB   C  N N 18  
ARG CG   C  N N 19  
ARG CD   C  N N 20  
ARG NE   N  N N 21  
ARG CZ   C  N N 22  
ARG NH1  N  N N 23  
ARG NH2  N  N N 24  
ARG OXT  O  N N 25  
ARG H    H  N N 26  
ARG H2   H  N N 27  
ARG HA   H  N N 28  
ARG HB2  H  N N 29  
ARG HB3  H  N N 30  
ARG HG2  H  N N 31  
ARG HG3  H  N N 32  
ARG HD2  H  N N 33  
ARG HD3  H  N N 34  
ARG HE   H  N N 35  
ARG HH11 H  N N 36  
ARG HH12 H  N N 37  
ARG HH21 H  N N 38  
ARG HH22 H  N N 39  
ARG HXT  H  N N 40  
ASN N    N  N N 41  
ASN CA   C  N S 42  
ASN C    C  N N 43  
ASN O    O  N N 44  
ASN CB   C  N N 45  
ASN CG   C  N N 46  
ASN OD1  O  N N 47  
ASN ND2  N  N N 48  
ASN OXT  O  N N 49  
ASN H    H  N N 50  
ASN H2   H  N N 51  
ASN HA   H  N N 52  
ASN HB2  H  N N 53  
ASN HB3  H  N N 54  
ASN HD21 H  N N 55  
ASN HD22 H  N N 56  
ASN HXT  H  N N 57  
ASP N    N  N N 58  
ASP CA   C  N S 59  
ASP C    C  N N 60  
ASP O    O  N N 61  
ASP CB   C  N N 62  
ASP CG   C  N N 63  
ASP OD1  O  N N 64  
ASP OD2  O  N N 65  
ASP OXT  O  N N 66  
ASP H    H  N N 67  
ASP H2   H  N N 68  
ASP HA   H  N N 69  
ASP HB2  H  N N 70  
ASP HB3  H  N N 71  
ASP HD2  H  N N 72  
ASP HXT  H  N N 73  
CYS N    N  N N 74  
CYS CA   C  N R 75  
CYS C    C  N N 76  
CYS O    O  N N 77  
CYS CB   C  N N 78  
CYS SG   S  N N 79  
CYS OXT  O  N N 80  
CYS H    H  N N 81  
CYS H2   H  N N 82  
CYS HA   H  N N 83  
CYS HB2  H  N N 84  
CYS HB3  H  N N 85  
CYS HG   H  N N 86  
CYS HXT  H  N N 87  
GLN N    N  N N 88  
GLN CA   C  N S 89  
GLN C    C  N N 90  
GLN O    O  N N 91  
GLN CB   C  N N 92  
GLN CG   C  N N 93  
GLN CD   C  N N 94  
GLN OE1  O  N N 95  
GLN NE2  N  N N 96  
GLN OXT  O  N N 97  
GLN H    H  N N 98  
GLN H2   H  N N 99  
GLN HA   H  N N 100 
GLN HB2  H  N N 101 
GLN HB3  H  N N 102 
GLN HG2  H  N N 103 
GLN HG3  H  N N 104 
GLN HE21 H  N N 105 
GLN HE22 H  N N 106 
GLN HXT  H  N N 107 
GLU N    N  N N 108 
GLU CA   C  N S 109 
GLU C    C  N N 110 
GLU O    O  N N 111 
GLU CB   C  N N 112 
GLU CG   C  N N 113 
GLU CD   C  N N 114 
GLU OE1  O  N N 115 
GLU OE2  O  N N 116 
GLU OXT  O  N N 117 
GLU H    H  N N 118 
GLU H2   H  N N 119 
GLU HA   H  N N 120 
GLU HB2  H  N N 121 
GLU HB3  H  N N 122 
GLU HG2  H  N N 123 
GLU HG3  H  N N 124 
GLU HE2  H  N N 125 
GLU HXT  H  N N 126 
GLY N    N  N N 127 
GLY CA   C  N N 128 
GLY C    C  N N 129 
GLY O    O  N N 130 
GLY OXT  O  N N 131 
GLY H    H  N N 132 
GLY H2   H  N N 133 
GLY HA2  H  N N 134 
GLY HA3  H  N N 135 
GLY HXT  H  N N 136 
HIS N    N  N N 137 
HIS CA   C  N S 138 
HIS C    C  N N 139 
HIS O    O  N N 140 
HIS CB   C  N N 141 
HIS CG   C  Y N 142 
HIS ND1  N  Y N 143 
HIS CD2  C  Y N 144 
HIS CE1  C  Y N 145 
HIS NE2  N  Y N 146 
HIS OXT  O  N N 147 
HIS H    H  N N 148 
HIS H2   H  N N 149 
HIS HA   H  N N 150 
HIS HB2  H  N N 151 
HIS HB3  H  N N 152 
HIS HD1  H  N N 153 
HIS HD2  H  N N 154 
HIS HE1  H  N N 155 
HIS HE2  H  N N 156 
HIS HXT  H  N N 157 
HOH O    O  N N 158 
HOH H1   H  N N 159 
HOH H2   H  N N 160 
ILE N    N  N N 161 
ILE CA   C  N S 162 
ILE C    C  N N 163 
ILE O    O  N N 164 
ILE CB   C  N S 165 
ILE CG1  C  N N 166 
ILE CG2  C  N N 167 
ILE CD1  C  N N 168 
ILE OXT  O  N N 169 
ILE H    H  N N 170 
ILE H2   H  N N 171 
ILE HA   H  N N 172 
ILE HB   H  N N 173 
ILE HG12 H  N N 174 
ILE HG13 H  N N 175 
ILE HG21 H  N N 176 
ILE HG22 H  N N 177 
ILE HG23 H  N N 178 
ILE HD11 H  N N 179 
ILE HD12 H  N N 180 
ILE HD13 H  N N 181 
ILE HXT  H  N N 182 
LEU N    N  N N 183 
LEU CA   C  N S 184 
LEU C    C  N N 185 
LEU O    O  N N 186 
LEU CB   C  N N 187 
LEU CG   C  N N 188 
LEU CD1  C  N N 189 
LEU CD2  C  N N 190 
LEU OXT  O  N N 191 
LEU H    H  N N 192 
LEU H2   H  N N 193 
LEU HA   H  N N 194 
LEU HB2  H  N N 195 
LEU HB3  H  N N 196 
LEU HG   H  N N 197 
LEU HD11 H  N N 198 
LEU HD12 H  N N 199 
LEU HD13 H  N N 200 
LEU HD21 H  N N 201 
LEU HD22 H  N N 202 
LEU HD23 H  N N 203 
LEU HXT  H  N N 204 
LYS N    N  N N 205 
LYS CA   C  N S 206 
LYS C    C  N N 207 
LYS O    O  N N 208 
LYS CB   C  N N 209 
LYS CG   C  N N 210 
LYS CD   C  N N 211 
LYS CE   C  N N 212 
LYS NZ   N  N N 213 
LYS OXT  O  N N 214 
LYS H    H  N N 215 
LYS H2   H  N N 216 
LYS HA   H  N N 217 
LYS HB2  H  N N 218 
LYS HB3  H  N N 219 
LYS HG2  H  N N 220 
LYS HG3  H  N N 221 
LYS HD2  H  N N 222 
LYS HD3  H  N N 223 
LYS HE2  H  N N 224 
LYS HE3  H  N N 225 
LYS HZ1  H  N N 226 
LYS HZ2  H  N N 227 
LYS HZ3  H  N N 228 
LYS HXT  H  N N 229 
MSE N    N  N N 230 
MSE CA   C  N S 231 
MSE C    C  N N 232 
MSE O    O  N N 233 
MSE OXT  O  N N 234 
MSE CB   C  N N 235 
MSE CG   C  N N 236 
MSE SE   SE N N 237 
MSE CE   C  N N 238 
MSE H    H  N N 239 
MSE H2   H  N N 240 
MSE HA   H  N N 241 
MSE HXT  H  N N 242 
MSE HB2  H  N N 243 
MSE HB3  H  N N 244 
MSE HG2  H  N N 245 
MSE HG3  H  N N 246 
MSE HE1  H  N N 247 
MSE HE2  H  N N 248 
MSE HE3  H  N N 249 
PHE N    N  N N 250 
PHE CA   C  N S 251 
PHE C    C  N N 252 
PHE O    O  N N 253 
PHE CB   C  N N 254 
PHE CG   C  Y N 255 
PHE CD1  C  Y N 256 
PHE CD2  C  Y N 257 
PHE CE1  C  Y N 258 
PHE CE2  C  Y N 259 
PHE CZ   C  Y N 260 
PHE OXT  O  N N 261 
PHE H    H  N N 262 
PHE H2   H  N N 263 
PHE HA   H  N N 264 
PHE HB2  H  N N 265 
PHE HB3  H  N N 266 
PHE HD1  H  N N 267 
PHE HD2  H  N N 268 
PHE HE1  H  N N 269 
PHE HE2  H  N N 270 
PHE HZ   H  N N 271 
PHE HXT  H  N N 272 
PRO N    N  N N 273 
PRO CA   C  N S 274 
PRO C    C  N N 275 
PRO O    O  N N 276 
PRO CB   C  N N 277 
PRO CG   C  N N 278 
PRO CD   C  N N 279 
PRO OXT  O  N N 280 
PRO H    H  N N 281 
PRO HA   H  N N 282 
PRO HB2  H  N N 283 
PRO HB3  H  N N 284 
PRO HG2  H  N N 285 
PRO HG3  H  N N 286 
PRO HD2  H  N N 287 
PRO HD3  H  N N 288 
PRO HXT  H  N N 289 
SER N    N  N N 290 
SER CA   C  N S 291 
SER C    C  N N 292 
SER O    O  N N 293 
SER CB   C  N N 294 
SER OG   O  N N 295 
SER OXT  O  N N 296 
SER H    H  N N 297 
SER H2   H  N N 298 
SER HA   H  N N 299 
SER HB2  H  N N 300 
SER HB3  H  N N 301 
SER HG   H  N N 302 
SER HXT  H  N N 303 
SO4 S    S  N N 304 
SO4 O1   O  N N 305 
SO4 O2   O  N N 306 
SO4 O3   O  N N 307 
SO4 O4   O  N N 308 
THR N    N  N N 309 
THR CA   C  N S 310 
THR C    C  N N 311 
THR O    O  N N 312 
THR CB   C  N R 313 
THR OG1  O  N N 314 
THR CG2  C  N N 315 
THR OXT  O  N N 316 
THR H    H  N N 317 
THR H2   H  N N 318 
THR HA   H  N N 319 
THR HB   H  N N 320 
THR HG1  H  N N 321 
THR HG21 H  N N 322 
THR HG22 H  N N 323 
THR HG23 H  N N 324 
THR HXT  H  N N 325 
TRP N    N  N N 326 
TRP CA   C  N S 327 
TRP C    C  N N 328 
TRP O    O  N N 329 
TRP CB   C  N N 330 
TRP CG   C  Y N 331 
TRP CD1  C  Y N 332 
TRP CD2  C  Y N 333 
TRP NE1  N  Y N 334 
TRP CE2  C  Y N 335 
TRP CE3  C  Y N 336 
TRP CZ2  C  Y N 337 
TRP CZ3  C  Y N 338 
TRP CH2  C  Y N 339 
TRP OXT  O  N N 340 
TRP H    H  N N 341 
TRP H2   H  N N 342 
TRP HA   H  N N 343 
TRP HB2  H  N N 344 
TRP HB3  H  N N 345 
TRP HD1  H  N N 346 
TRP HE1  H  N N 347 
TRP HE3  H  N N 348 
TRP HZ2  H  N N 349 
TRP HZ3  H  N N 350 
TRP HH2  H  N N 351 
TRP HXT  H  N N 352 
TYR N    N  N N 353 
TYR CA   C  N S 354 
TYR C    C  N N 355 
TYR O    O  N N 356 
TYR CB   C  N N 357 
TYR CG   C  Y N 358 
TYR CD1  C  Y N 359 
TYR CD2  C  Y N 360 
TYR CE1  C  Y N 361 
TYR CE2  C  Y N 362 
TYR CZ   C  Y N 363 
TYR OH   O  N N 364 
TYR OXT  O  N N 365 
TYR H    H  N N 366 
TYR H2   H  N N 367 
TYR HA   H  N N 368 
TYR HB2  H  N N 369 
TYR HB3  H  N N 370 
TYR HD1  H  N N 371 
TYR HD2  H  N N 372 
TYR HE1  H  N N 373 
TYR HE2  H  N N 374 
TYR HH   H  N N 375 
TYR HXT  H  N N 376 
VAL N    N  N N 377 
VAL CA   C  N S 378 
VAL C    C  N N 379 
VAL O    O  N N 380 
VAL CB   C  N N 381 
VAL CG1  C  N N 382 
VAL CG2  C  N N 383 
VAL OXT  O  N N 384 
VAL H    H  N N 385 
VAL H2   H  N N 386 
VAL HA   H  N N 387 
VAL HB   H  N N 388 
VAL HG11 H  N N 389 
VAL HG12 H  N N 390 
VAL HG13 H  N N 391 
VAL HG21 H  N N 392 
VAL HG22 H  N N 393 
VAL HG23 H  N N 394 
VAL HXT  H  N N 395 
# 
loop_
_chem_comp_bond.comp_id 
_chem_comp_bond.atom_id_1 
_chem_comp_bond.atom_id_2 
_chem_comp_bond.value_order 
_chem_comp_bond.pdbx_aromatic_flag 
_chem_comp_bond.pdbx_stereo_config 
_chem_comp_bond.pdbx_ordinal 
ALA N   CA   sing N N 1   
ALA N   H    sing N N 2   
ALA N   H2   sing N N 3   
ALA CA  C    sing N N 4   
ALA CA  CB   sing N N 5   
ALA CA  HA   sing N N 6   
ALA C   O    doub N N 7   
ALA C   OXT  sing N N 8   
ALA CB  HB1  sing N N 9   
ALA CB  HB2  sing N N 10  
ALA CB  HB3  sing N N 11  
ALA OXT HXT  sing N N 12  
ARG N   CA   sing N N 13  
ARG N   H    sing N N 14  
ARG N   H2   sing N N 15  
ARG CA  C    sing N N 16  
ARG CA  CB   sing N N 17  
ARG CA  HA   sing N N 18  
ARG C   O    doub N N 19  
ARG C   OXT  sing N N 20  
ARG CB  CG   sing N N 21  
ARG CB  HB2  sing N N 22  
ARG CB  HB3  sing N N 23  
ARG CG  CD   sing N N 24  
ARG CG  HG2  sing N N 25  
ARG CG  HG3  sing N N 26  
ARG CD  NE   sing N N 27  
ARG CD  HD2  sing N N 28  
ARG CD  HD3  sing N N 29  
ARG NE  CZ   sing N N 30  
ARG NE  HE   sing N N 31  
ARG CZ  NH1  sing N N 32  
ARG CZ  NH2  doub N N 33  
ARG NH1 HH11 sing N N 34  
ARG NH1 HH12 sing N N 35  
ARG NH2 HH21 sing N N 36  
ARG NH2 HH22 sing N N 37  
ARG OXT HXT  sing N N 38  
ASN N   CA   sing N N 39  
ASN N   H    sing N N 40  
ASN N   H2   sing N N 41  
ASN CA  C    sing N N 42  
ASN CA  CB   sing N N 43  
ASN CA  HA   sing N N 44  
ASN C   O    doub N N 45  
ASN C   OXT  sing N N 46  
ASN CB  CG   sing N N 47  
ASN CB  HB2  sing N N 48  
ASN CB  HB3  sing N N 49  
ASN CG  OD1  doub N N 50  
ASN CG  ND2  sing N N 51  
ASN ND2 HD21 sing N N 52  
ASN ND2 HD22 sing N N 53  
ASN OXT HXT  sing N N 54  
ASP N   CA   sing N N 55  
ASP N   H    sing N N 56  
ASP N   H2   sing N N 57  
ASP CA  C    sing N N 58  
ASP CA  CB   sing N N 59  
ASP CA  HA   sing N N 60  
ASP C   O    doub N N 61  
ASP C   OXT  sing N N 62  
ASP CB  CG   sing N N 63  
ASP CB  HB2  sing N N 64  
ASP CB  HB3  sing N N 65  
ASP CG  OD1  doub N N 66  
ASP CG  OD2  sing N N 67  
ASP OD2 HD2  sing N N 68  
ASP OXT HXT  sing N N 69  
CYS N   CA   sing N N 70  
CYS N   H    sing N N 71  
CYS N   H2   sing N N 72  
CYS CA  C    sing N N 73  
CYS CA  CB   sing N N 74  
CYS CA  HA   sing N N 75  
CYS C   O    doub N N 76  
CYS C   OXT  sing N N 77  
CYS CB  SG   sing N N 78  
CYS CB  HB2  sing N N 79  
CYS CB  HB3  sing N N 80  
CYS SG  HG   sing N N 81  
CYS OXT HXT  sing N N 82  
GLN N   CA   sing N N 83  
GLN N   H    sing N N 84  
GLN N   H2   sing N N 85  
GLN CA  C    sing N N 86  
GLN CA  CB   sing N N 87  
GLN CA  HA   sing N N 88  
GLN C   O    doub N N 89  
GLN C   OXT  sing N N 90  
GLN CB  CG   sing N N 91  
GLN CB  HB2  sing N N 92  
GLN CB  HB3  sing N N 93  
GLN CG  CD   sing N N 94  
GLN CG  HG2  sing N N 95  
GLN CG  HG3  sing N N 96  
GLN CD  OE1  doub N N 97  
GLN CD  NE2  sing N N 98  
GLN NE2 HE21 sing N N 99  
GLN NE2 HE22 sing N N 100 
GLN OXT HXT  sing N N 101 
GLU N   CA   sing N N 102 
GLU N   H    sing N N 103 
GLU N   H2   sing N N 104 
GLU CA  C    sing N N 105 
GLU CA  CB   sing N N 106 
GLU CA  HA   sing N N 107 
GLU C   O    doub N N 108 
GLU C   OXT  sing N N 109 
GLU CB  CG   sing N N 110 
GLU CB  HB2  sing N N 111 
GLU CB  HB3  sing N N 112 
GLU CG  CD   sing N N 113 
GLU CG  HG2  sing N N 114 
GLU CG  HG3  sing N N 115 
GLU CD  OE1  doub N N 116 
GLU CD  OE2  sing N N 117 
GLU OE2 HE2  sing N N 118 
GLU OXT HXT  sing N N 119 
GLY N   CA   sing N N 120 
GLY N   H    sing N N 121 
GLY N   H2   sing N N 122 
GLY CA  C    sing N N 123 
GLY CA  HA2  sing N N 124 
GLY CA  HA3  sing N N 125 
GLY C   O    doub N N 126 
GLY C   OXT  sing N N 127 
GLY OXT HXT  sing N N 128 
HIS N   CA   sing N N 129 
HIS N   H    sing N N 130 
HIS N   H2   sing N N 131 
HIS CA  C    sing N N 132 
HIS CA  CB   sing N N 133 
HIS CA  HA   sing N N 134 
HIS C   O    doub N N 135 
HIS C   OXT  sing N N 136 
HIS CB  CG   sing N N 137 
HIS CB  HB2  sing N N 138 
HIS CB  HB3  sing N N 139 
HIS CG  ND1  sing Y N 140 
HIS CG  CD2  doub Y N 141 
HIS ND1 CE1  doub Y N 142 
HIS ND1 HD1  sing N N 143 
HIS CD2 NE2  sing Y N 144 
HIS CD2 HD2  sing N N 145 
HIS CE1 NE2  sing Y N 146 
HIS CE1 HE1  sing N N 147 
HIS NE2 HE2  sing N N 148 
HIS OXT HXT  sing N N 149 
HOH O   H1   sing N N 150 
HOH O   H2   sing N N 151 
ILE N   CA   sing N N 152 
ILE N   H    sing N N 153 
ILE N   H2   sing N N 154 
ILE CA  C    sing N N 155 
ILE CA  CB   sing N N 156 
ILE CA  HA   sing N N 157 
ILE C   O    doub N N 158 
ILE C   OXT  sing N N 159 
ILE CB  CG1  sing N N 160 
ILE CB  CG2  sing N N 161 
ILE CB  HB   sing N N 162 
ILE CG1 CD1  sing N N 163 
ILE CG1 HG12 sing N N 164 
ILE CG1 HG13 sing N N 165 
ILE CG2 HG21 sing N N 166 
ILE CG2 HG22 sing N N 167 
ILE CG2 HG23 sing N N 168 
ILE CD1 HD11 sing N N 169 
ILE CD1 HD12 sing N N 170 
ILE CD1 HD13 sing N N 171 
ILE OXT HXT  sing N N 172 
LEU N   CA   sing N N 173 
LEU N   H    sing N N 174 
LEU N   H2   sing N N 175 
LEU CA  C    sing N N 176 
LEU CA  CB   sing N N 177 
LEU CA  HA   sing N N 178 
LEU C   O    doub N N 179 
LEU C   OXT  sing N N 180 
LEU CB  CG   sing N N 181 
LEU CB  HB2  sing N N 182 
LEU CB  HB3  sing N N 183 
LEU CG  CD1  sing N N 184 
LEU CG  CD2  sing N N 185 
LEU CG  HG   sing N N 186 
LEU CD1 HD11 sing N N 187 
LEU CD1 HD12 sing N N 188 
LEU CD1 HD13 sing N N 189 
LEU CD2 HD21 sing N N 190 
LEU CD2 HD22 sing N N 191 
LEU CD2 HD23 sing N N 192 
LEU OXT HXT  sing N N 193 
LYS N   CA   sing N N 194 
LYS N   H    sing N N 195 
LYS N   H2   sing N N 196 
LYS CA  C    sing N N 197 
LYS CA  CB   sing N N 198 
LYS CA  HA   sing N N 199 
LYS C   O    doub N N 200 
LYS C   OXT  sing N N 201 
LYS CB  CG   sing N N 202 
LYS CB  HB2  sing N N 203 
LYS CB  HB3  sing N N 204 
LYS CG  CD   sing N N 205 
LYS CG  HG2  sing N N 206 
LYS CG  HG3  sing N N 207 
LYS CD  CE   sing N N 208 
LYS CD  HD2  sing N N 209 
LYS CD  HD3  sing N N 210 
LYS CE  NZ   sing N N 211 
LYS CE  HE2  sing N N 212 
LYS CE  HE3  sing N N 213 
LYS NZ  HZ1  sing N N 214 
LYS NZ  HZ2  sing N N 215 
LYS NZ  HZ3  sing N N 216 
LYS OXT HXT  sing N N 217 
MSE N   CA   sing N N 218 
MSE N   H    sing N N 219 
MSE N   H2   sing N N 220 
MSE CA  C    sing N N 221 
MSE CA  CB   sing N N 222 
MSE CA  HA   sing N N 223 
MSE C   O    doub N N 224 
MSE C   OXT  sing N N 225 
MSE OXT HXT  sing N N 226 
MSE CB  CG   sing N N 227 
MSE CB  HB2  sing N N 228 
MSE CB  HB3  sing N N 229 
MSE CG  SE   sing N N 230 
MSE CG  HG2  sing N N 231 
MSE CG  HG3  sing N N 232 
MSE SE  CE   sing N N 233 
MSE CE  HE1  sing N N 234 
MSE CE  HE2  sing N N 235 
MSE CE  HE3  sing N N 236 
PHE N   CA   sing N N 237 
PHE N   H    sing N N 238 
PHE N   H2   sing N N 239 
PHE CA  C    sing N N 240 
PHE CA  CB   sing N N 241 
PHE CA  HA   sing N N 242 
PHE C   O    doub N N 243 
PHE C   OXT  sing N N 244 
PHE CB  CG   sing N N 245 
PHE CB  HB2  sing N N 246 
PHE CB  HB3  sing N N 247 
PHE CG  CD1  doub Y N 248 
PHE CG  CD2  sing Y N 249 
PHE CD1 CE1  sing Y N 250 
PHE CD1 HD1  sing N N 251 
PHE CD2 CE2  doub Y N 252 
PHE CD2 HD2  sing N N 253 
PHE CE1 CZ   doub Y N 254 
PHE CE1 HE1  sing N N 255 
PHE CE2 CZ   sing Y N 256 
PHE CE2 HE2  sing N N 257 
PHE CZ  HZ   sing N N 258 
PHE OXT HXT  sing N N 259 
PRO N   CA   sing N N 260 
PRO N   CD   sing N N 261 
PRO N   H    sing N N 262 
PRO CA  C    sing N N 263 
PRO CA  CB   sing N N 264 
PRO CA  HA   sing N N 265 
PRO C   O    doub N N 266 
PRO C   OXT  sing N N 267 
PRO CB  CG   sing N N 268 
PRO CB  HB2  sing N N 269 
PRO CB  HB3  sing N N 270 
PRO CG  CD   sing N N 271 
PRO CG  HG2  sing N N 272 
PRO CG  HG3  sing N N 273 
PRO CD  HD2  sing N N 274 
PRO CD  HD3  sing N N 275 
PRO OXT HXT  sing N N 276 
SER N   CA   sing N N 277 
SER N   H    sing N N 278 
SER N   H2   sing N N 279 
SER CA  C    sing N N 280 
SER CA  CB   sing N N 281 
SER CA  HA   sing N N 282 
SER C   O    doub N N 283 
SER C   OXT  sing N N 284 
SER CB  OG   sing N N 285 
SER CB  HB2  sing N N 286 
SER CB  HB3  sing N N 287 
SER OG  HG   sing N N 288 
SER OXT HXT  sing N N 289 
SO4 S   O1   doub N N 290 
SO4 S   O2   doub N N 291 
SO4 S   O3   sing N N 292 
SO4 S   O4   sing N N 293 
THR N   CA   sing N N 294 
THR N   H    sing N N 295 
THR N   H2   sing N N 296 
THR CA  C    sing N N 297 
THR CA  CB   sing N N 298 
THR CA  HA   sing N N 299 
THR C   O    doub N N 300 
THR C   OXT  sing N N 301 
THR CB  OG1  sing N N 302 
THR CB  CG2  sing N N 303 
THR CB  HB   sing N N 304 
THR OG1 HG1  sing N N 305 
THR CG2 HG21 sing N N 306 
THR CG2 HG22 sing N N 307 
THR CG2 HG23 sing N N 308 
THR OXT HXT  sing N N 309 
TRP N   CA   sing N N 310 
TRP N   H    sing N N 311 
TRP N   H2   sing N N 312 
TRP CA  C    sing N N 313 
TRP CA  CB   sing N N 314 
TRP CA  HA   sing N N 315 
TRP C   O    doub N N 316 
TRP C   OXT  sing N N 317 
TRP CB  CG   sing N N 318 
TRP CB  HB2  sing N N 319 
TRP CB  HB3  sing N N 320 
TRP CG  CD1  doub Y N 321 
TRP CG  CD2  sing Y N 322 
TRP CD1 NE1  sing Y N 323 
TRP CD1 HD1  sing N N 324 
TRP CD2 CE2  doub Y N 325 
TRP CD2 CE3  sing Y N 326 
TRP NE1 CE2  sing Y N 327 
TRP NE1 HE1  sing N N 328 
TRP CE2 CZ2  sing Y N 329 
TRP CE3 CZ3  doub Y N 330 
TRP CE3 HE3  sing N N 331 
TRP CZ2 CH2  doub Y N 332 
TRP CZ2 HZ2  sing N N 333 
TRP CZ3 CH2  sing Y N 334 
TRP CZ3 HZ3  sing N N 335 
TRP CH2 HH2  sing N N 336 
TRP OXT HXT  sing N N 337 
TYR N   CA   sing N N 338 
TYR N   H    sing N N 339 
TYR N   H2   sing N N 340 
TYR CA  C    sing N N 341 
TYR CA  CB   sing N N 342 
TYR CA  HA   sing N N 343 
TYR C   O    doub N N 344 
TYR C   OXT  sing N N 345 
TYR CB  CG   sing N N 346 
TYR CB  HB2  sing N N 347 
TYR CB  HB3  sing N N 348 
TYR CG  CD1  doub Y N 349 
TYR CG  CD2  sing Y N 350 
TYR CD1 CE1  sing Y N 351 
TYR CD1 HD1  sing N N 352 
TYR CD2 CE2  doub Y N 353 
TYR CD2 HD2  sing N N 354 
TYR CE1 CZ   doub Y N 355 
TYR CE1 HE1  sing N N 356 
TYR CE2 CZ   sing Y N 357 
TYR CE2 HE2  sing N N 358 
TYR CZ  OH   sing N N 359 
TYR OH  HH   sing N N 360 
TYR OXT HXT  sing N N 361 
VAL N   CA   sing N N 362 
VAL N   H    sing N N 363 
VAL N   H2   sing N N 364 
VAL CA  C    sing N N 365 
VAL CA  CB   sing N N 366 
VAL CA  HA   sing N N 367 
VAL C   O    doub N N 368 
VAL C   OXT  sing N N 369 
VAL CB  CG1  sing N N 370 
VAL CB  CG2  sing N N 371 
VAL CB  HB   sing N N 372 
VAL CG1 HG11 sing N N 373 
VAL CG1 HG12 sing N N 374 
VAL CG1 HG13 sing N N 375 
VAL CG2 HG21 sing N N 376 
VAL CG2 HG22 sing N N 377 
VAL CG2 HG23 sing N N 378 
VAL OXT HXT  sing N N 379 
# 
_atom_sites.entry_id                    2BV6 
_atom_sites.fract_transf_matrix[1][1]   0.00227985 
_atom_sites.fract_transf_matrix[1][2]   -0.00502370 
_atom_sites.fract_transf_matrix[1][3]   -0.00790316 
_atom_sites.fract_transf_matrix[2][1]   0.00764543 
_atom_sites.fract_transf_matrix[2][2]   -0.00586978 
_atom_sites.fract_transf_matrix[2][3]   0.00005922 
_atom_sites.fract_transf_matrix[3][1]   -0.00931405 
_atom_sites.fract_transf_matrix[3][2]   -0.01208124 
_atom_sites.fract_transf_matrix[3][3]   0.00499268 
_atom_sites.fract_transf_vector[1]      0.658161 
_atom_sites.fract_transf_vector[2]      0.107887 
_atom_sites.fract_transf_vector[3]      0.038512 
# 
loop_
_atom_type.symbol 
C  
N  
O  
S  
SE 
# 
loop_
_atom_site.group_PDB 
_atom_site.id 
_atom_site.type_symbol 
_atom_site.label_atom_id 
_atom_site.label_alt_id 
_atom_site.label_comp_id 
_atom_site.label_asym_id 
_atom_site.label_entity_id 
_atom_site.label_seq_id 
_atom_site.pdbx_PDB_ins_code 
_atom_site.Cartn_x 
_atom_site.Cartn_y 
_atom_site.Cartn_z 
_atom_site.occupancy 
_atom_site.B_iso_or_equiv 
_atom_site.pdbx_formal_charge 
_atom_site.auth_seq_id 
_atom_site.auth_comp_id 
_atom_site.auth_asym_id 
_atom_site.auth_atom_id 
_atom_site.pdbx_PDB_model_num 
HETATM 1    N  N   . MSE A 1 4   ? -25.026 20.273  -10.350 1.00 141.70 ? 5    MSE A N   1 
HETATM 2    C  CA  . MSE A 1 4   ? -24.077 19.592  -11.273 1.00 137.85 ? 5    MSE A CA  1 
HETATM 3    C  C   . MSE A 1 4   ? -24.113 18.092  -11.015 1.00 134.21 ? 5    MSE A C   1 
HETATM 4    O  O   . MSE A 1 4   ? -24.816 17.614  -10.121 1.00 133.23 ? 5    MSE A O   1 
HETATM 5    C  CB  . MSE A 1 4   ? -22.650 20.112  -11.046 1.00 141.07 ? 5    MSE A CB  1 
HETATM 6    C  CG  . MSE A 1 4   ? -21.930 19.514  -9.822  1.00 150.75 ? 5    MSE A CG  1 
HETATM 7    SE SE  . MSE A 1 4   ? -20.267 20.426  -9.319  1.00 167.14 ? 5    MSE A SE  1 
HETATM 8    C  CE  . MSE A 1 4   ? -19.578 20.800  -11.096 1.00 182.67 ? 5    MSE A CE  1 
ATOM   9    N  N   . ASN A 1 5   ? -23.353 17.351  -11.808 1.00 129.22 ? 6    ASN A N   1 
ATOM   10   C  CA  . ASN A 1 5   ? -23.285 15.911  -11.645 1.00 124.35 ? 6    ASN A CA  1 
ATOM   11   C  C   . ASN A 1 5   ? -21.968 15.632  -10.944 1.00 120.82 ? 6    ASN A C   1 
ATOM   12   O  O   . ASN A 1 5   ? -20.901 15.925  -11.485 1.00 120.28 ? 6    ASN A O   1 
ATOM   13   C  CB  . ASN A 1 5   ? -23.311 15.217  -13.009 1.00 124.54 ? 6    ASN A CB  1 
ATOM   14   C  CG  . ASN A 1 5   ? -23.600 13.729  -12.902 1.00 124.65 ? 6    ASN A CG  1 
ATOM   15   O  OD1 . ASN A 1 5   ? -23.843 13.210  -11.809 1.00 124.00 ? 6    ASN A OD1 1 
ATOM   16   N  ND2 . ASN A 1 5   ? -23.585 13.036  -14.040 1.00 125.16 ? 6    ASN A ND2 1 
ATOM   17   N  N   . LEU A 1 6   ? -22.041 15.084  -9.734  1.00 116.93 ? 7    LEU A N   1 
ATOM   18   C  CA  . LEU A 1 6   ? -20.832 14.781  -8.980  1.00 113.73 ? 7    LEU A CA  1 
ATOM   19   C  C   . LEU A 1 6   ? -20.203 13.473  -9.426  1.00 112.76 ? 7    LEU A C   1 
ATOM   20   O  O   . LEU A 1 6   ? -19.046 13.194  -9.115  1.00 112.99 ? 7    LEU A O   1 
ATOM   21   C  CB  . LEU A 1 6   ? -21.127 14.752  -7.476  1.00 110.89 ? 7    LEU A CB  1 
ATOM   22   C  CG  . LEU A 1 6   ? -21.498 16.128  -6.906  1.00 105.51 ? 7    LEU A CG  1 
ATOM   23   C  CD1 . LEU A 1 6   ? -21.634 16.049  -5.400  1.00 101.40 ? 7    LEU A CD1 1 
ATOM   24   C  CD2 . LEU A 1 6   ? -20.432 17.154  -7.282  1.00 99.22  ? 7    LEU A CD2 1 
ATOM   25   N  N   . LYS A 1 7   ? -20.967 12.661  -10.149 1.00 112.82 ? 8    LYS A N   1 
ATOM   26   C  CA  . LYS A 1 7   ? -20.424 11.412  -10.658 1.00 113.44 ? 8    LYS A CA  1 
ATOM   27   C  C   . LYS A 1 7   ? -19.407 11.840  -11.709 1.00 113.62 ? 8    LYS A C   1 
ATOM   28   O  O   . LYS A 1 7   ? -18.439 11.128  -11.987 1.00 114.15 ? 8    LYS A O   1 
ATOM   29   C  CB  . LYS A 1 7   ? -21.527 10.559  -11.292 1.00 113.52 ? 8    LYS A CB  1 
ATOM   30   C  CG  . LYS A 1 7   ? -22.545 10.025  -10.298 1.00 112.07 ? 8    LYS A CG  1 
ATOM   31   C  CD  . LYS A 1 7   ? -23.576 9.142   -10.976 1.00 110.32 ? 8    LYS A CD  1 
ATOM   32   C  CE  . LYS A 1 7   ? -24.583 8.593   -9.973  1.00 108.66 ? 8    LYS A CE  1 
ATOM   33   N  NZ  . LYS A 1 7   ? -25.651 7.788   -10.641 1.00 108.33 ? 8    LYS A NZ  1 
ATOM   34   N  N   . GLU A 1 8   ? -19.635 13.029  -12.267 1.00 113.14 ? 9    GLU A N   1 
ATOM   35   C  CA  . GLU A 1 8   ? -18.767 13.610  -13.286 1.00 111.68 ? 9    GLU A CA  1 
ATOM   36   C  C   . GLU A 1 8   ? -17.585 14.329  -12.661 1.00 108.19 ? 9    GLU A C   1 
ATOM   37   O  O   . GLU A 1 8   ? -16.677 14.776  -13.366 1.00 108.99 ? 9    GLU A O   1 
ATOM   38   C  CB  . GLU A 1 8   ? -19.532 14.620  -14.140 1.00 115.67 ? 9    GLU A CB  1 
ATOM   39   C  CG  . GLU A 1 8   ? -20.711 14.053  -14.898 1.00 123.60 ? 9    GLU A CG  1 
ATOM   40   C  CD  . GLU A 1 8   ? -20.339 12.869  -15.773 1.00 131.14 ? 9    GLU A CD  1 
ATOM   41   O  OE1 . GLU A 1 8   ? -19.126 12.640  -16.004 1.00 135.87 ? 9    GLU A OE1 1 
ATOM   42   O  OE2 . GLU A 1 8   ? -21.270 12.172  -16.236 1.00 137.05 ? 9    GLU A OE2 1 
ATOM   43   N  N   . GLN A 1 9   ? -17.603 14.454  -11.341 1.00 103.48 ? 10   GLN A N   1 
ATOM   44   C  CA  . GLN A 1 9   ? -16.526 15.136  -10.644 1.00 98.10  ? 10   GLN A CA  1 
ATOM   45   C  C   . GLN A 1 9   ? -15.421 14.192  -10.208 1.00 95.18  ? 10   GLN A C   1 
ATOM   46   O  O   . GLN A 1 9   ? -15.571 13.444  -9.239  1.00 94.48  ? 10   GLN A O   1 
ATOM   47   C  CB  . GLN A 1 9   ? -17.082 15.884  -9.441  1.00 98.29  ? 10   GLN A CB  1 
ATOM   48   C  CG  . GLN A 1 9   ? -18.155 16.868  -9.830  1.00 98.11  ? 10   GLN A CG  1 
ATOM   49   C  CD  . GLN A 1 9   ? -17.738 17.714  -11.012 1.00 98.42  ? 10   GLN A CD  1 
ATOM   50   O  OE1 . GLN A 1 9   ? -16.699 18.374  -10.974 1.00 98.41  ? 10   GLN A OE1 1 
ATOM   51   N  NE2 . GLN A 1 9   ? -18.543 17.697  -12.075 1.00 97.61  ? 10   GLN A NE2 1 
ATOM   52   N  N   . LEU A 1 10  ? -14.315 14.233  -10.944 1.00 90.85  ? 11   LEU A N   1 
ATOM   53   C  CA  . LEU A 1 10  ? -13.156 13.400  -10.653 1.00 86.71  ? 11   LEU A CA  1 
ATOM   54   C  C   . LEU A 1 10  ? -12.741 13.554  -9.204  1.00 83.11  ? 11   LEU A C   1 
ATOM   55   O  O   . LEU A 1 10  ? -12.448 12.571  -8.517  1.00 80.94  ? 11   LEU A O   1 
ATOM   56   C  CB  . LEU A 1 10  ? -11.978 13.798  -11.537 1.00 88.78  ? 11   LEU A CB  1 
ATOM   57   C  CG  . LEU A 1 10  ? -11.756 13.026  -12.831 1.00 90.78  ? 11   LEU A CG  1 
ATOM   58   C  CD1 . LEU A 1 10  ? -10.479 13.545  -13.469 1.00 93.55  ? 11   LEU A CD1 1 
ATOM   59   C  CD2 . LEU A 1 10  ? -11.643 11.532  -12.550 1.00 90.04  ? 11   LEU A CD2 1 
ATOM   60   N  N   . CYS A 1 11  ? -12.702 14.799  -8.749  1.00 79.15  ? 12   CYS A N   1 
ATOM   61   C  CA  . CYS A 1 11  ? -12.323 15.055  -7.385  1.00 76.42  ? 12   CYS A CA  1 
ATOM   62   C  C   . CYS A 1 11  ? -13.119 14.177  -6.443  1.00 76.90  ? 12   CYS A C   1 
ATOM   63   O  O   . CYS A 1 11  ? -12.549 13.569  -5.540  1.00 79.13  ? 12   CYS A O   1 
ATOM   64   C  CB  . CYS A 1 11  ? -12.516 16.525  -7.056  1.00 75.61  ? 12   CYS A CB  1 
ATOM   65   S  SG  . CYS A 1 11  ? -11.129 17.539  -7.626  1.00 73.16  ? 12   CYS A SG  1 
ATOM   66   N  N   . PHE A 1 12  ? -14.427 14.087  -6.664  1.00 76.84  ? 13   PHE A N   1 
ATOM   67   C  CA  . PHE A 1 12  ? -15.281 13.263  -5.816  1.00 75.75  ? 13   PHE A CA  1 
ATOM   68   C  C   . PHE A 1 12  ? -15.083 11.786  -6.110  1.00 76.25  ? 13   PHE A C   1 
ATOM   69   O  O   . PHE A 1 12  ? -15.076 10.960  -5.198  1.00 74.20  ? 13   PHE A O   1 
ATOM   70   C  CB  . PHE A 1 12  ? -16.757 13.639  -6.000  1.00 75.27  ? 13   PHE A CB  1 
ATOM   71   C  CG  . PHE A 1 12  ? -17.121 14.977  -5.406  1.00 77.40  ? 13   PHE A CG  1 
ATOM   72   C  CD1 . PHE A 1 12  ? -16.965 16.150  -6.137  1.00 77.00  ? 13   PHE A CD1 1 
ATOM   73   C  CD2 . PHE A 1 12  ? -17.590 15.066  -4.097  1.00 78.46  ? 13   PHE A CD2 1 
ATOM   74   C  CE1 . PHE A 1 12  ? -17.268 17.396  -5.571  1.00 78.71  ? 13   PHE A CE1 1 
ATOM   75   C  CE2 . PHE A 1 12  ? -17.895 16.305  -3.522  1.00 78.99  ? 13   PHE A CE2 1 
ATOM   76   C  CZ  . PHE A 1 12  ? -17.732 17.472  -4.261  1.00 79.06  ? 13   PHE A CZ  1 
ATOM   77   N  N   . SER A 1 13  ? -14.909 11.461  -7.386  1.00 75.83  ? 14   SER A N   1 
ATOM   78   C  CA  . SER A 1 13  ? -14.706 10.073  -7.812  1.00 76.43  ? 14   SER A CA  1 
ATOM   79   C  C   . SER A 1 13  ? -13.471 9.438   -7.171  1.00 74.94  ? 14   SER A C   1 
ATOM   80   O  O   . SER A 1 13  ? -13.566 8.368   -6.559  1.00 73.71  ? 14   SER A O   1 
ATOM   81   C  CB  . SER A 1 13  ? -14.602 10.003  -9.341  1.00 76.68  ? 14   SER A CB  1 
ATOM   82   O  OG  . SER A 1 13  ? -15.827 10.390  -9.951  1.00 80.35  ? 14   SER A OG  1 
ATOM   83   N  N   . LEU A 1 14  ? -12.320 10.096  -7.311  1.00 74.85  ? 15   LEU A N   1 
ATOM   84   C  CA  . LEU A 1 14  ? -11.066 9.608   -6.730  1.00 74.42  ? 15   LEU A CA  1 
ATOM   85   C  C   . LEU A 1 14  ? -11.169 9.478   -5.221  1.00 73.96  ? 15   LEU A C   1 
ATOM   86   O  O   . LEU A 1 14  ? -10.907 8.415   -4.644  1.00 75.30  ? 15   LEU A O   1 
ATOM   87   C  CB  . LEU A 1 14  ? -9.923  10.559  -7.063  1.00 75.67  ? 15   LEU A CB  1 
ATOM   88   C  CG  . LEU A 1 14  ? -9.472  10.455  -8.517  1.00 78.24  ? 15   LEU A CG  1 
ATOM   89   C  CD1 . LEU A 1 14  ? -8.501  11.572  -8.864  1.00 76.30  ? 15   LEU A CD1 1 
ATOM   90   C  CD2 . LEU A 1 14  ? -8.846  9.087   -8.721  1.00 77.40  ? 15   LEU A CD2 1 
ATOM   91   N  N   . TYR A 1 15  ? -11.542 10.582  -4.590  1.00 73.40  ? 16   TYR A N   1 
ATOM   92   C  CA  . TYR A 1 15  ? -11.698 10.625  -3.151  1.00 71.34  ? 16   TYR A CA  1 
ATOM   93   C  C   . TYR A 1 15  ? -12.527 9.454   -2.658  1.00 71.09  ? 16   TYR A C   1 
ATOM   94   O  O   . TYR A 1 15  ? -12.107 8.696   -1.787  1.00 69.20  ? 16   TYR A O   1 
ATOM   95   C  CB  . TYR A 1 15  ? -12.395 11.912  -2.737  1.00 70.82  ? 16   TYR A CB  1 
ATOM   96   C  CG  . TYR A 1 15  ? -12.613 11.968  -1.261  1.00 73.50  ? 16   TYR A CG  1 
ATOM   97   C  CD1 . TYR A 1 15  ? -11.573 12.313  -0.408  1.00 75.04  ? 16   TYR A CD1 1 
ATOM   98   C  CD2 . TYR A 1 15  ? -13.836 11.606  -0.703  1.00 74.34  ? 16   TYR A CD2 1 
ATOM   99   C  CE1 . TYR A 1 15  ? -11.736 12.297  0.965   1.00 78.63  ? 16   TYR A CE1 1 
ATOM   100  C  CE2 . TYR A 1 15  ? -14.013 11.582  0.678   1.00 78.16  ? 16   TYR A CE2 1 
ATOM   101  C  CZ  . TYR A 1 15  ? -12.955 11.931  1.503   1.00 80.66  ? 16   TYR A CZ  1 
ATOM   102  O  OH  . TYR A 1 15  ? -13.097 11.924  2.872   1.00 85.47  ? 16   TYR A OH  1 
ATOM   103  N  N   . ASN A 1 16  ? -13.717 9.316   -3.227  1.00 69.57  ? 17   ASN A N   1 
ATOM   104  C  CA  . ASN A 1 16  ? -14.625 8.260   -2.825  1.00 69.76  ? 17   ASN A CA  1 
ATOM   105  C  C   . ASN A 1 16  ? -14.185 6.849   -3.143  1.00 67.78  ? 17   ASN A C   1 
ATOM   106  O  O   . ASN A 1 16  ? -14.367 5.944   -2.321  1.00 67.76  ? 17   ASN A O   1 
ATOM   107  C  CB  . ASN A 1 16  ? -16.013 8.512   -3.409  1.00 72.66  ? 17   ASN A CB  1 
ATOM   108  C  CG  . ASN A 1 16  ? -16.765 9.581   -2.647  1.00 75.41  ? 17   ASN A CG  1 
ATOM   109  O  OD1 . ASN A 1 16  ? -16.903 9.501   -1.422  1.00 77.08  ? 17   ASN A OD1 1 
ATOM   110  N  ND2 . ASN A 1 16  ? -17.257 10.588  -3.363  1.00 79.59  ? 17   ASN A ND2 1 
ATOM   111  N  N   . ALA A 1 17  ? -13.620 6.647   -4.327  1.00 65.77  ? 18   ALA A N   1 
ATOM   112  C  CA  . ALA A 1 17  ? -13.161 5.321   -4.705  1.00 64.06  ? 18   ALA A CA  1 
ATOM   113  C  C   . ALA A 1 17  ? -12.201 4.808   -3.626  1.00 64.87  ? 18   ALA A C   1 
ATOM   114  O  O   . ALA A 1 17  ? -12.455 3.783   -2.973  1.00 63.20  ? 18   ALA A O   1 
ATOM   115  C  CB  . ALA A 1 17  ? -12.469 5.387   -6.039  1.00 64.64  ? 18   ALA A CB  1 
ATOM   116  N  N   . GLN A 1 18  ? -11.105 5.538   -3.438  1.00 65.45  ? 19   GLN A N   1 
ATOM   117  C  CA  . GLN A 1 18  ? -10.112 5.180   -2.441  1.00 66.83  ? 19   GLN A CA  1 
ATOM   118  C  C   . GLN A 1 18  ? -10.797 5.035   -1.094  1.00 70.70  ? 19   GLN A C   1 
ATOM   119  O  O   . GLN A 1 18  ? -10.691 4.003   -0.431  1.00 69.83  ? 19   GLN A O   1 
ATOM   120  C  CB  . GLN A 1 18  ? -9.033  6.267   -2.380  1.00 65.11  ? 19   GLN A CB  1 
ATOM   121  C  CG  . GLN A 1 18  ? -8.034  6.161   -1.229  1.00 63.70  ? 19   GLN A CG  1 
ATOM   122  C  CD  . GLN A 1 18  ? -7.435  4.768   -1.070  1.00 65.78  ? 19   GLN A CD  1 
ATOM   123  O  OE1 . GLN A 1 18  ? -7.205  4.057   -2.057  1.00 70.66  ? 19   GLN A OE1 1 
ATOM   124  N  NE2 . GLN A 1 18  ? -7.164  4.376   0.178   1.00 64.78  ? 19   GLN A NE2 1 
ATOM   125  N  N   . ARG A 1 19  ? -11.522 6.074   -0.705  1.00 74.69  ? 20   ARG A N   1 
ATOM   126  C  CA  . ARG A 1 19  ? -12.223 6.082   0.569   1.00 78.54  ? 20   ARG A CA  1 
ATOM   127  C  C   . ARG A 1 19  ? -13.005 4.787   0.775   1.00 76.80  ? 20   ARG A C   1 
ATOM   128  O  O   . ARG A 1 19  ? -12.971 4.183   1.850   1.00 75.84  ? 20   ARG A O   1 
ATOM   129  C  CB  . ARG A 1 19  ? -13.159 7.290   0.623   1.00 83.57  ? 20   ARG A CB  1 
ATOM   130  C  CG  . ARG A 1 19  ? -13.725 7.590   2.000   1.00 95.50  ? 20   ARG A CG  1 
ATOM   131  C  CD  . ARG A 1 19  ? -12.645 7.906   3.017   1.00 112.80 ? 20   ARG A CD  1 
ATOM   132  N  NE  . ARG A 1 19  ? -13.237 8.177   4.325   1.00 131.75 ? 20   ARG A NE  1 
ATOM   133  C  CZ  . ARG A 1 19  ? -12.540 8.464   5.420   1.00 140.68 ? 20   ARG A CZ  1 
ATOM   134  N  NH1 . ARG A 1 19  ? -11.213 8.518   5.367   1.00 143.73 ? 20   ARG A NH1 1 
ATOM   135  N  NH2 . ARG A 1 19  ? -13.170 8.698   6.567   1.00 142.56 ? 20   ARG A NH2 1 
ATOM   136  N  N   . GLN A 1 20  ? -13.696 4.355   -0.273  1.00 74.83  ? 21   GLN A N   1 
ATOM   137  C  CA  . GLN A 1 20  ? -14.480 3.129   -0.214  1.00 71.97  ? 21   GLN A CA  1 
ATOM   138  C  C   . GLN A 1 20  ? -13.610 1.899   -0.025  1.00 69.42  ? 21   GLN A C   1 
ATOM   139  O  O   . GLN A 1 20  ? -13.804 1.126   0.919   1.00 67.90  ? 21   GLN A O   1 
ATOM   140  C  CB  . GLN A 1 20  ? -15.320 2.981   -1.483  1.00 71.84  ? 21   GLN A CB  1 
ATOM   141  C  CG  . GLN A 1 20  ? -16.536 3.874   -1.478  1.00 71.79  ? 21   GLN A CG  1 
ATOM   142  C  CD  . GLN A 1 20  ? -17.321 3.714   -0.194  1.00 72.04  ? 21   GLN A CD  1 
ATOM   143  O  OE1 . GLN A 1 20  ? -17.819 2.628   0.112   1.00 72.53  ? 21   GLN A OE1 1 
ATOM   144  N  NE2 . GLN A 1 20  ? -17.419 4.793   0.576   1.00 70.32  ? 21   GLN A NE2 1 
ATOM   145  N  N   . VAL A 1 21  ? -12.650 1.725   -0.930  1.00 67.89  ? 22   VAL A N   1 
ATOM   146  C  CA  . VAL A 1 21  ? -11.746 0.587   -0.866  1.00 66.66  ? 22   VAL A CA  1 
ATOM   147  C  C   . VAL A 1 21  ? -11.066 0.497   0.503   1.00 66.40  ? 22   VAL A C   1 
ATOM   148  O  O   . VAL A 1 21  ? -10.843 -0.602  1.021   1.00 65.59  ? 22   VAL A O   1 
ATOM   149  C  CB  . VAL A 1 21  ? -10.666 0.684   -1.953  1.00 65.55  ? 22   VAL A CB  1 
ATOM   150  C  CG1 . VAL A 1 21  ? -9.813  -0.556  -1.943  1.00 63.13  ? 22   VAL A CG1 1 
ATOM   151  C  CG2 . VAL A 1 21  ? -11.313 0.872   -3.303  1.00 63.89  ? 22   VAL A CG2 1 
ATOM   152  N  N   . ASN A 1 22  ? -10.731 1.641   1.096   1.00 66.86  ? 23   ASN A N   1 
ATOM   153  C  CA  . ASN A 1 22  ? -10.087 1.597   2.397   1.00 69.63  ? 23   ASN A CA  1 
ATOM   154  C  C   . ASN A 1 22  ? -11.111 1.145   3.411   1.00 72.72  ? 23   ASN A C   1 
ATOM   155  O  O   . ASN A 1 22  ? -10.839 0.255   4.219   1.00 72.97  ? 23   ASN A O   1 
ATOM   156  C  CB  . ASN A 1 22  ? -9.529  2.962   2.794   1.00 68.70  ? 23   ASN A CB  1 
ATOM   157  C  CG  . ASN A 1 22  ? -8.850  2.942   4.167   1.00 68.88  ? 23   ASN A CG  1 
ATOM   158  O  OD1 . ASN A 1 22  ? -8.013  3.791   4.466   1.00 72.38  ? 23   ASN A OD1 1 
ATOM   159  N  ND2 . ASN A 1 22  ? -9.218  1.979   5.008   1.00 67.86  ? 23   ASN A ND2 1 
ATOM   160  N  N   . ARG A 1 23  ? -12.286 1.765   3.366   1.00 75.73  ? 24   ARG A N   1 
ATOM   161  C  CA  . ARG A 1 23  ? -13.371 1.418   4.274   1.00 77.81  ? 24   ARG A CA  1 
ATOM   162  C  C   . ARG A 1 23  ? -13.520 -0.101  4.332   1.00 78.15  ? 24   ARG A C   1 
ATOM   163  O  O   . ARG A 1 23  ? -13.413 -0.718  5.395   1.00 77.18  ? 24   ARG A O   1 
ATOM   164  C  CB  . ARG A 1 23  ? -14.683 2.049   3.791   1.00 80.61  ? 24   ARG A CB  1 
ATOM   165  C  CG  . ARG A 1 23  ? -15.941 1.493   4.474   1.00 86.80  ? 24   ARG A CG  1 
ATOM   166  C  CD  . ARG A 1 23  ? -17.213 2.238   4.069   1.00 97.86  ? 24   ARG A CD  1 
ATOM   167  N  NE  . ARG A 1 23  ? -17.229 3.616   4.563   1.00 108.60 ? 24   ARG A NE  1 
ATOM   168  C  CZ  . ARG A 1 23  ? -18.246 4.459   4.408   1.00 113.26 ? 24   ARG A CZ  1 
ATOM   169  N  NH1 . ARG A 1 23  ? -19.346 4.075   3.770   1.00 114.15 ? 24   ARG A NH1 1 
ATOM   170  N  NH2 . ARG A 1 23  ? -18.162 5.692   4.892   1.00 115.21 ? 24   ARG A NH2 1 
ATOM   171  N  N   . TYR A 1 24  ? -13.757 -0.695  3.169   1.00 78.18  ? 25   TYR A N   1 
ATOM   172  C  CA  . TYR A 1 24  ? -13.925 -2.131  3.066   1.00 78.63  ? 25   TYR A CA  1 
ATOM   173  C  C   . TYR A 1 24  ? -12.861 -2.888  3.833   1.00 78.93  ? 25   TYR A C   1 
ATOM   174  O  O   . TYR A 1 24  ? -13.142 -3.538  4.842   1.00 78.50  ? 25   TYR A O   1 
ATOM   175  C  CB  . TYR A 1 24  ? -13.882 -2.552  1.603   1.00 79.99  ? 25   TYR A CB  1 
ATOM   176  C  CG  . TYR A 1 24  ? -13.935 -4.042  1.411   1.00 85.74  ? 25   TYR A CG  1 
ATOM   177  C  CD1 . TYR A 1 24  ? -14.966 -4.799  1.962   1.00 88.70  ? 25   TYR A CD1 1 
ATOM   178  C  CD2 . TYR A 1 24  ? -12.967 -4.696  0.657   1.00 90.27  ? 25   TYR A CD2 1 
ATOM   179  C  CE1 . TYR A 1 24  ? -15.033 -6.172  1.768   1.00 94.63  ? 25   TYR A CE1 1 
ATOM   180  C  CE2 . TYR A 1 24  ? -13.025 -6.070  0.452   1.00 97.27  ? 25   TYR A CE2 1 
ATOM   181  C  CZ  . TYR A 1 24  ? -14.061 -6.802  1.009   1.00 98.02  ? 25   TYR A CZ  1 
ATOM   182  O  OH  . TYR A 1 24  ? -14.123 -8.159  0.794   1.00 100.00 ? 25   TYR A OH  1 
ATOM   183  N  N   . TYR A 1 25  ? -11.632 -2.793  3.338   1.00 79.20  ? 26   TYR A N   1 
ATOM   184  C  CA  . TYR A 1 25  ? -10.499 -3.473  3.942   1.00 78.47  ? 26   TYR A CA  1 
ATOM   185  C  C   . TYR A 1 25  ? -10.278 -3.149  5.393   1.00 79.41  ? 26   TYR A C   1 
ATOM   186  O  O   . TYR A 1 25  ? -9.878  -4.010  6.170   1.00 78.84  ? 26   TYR A O   1 
ATOM   187  C  CB  . TYR A 1 25  ? -9.234  -3.172  3.154   1.00 76.73  ? 26   TYR A CB  1 
ATOM   188  C  CG  . TYR A 1 25  ? -9.120  -4.043  1.945   1.00 73.71  ? 26   TYR A CG  1 
ATOM   189  C  CD1 . TYR A 1 25  ? -8.707  -3.522  0.720   1.00 74.00  ? 26   TYR A CD1 1 
ATOM   190  C  CD2 . TYR A 1 25  ? -9.468  -5.386  2.015   1.00 73.46  ? 26   TYR A CD2 1 
ATOM   191  C  CE1 . TYR A 1 25  ? -8.652  -4.321  -0.413  1.00 74.83  ? 26   TYR A CE1 1 
ATOM   192  C  CE2 . TYR A 1 25  ? -9.421  -6.194  0.894   1.00 76.83  ? 26   TYR A CE2 1 
ATOM   193  C  CZ  . TYR A 1 25  ? -9.015  -5.656  -0.318  1.00 77.08  ? 26   TYR A CZ  1 
ATOM   194  O  OH  . TYR A 1 25  ? -9.004  -6.458  -1.434  1.00 78.28  ? 26   TYR A OH  1 
ATOM   195  N  N   . SER A 1 26  ? -10.536 -1.910  5.775   1.00 81.99  ? 27   SER A N   1 
ATOM   196  C  CA  . SER A 1 26  ? -10.328 -1.553  7.159   1.00 86.04  ? 27   SER A CA  1 
ATOM   197  C  C   . SER A 1 26  ? -11.184 -2.446  8.054   1.00 88.57  ? 27   SER A C   1 
ATOM   198  O  O   . SER A 1 26  ? -10.728 -2.900  9.106   1.00 88.40  ? 27   SER A O   1 
ATOM   199  C  CB  . SER A 1 26  ? -10.662 -0.087  7.379   1.00 85.10  ? 27   SER A CB  1 
ATOM   200  O  OG  . SER A 1 26  ? -9.942  0.386   8.501   1.00 87.68  ? 27   SER A OG  1 
ATOM   201  N  N   . ASN A 1 27  ? -12.413 -2.717  7.616   1.00 90.46  ? 28   ASN A N   1 
ATOM   202  C  CA  . ASN A 1 27  ? -13.334 -3.565  8.375   1.00 92.46  ? 28   ASN A CA  1 
ATOM   203  C  C   . ASN A 1 27  ? -13.078 -5.055  8.172   1.00 92.00  ? 28   ASN A C   1 
ATOM   204  O  O   . ASN A 1 27  ? -12.909 -5.796  9.135   1.00 91.85  ? 28   ASN A O   1 
ATOM   205  C  CB  . ASN A 1 27  ? -14.791 -3.267  8.001   1.00 93.70  ? 28   ASN A CB  1 
ATOM   206  C  CG  . ASN A 1 27  ? -15.186 -1.834  8.280   1.00 94.29  ? 28   ASN A CG  1 
ATOM   207  O  OD1 . ASN A 1 27  ? -14.717 -1.222  9.240   1.00 96.67  ? 28   ASN A OD1 1 
ATOM   208  N  ND2 . ASN A 1 27  ? -16.066 -1.295  7.450   1.00 95.99  ? 28   ASN A ND2 1 
ATOM   209  N  N   . LYS A 1 28  ? -13.049 -5.493  6.919   1.00 93.50  ? 29   LYS A N   1 
ATOM   210  C  CA  . LYS A 1 28  ? -12.834 -6.902  6.622   1.00 94.61  ? 29   LYS A CA  1 
ATOM   211  C  C   . LYS A 1 28  ? -11.540 -7.519  7.141   1.00 94.39  ? 29   LYS A C   1 
ATOM   212  O  O   . LYS A 1 28  ? -11.518 -8.700  7.481   1.00 96.92  ? 29   LYS A O   1 
ATOM   213  C  CB  . LYS A 1 28  ? -12.896 -7.151  5.116   1.00 96.03  ? 29   LYS A CB  1 
ATOM   214  C  CG  . LYS A 1 28  ? -12.687 -8.618  4.750   1.00 97.75  ? 29   LYS A CG  1 
ATOM   215  C  CD  . LYS A 1 28  ? -12.510 -8.809  3.256   1.00 101.70 ? 29   LYS A CD  1 
ATOM   216  C  CE  . LYS A 1 28  ? -12.305 -10.276 2.901   1.00 104.18 ? 29   LYS A CE  1 
ATOM   217  N  NZ  . LYS A 1 28  ? -12.013 -10.463 1.445   1.00 106.90 ? 29   LYS A NZ  1 
ATOM   218  N  N   . VAL A 1 29  ? -10.465 -6.741  7.209   1.00 93.47  ? 30   VAL A N   1 
ATOM   219  C  CA  . VAL A 1 29  ? -9.182  -7.292  7.636   1.00 91.36  ? 30   VAL A CA  1 
ATOM   220  C  C   . VAL A 1 29  ? -8.376  -6.465  8.630   1.00 91.10  ? 30   VAL A C   1 
ATOM   221  O  O   . VAL A 1 29  ? -8.098  -6.903  9.746   1.00 88.70  ? 30   VAL A O   1 
ATOM   222  C  CB  . VAL A 1 29  ? -8.278  -7.532  6.409   1.00 90.20  ? 30   VAL A CB  1 
ATOM   223  C  CG1 . VAL A 1 29  ? -7.016  -8.255  6.828   1.00 89.94  ? 30   VAL A CG1 1 
ATOM   224  C  CG2 . VAL A 1 29  ? -9.032  -8.308  5.350   1.00 85.76  ? 30   VAL A CG2 1 
ATOM   225  N  N   . PHE A 1 30  ? -7.982  -5.277  8.191   1.00 91.20  ? 31   PHE A N   1 
ATOM   226  C  CA  . PHE A 1 30  ? -7.171  -4.361  8.982   1.00 93.81  ? 31   PHE A CA  1 
ATOM   227  C  C   . PHE A 1 30  ? -7.352  -4.443  10.494  1.00 95.74  ? 31   PHE A C   1 
ATOM   228  O  O   . PHE A 1 30  ? -6.364  -4.485  11.222  1.00 95.99  ? 31   PHE A O   1 
ATOM   229  C  CB  . PHE A 1 30  ? -7.393  -2.920  8.497   1.00 91.61  ? 31   PHE A CB  1 
ATOM   230  C  CG  . PHE A 1 30  ? -6.841  -2.644  7.109   1.00 87.42  ? 31   PHE A CG  1 
ATOM   231  C  CD1 . PHE A 1 30  ? -6.593  -3.686  6.210   1.00 85.28  ? 31   PHE A CD1 1 
ATOM   232  C  CD2 . PHE A 1 30  ? -6.612  -1.338  6.688   1.00 84.02  ? 31   PHE A CD2 1 
ATOM   233  C  CE1 . PHE A 1 30  ? -6.132  -3.428  4.922   1.00 78.63  ? 31   PHE A CE1 1 
ATOM   234  C  CE2 . PHE A 1 30  ? -6.150  -1.072  5.396   1.00 79.97  ? 31   PHE A CE2 1 
ATOM   235  C  CZ  . PHE A 1 30  ? -5.910  -2.116  4.515   1.00 78.89  ? 31   PHE A CZ  1 
ATOM   236  N  N   . LYS A 1 31  ? -8.597  -4.480  10.970  1.00 98.39  ? 32   LYS A N   1 
ATOM   237  C  CA  . LYS A 1 31  ? -8.851  -4.542  12.416  1.00 99.85  ? 32   LYS A CA  1 
ATOM   238  C  C   . LYS A 1 31  ? -8.399  -5.852  13.068  1.00 97.77  ? 32   LYS A C   1 
ATOM   239  O  O   . LYS A 1 31  ? -7.873  -5.853  14.190  1.00 98.27  ? 32   LYS A O   1 
ATOM   240  C  CB  . LYS A 1 31  ? -10.337 -4.309  12.717  1.00 103.16 ? 32   LYS A CB  1 
ATOM   241  C  CG  . LYS A 1 31  ? -11.286 -5.359  12.151  1.00 108.81 ? 32   LYS A CG  1 
ATOM   242  C  CD  . LYS A 1 31  ? -12.690 -5.215  12.750  1.00 113.63 ? 32   LYS A CD  1 
ATOM   243  C  CE  . LYS A 1 31  ? -13.297 -3.838  12.478  1.00 116.65 ? 32   LYS A CE  1 
ATOM   244  N  NZ  . LYS A 1 31  ? -14.631 -3.683  13.118  1.00 116.91 ? 32   LYS A NZ  1 
ATOM   245  N  N   . LYS A 1 32  ? -8.616  -6.963  12.368  1.00 96.99  ? 33   LYS A N   1 
ATOM   246  C  CA  . LYS A 1 32  ? -8.219  -8.275  12.862  1.00 94.71  ? 33   LYS A CA  1 
ATOM   247  C  C   . LYS A 1 32  ? -6.735  -8.233  13.216  1.00 95.47  ? 33   LYS A C   1 
ATOM   248  O  O   . LYS A 1 32  ? -6.283  -8.949  14.107  1.00 95.28  ? 33   LYS A O   1 
ATOM   249  C  CB  . LYS A 1 32  ? -8.456  -9.340  11.788  1.00 93.27  ? 33   LYS A CB  1 
ATOM   250  C  CG  . LYS A 1 32  ? -8.098  -10.753 12.221  1.00 90.41  ? 33   LYS A CG  1 
ATOM   251  C  CD  . LYS A 1 32  ? -7.998  -11.703 11.030  1.00 90.70  ? 33   LYS A CD  1 
ATOM   252  C  CE  . LYS A 1 32  ? -9.327  -11.889 10.308  1.00 92.85  ? 33   LYS A CE  1 
ATOM   253  N  NZ  . LYS A 1 32  ? -10.291 -12.761 11.051  1.00 94.77  ? 33   LYS A NZ  1 
ATOM   254  N  N   . TYR A 1 33  ? -5.986  -7.381  12.510  1.00 95.13  ? 34   TYR A N   1 
ATOM   255  C  CA  . TYR A 1 33  ? -4.549  -7.234  12.730  1.00 93.82  ? 34   TYR A CA  1 
ATOM   256  C  C   . TYR A 1 33  ? -4.111  -5.836  13.138  1.00 93.49  ? 34   TYR A C   1 
ATOM   257  O  O   . TYR A 1 33  ? -2.931  -5.609  13.395  1.00 92.85  ? 34   TYR A O   1 
ATOM   258  C  CB  . TYR A 1 33  ? -3.787  -7.634  11.477  1.00 93.33  ? 34   TYR A CB  1 
ATOM   259  C  CG  . TYR A 1 33  ? -3.943  -9.087  11.131  1.00 93.89  ? 34   TYR A CG  1 
ATOM   260  C  CD1 . TYR A 1 33  ? -4.861  -9.503  10.166  1.00 93.81  ? 34   TYR A CD1 1 
ATOM   261  C  CD2 . TYR A 1 33  ? -3.166  -10.049 11.766  1.00 94.67  ? 34   TYR A CD2 1 
ATOM   262  C  CE1 . TYR A 1 33  ? -4.993  -10.845 9.842   1.00 95.40  ? 34   TYR A CE1 1 
ATOM   263  C  CE2 . TYR A 1 33  ? -3.291  -11.388 11.453  1.00 96.90  ? 34   TYR A CE2 1 
ATOM   264  C  CZ  . TYR A 1 33  ? -4.201  -11.782 10.491  1.00 97.25  ? 34   TYR A CZ  1 
ATOM   265  O  OH  . TYR A 1 33  ? -4.287  -13.116 10.180  1.00 100.01 ? 34   TYR A OH  1 
ATOM   266  N  N   . ASN A 1 34  ? -5.057  -4.902  13.184  1.00 92.66  ? 35   ASN A N   1 
ATOM   267  C  CA  . ASN A 1 34  ? -4.770  -3.525  13.575  1.00 92.09  ? 35   ASN A CA  1 
ATOM   268  C  C   . ASN A 1 34  ? -3.885  -2.811  12.546  1.00 90.23  ? 35   ASN A C   1 
ATOM   269  O  O   . ASN A 1 34  ? -2.892  -2.173  12.902  1.00 91.05  ? 35   ASN A O   1 
ATOM   270  C  CB  . ASN A 1 34  ? -4.097  -3.530  14.954  1.00 92.77  ? 35   ASN A CB  1 
ATOM   271  C  CG  . ASN A 1 34  ? -3.915  -2.141  15.524  1.00 94.17  ? 35   ASN A CG  1 
ATOM   272  O  OD1 . ASN A 1 34  ? -4.870  -1.374  15.623  1.00 93.97  ? 35   ASN A OD1 1 
ATOM   273  N  ND2 . ASN A 1 34  ? -2.682  -1.813  15.912  1.00 94.08  ? 35   ASN A ND2 1 
ATOM   274  N  N   . LEU A 1 35  ? -4.259  -2.907  11.272  1.00 88.08  ? 36   LEU A N   1 
ATOM   275  C  CA  . LEU A 1 35  ? -3.490  -2.294  10.187  1.00 85.56  ? 36   LEU A CA  1 
ATOM   276  C  C   . LEU A 1 35  ? -4.052  -0.978  9.680   1.00 82.90  ? 36   LEU A C   1 
ATOM   277  O  O   . LEU A 1 35  ? -5.131  -0.558  10.080  1.00 85.38  ? 36   LEU A O   1 
ATOM   278  C  CB  . LEU A 1 35  ? -3.415  -3.251  9.003   1.00 87.04  ? 36   LEU A CB  1 
ATOM   279  C  CG  . LEU A 1 35  ? -2.594  -4.517  9.190   1.00 88.13  ? 36   LEU A CG  1 
ATOM   280  C  CD1 . LEU A 1 35  ? -2.760  -5.409  7.973   1.00 88.43  ? 36   LEU A CD1 1 
ATOM   281  C  CD2 . LEU A 1 35  ? -1.134  -4.143  9.390   1.00 89.98  ? 36   LEU A CD2 1 
ATOM   282  N  N   . THR A 1 36  ? -3.305  -0.327  8.798   1.00 79.58  ? 37   THR A N   1 
ATOM   283  C  CA  . THR A 1 36  ? -3.758  0.915   8.189   1.00 76.29  ? 37   THR A CA  1 
ATOM   284  C  C   . THR A 1 36  ? -3.435  0.748   6.705   1.00 76.86  ? 37   THR A C   1 
ATOM   285  O  O   . THR A 1 36  ? -2.472  0.068   6.351   1.00 77.87  ? 37   THR A O   1 
ATOM   286  C  CB  . THR A 1 36  ? -3.043  2.152   8.779   1.00 75.01  ? 37   THR A CB  1 
ATOM   287  O  OG1 . THR A 1 36  ? -1.859  2.444   8.030   1.00 73.57  ? 37   THR A OG1 1 
ATOM   288  C  CG2 . THR A 1 36  ? -2.675  1.897   10.225  1.00 71.60  ? 37   THR A CG2 1 
ATOM   289  N  N   . TYR A 1 37  ? -4.243  1.340   5.835   1.00 75.04  ? 38   TYR A N   1 
ATOM   290  C  CA  . TYR A 1 37  ? -4.033  1.189   4.402   1.00 73.73  ? 38   TYR A CA  1 
ATOM   291  C  C   . TYR A 1 37  ? -2.552  1.257   3.999   1.00 72.74  ? 38   TYR A C   1 
ATOM   292  O  O   . TYR A 1 37  ? -2.011  0.289   3.462   1.00 71.40  ? 38   TYR A O   1 
ATOM   293  C  CB  . TYR A 1 37  ? -4.853  2.224   3.628   1.00 74.06  ? 38   TYR A CB  1 
ATOM   294  C  CG  . TYR A 1 37  ? -5.202  1.772   2.234   1.00 77.22  ? 38   TYR A CG  1 
ATOM   295  C  CD1 . TYR A 1 37  ? -6.200  0.821   2.015   1.00 80.35  ? 38   TYR A CD1 1 
ATOM   296  C  CD2 . TYR A 1 37  ? -4.518  2.272   1.129   1.00 79.75  ? 38   TYR A CD2 1 
ATOM   297  C  CE1 . TYR A 1 37  ? -6.508  0.379   0.718   1.00 83.99  ? 38   TYR A CE1 1 
ATOM   298  C  CE2 . TYR A 1 37  ? -4.813  1.839   -0.165  1.00 83.91  ? 38   TYR A CE2 1 
ATOM   299  C  CZ  . TYR A 1 37  ? -5.809  0.895   -0.367  1.00 85.03  ? 38   TYR A CZ  1 
ATOM   300  O  OH  . TYR A 1 37  ? -6.102  0.492   -1.650  1.00 83.12  ? 38   TYR A OH  1 
ATOM   301  N  N   . PRO A 1 38  ? -1.875  2.394   4.250   1.00 69.96  ? 39   PRO A N   1 
ATOM   302  C  CA  . PRO A 1 38  ? -0.463  2.428   3.858   1.00 68.53  ? 39   PRO A CA  1 
ATOM   303  C  C   . PRO A 1 38  ? 0.351   1.259   4.417   1.00 66.48  ? 39   PRO A C   1 
ATOM   304  O  O   . PRO A 1 38  ? 1.087   0.610   3.676   1.00 66.34  ? 39   PRO A O   1 
ATOM   305  C  CB  . PRO A 1 38  ? 0.016   3.805   4.355   1.00 68.61  ? 39   PRO A CB  1 
ATOM   306  C  CG  . PRO A 1 38  ? -1.006  4.220   5.360   1.00 69.51  ? 39   PRO A CG  1 
ATOM   307  C  CD  . PRO A 1 38  ? -2.294  3.695   4.793   1.00 69.70  ? 39   PRO A CD  1 
ATOM   308  N  N   . GLN A 1 39  ? 0.223   0.984   5.709   1.00 64.31  ? 40   GLN A N   1 
ATOM   309  C  CA  . GLN A 1 39  ? 0.952   -0.136  6.290   1.00 63.10  ? 40   GLN A CA  1 
ATOM   310  C  C   . GLN A 1 39  ? 0.704   -1.356  5.414   1.00 62.15  ? 40   GLN A C   1 
ATOM   311  O  O   . GLN A 1 39  ? 1.610   -2.137  5.113   1.00 61.96  ? 40   GLN A O   1 
ATOM   312  C  CB  . GLN A 1 39  ? 0.458   -0.415  7.708   1.00 64.22  ? 40   GLN A CB  1 
ATOM   313  C  CG  . GLN A 1 39  ? 1.116   0.436   8.781   1.00 68.38  ? 40   GLN A CG  1 
ATOM   314  C  CD  . GLN A 1 39  ? 0.500   0.230   10.159  1.00 72.68  ? 40   GLN A CD  1 
ATOM   315  O  OE1 . GLN A 1 39  ? 0.120   -0.888  10.533  1.00 73.85  ? 40   GLN A OE1 1 
ATOM   316  N  NE2 . GLN A 1 39  ? 0.408   1.314   10.928  1.00 76.40  ? 40   GLN A NE2 1 
ATOM   317  N  N   . PHE A 1 40  ? -0.546  -1.498  5.001   1.00 61.48  ? 41   PHE A N   1 
ATOM   318  C  CA  . PHE A 1 40  ? -0.967  -2.601  4.154   1.00 59.79  ? 41   PHE A CA  1 
ATOM   319  C  C   . PHE A 1 40  ? -0.171  -2.574  2.851   1.00 57.84  ? 41   PHE A C   1 
ATOM   320  O  O   . PHE A 1 40  ? 0.353   -3.592  2.412   1.00 57.16  ? 41   PHE A O   1 
ATOM   321  C  CB  . PHE A 1 40  ? -2.482  -2.478  3.906   1.00 61.37  ? 41   PHE A CB  1 
ATOM   322  C  CG  . PHE A 1 40  ? -2.948  -3.055  2.597   1.00 62.46  ? 41   PHE A CG  1 
ATOM   323  C  CD1 . PHE A 1 40  ? -2.967  -4.437  2.389   1.00 59.51  ? 41   PHE A CD1 1 
ATOM   324  C  CD2 . PHE A 1 40  ? -3.347  -2.205  1.557   1.00 61.01  ? 41   PHE A CD2 1 
ATOM   325  C  CE1 . PHE A 1 40  ? -3.373  -4.972  1.160   1.00 57.55  ? 41   PHE A CE1 1 
ATOM   326  C  CE2 . PHE A 1 40  ? -3.753  -2.723  0.325   1.00 59.64  ? 41   PHE A CE2 1 
ATOM   327  C  CZ  . PHE A 1 40  ? -3.764  -4.114  0.128   1.00 58.57  ? 41   PHE A CZ  1 
ATOM   328  N  N   . LEU A 1 41  ? -0.074  -1.402  2.243   1.00 56.23  ? 42   LEU A N   1 
ATOM   329  C  CA  . LEU A 1 41  ? 0.671   -1.251  1.004   1.00 55.93  ? 42   LEU A CA  1 
ATOM   330  C  C   . LEU A 1 41  ? 2.130   -1.688  1.176   1.00 56.27  ? 42   LEU A C   1 
ATOM   331  O  O   . LEU A 1 41  ? 2.694   -2.385  0.319   1.00 55.50  ? 42   LEU A O   1 
ATOM   332  C  CB  . LEU A 1 41  ? 0.605   0.201   0.538   1.00 54.80  ? 42   LEU A CB  1 
ATOM   333  C  CG  . LEU A 1 41  ? -0.772  0.596   -0.002  1.00 53.61  ? 42   LEU A CG  1 
ATOM   334  C  CD1 . LEU A 1 41  ? -0.774  2.051   -0.443  1.00 55.01  ? 42   LEU A CD1 1 
ATOM   335  C  CD2 . LEU A 1 41  ? -1.131  -0.303  -1.169  1.00 50.54  ? 42   LEU A CD2 1 
ATOM   336  N  N   . VAL A 1 42  ? 2.736   -1.274  2.287   1.00 56.43  ? 43   VAL A N   1 
ATOM   337  C  CA  . VAL A 1 42  ? 4.115   -1.636  2.588   1.00 55.83  ? 43   VAL A CA  1 
ATOM   338  C  C   . VAL A 1 42  ? 4.247   -3.156  2.606   1.00 56.41  ? 43   VAL A C   1 
ATOM   339  O  O   . VAL A 1 42  ? 5.124   -3.719  1.954   1.00 57.29  ? 43   VAL A O   1 
ATOM   340  C  CB  . VAL A 1 42  ? 4.558   -1.067  3.957   1.00 54.78  ? 43   VAL A CB  1 
ATOM   341  C  CG1 . VAL A 1 42  ? 5.837   -1.741  4.422   1.00 52.15  ? 43   VAL A CG1 1 
ATOM   342  C  CG2 . VAL A 1 42  ? 4.772   0.431   3.848   1.00 50.90  ? 43   VAL A CG2 1 
ATOM   343  N  N   . LEU A 1 43  ? 3.373   -3.822  3.351   1.00 57.92  ? 44   LEU A N   1 
ATOM   344  C  CA  . LEU A 1 43  ? 3.427   -5.277  3.425   1.00 59.82  ? 44   LEU A CA  1 
ATOM   345  C  C   . LEU A 1 43  ? 3.270   -5.864  2.045   1.00 59.25  ? 44   LEU A C   1 
ATOM   346  O  O   . LEU A 1 43  ? 3.891   -6.865  1.707   1.00 59.05  ? 44   LEU A O   1 
ATOM   347  C  CB  . LEU A 1 43  ? 2.315   -5.812  4.320   1.00 61.33  ? 44   LEU A CB  1 
ATOM   348  C  CG  . LEU A 1 43  ? 2.370   -5.363  5.774   1.00 66.87  ? 44   LEU A CG  1 
ATOM   349  C  CD1 . LEU A 1 43  ? 1.283   -6.100  6.529   1.00 71.86  ? 44   LEU A CD1 1 
ATOM   350  C  CD2 . LEU A 1 43  ? 3.734   -5.667  6.387   1.00 68.67  ? 44   LEU A CD2 1 
ATOM   351  N  N   . THR A 1 44  ? 2.423   -5.225  1.252   1.00 58.55  ? 45   THR A N   1 
ATOM   352  C  CA  . THR A 1 44  ? 2.162   -5.676  -0.097  1.00 57.53  ? 45   THR A CA  1 
ATOM   353  C  C   . THR A 1 44  ? 3.486   -5.721  -0.818  1.00 56.70  ? 45   THR A C   1 
ATOM   354  O  O   . THR A 1 44  ? 3.815   -6.715  -1.471  1.00 57.96  ? 45   THR A O   1 
ATOM   355  C  CB  . THR A 1 44  ? 1.218   -4.714  -0.819  1.00 59.62  ? 45   THR A CB  1 
ATOM   356  O  OG1 . THR A 1 44  ? 0.002   -4.586  -0.064  1.00 59.59  ? 45   THR A OG1 1 
ATOM   357  C  CG2 . THR A 1 44  ? 0.913   -5.227  -2.218  1.00 58.13  ? 45   THR A CG2 1 
ATOM   358  N  N   . ILE A 1 45  ? 4.251   -4.640  -0.697  1.00 54.53  ? 46   ILE A N   1 
ATOM   359  C  CA  . ILE A 1 45  ? 5.561   -4.587  -1.320  1.00 51.89  ? 46   ILE A CA  1 
ATOM   360  C  C   . ILE A 1 45  ? 6.457   -5.687  -0.745  1.00 52.07  ? 46   ILE A C   1 
ATOM   361  O  O   . ILE A 1 45  ? 7.131   -6.393  -1.483  1.00 52.72  ? 46   ILE A O   1 
ATOM   362  C  CB  . ILE A 1 45  ? 6.235   -3.237  -1.077  1.00 51.36  ? 46   ILE A CB  1 
ATOM   363  C  CG1 . ILE A 1 45  ? 5.471   -2.147  -1.812  1.00 51.07  ? 46   ILE A CG1 1 
ATOM   364  C  CG2 . ILE A 1 45  ? 7.678   -3.268  -1.561  1.00 50.42  ? 46   ILE A CG2 1 
ATOM   365  C  CD1 . ILE A 1 45  ? 6.133   -0.790  -1.726  1.00 49.01  ? 46   ILE A CD1 1 
ATOM   366  N  N   . LEU A 1 46  ? 6.458   -5.842  0.570   1.00 51.77  ? 47   LEU A N   1 
ATOM   367  C  CA  . LEU A 1 46  ? 7.294   -6.858  1.178   1.00 54.09  ? 47   LEU A CA  1 
ATOM   368  C  C   . LEU A 1 46  ? 6.888   -8.277  0.862   1.00 57.89  ? 47   LEU A C   1 
ATOM   369  O  O   . LEU A 1 46  ? 7.734   -9.178  0.876   1.00 58.19  ? 47   LEU A O   1 
ATOM   370  C  CB  . LEU A 1 46  ? 7.328   -6.704  2.691   1.00 51.98  ? 47   LEU A CB  1 
ATOM   371  C  CG  . LEU A 1 46  ? 8.236   -5.609  3.237   1.00 48.27  ? 47   LEU A CG  1 
ATOM   372  C  CD1 . LEU A 1 46  ? 8.120   -5.583  4.749   1.00 46.50  ? 47   LEU A CD1 1 
ATOM   373  C  CD2 . LEU A 1 46  ? 9.676   -5.866  2.793   1.00 44.97  ? 47   LEU A CD2 1 
ATOM   374  N  N   . TRP A 1 47  ? 5.602   -8.498  0.598   1.00 61.66  ? 48   TRP A N   1 
ATOM   375  C  CA  . TRP A 1 47  ? 5.146   -9.854  0.297   1.00 64.17  ? 48   TRP A CA  1 
ATOM   376  C  C   . TRP A 1 47  ? 5.630   -10.252 -1.067  1.00 66.17  ? 48   TRP A C   1 
ATOM   377  O  O   . TRP A 1 47  ? 5.755   -11.436 -1.378  1.00 65.89  ? 48   TRP A O   1 
ATOM   378  C  CB  . TRP A 1 47  ? 3.631   -9.958  0.360   1.00 63.03  ? 48   TRP A CB  1 
ATOM   379  C  CG  . TRP A 1 47  ? 3.134   -9.997  1.748   1.00 64.45  ? 48   TRP A CG  1 
ATOM   380  C  CD1 . TRP A 1 47  ? 3.673   -10.694 2.787   1.00 64.64  ? 48   TRP A CD1 1 
ATOM   381  C  CD2 . TRP A 1 47  ? 1.977   -9.341  2.259   1.00 67.06  ? 48   TRP A CD2 1 
ATOM   382  N  NE1 . TRP A 1 47  ? 2.921   -10.513 3.916   1.00 66.91  ? 48   TRP A NE1 1 
ATOM   383  C  CE2 . TRP A 1 47  ? 1.872   -9.686  3.621   1.00 67.83  ? 48   TRP A CE2 1 
ATOM   384  C  CE3 . TRP A 1 47  ? 1.016   -8.494  1.697   1.00 69.83  ? 48   TRP A CE3 1 
ATOM   385  C  CZ2 . TRP A 1 47  ? 0.846   -9.211  4.435   1.00 70.05  ? 48   TRP A CZ2 1 
ATOM   386  C  CZ3 . TRP A 1 47  ? -0.004  -8.020  2.507   1.00 70.82  ? 48   TRP A CZ3 1 
ATOM   387  C  CH2 . TRP A 1 47  ? -0.081  -8.382  3.863   1.00 71.03  ? 48   TRP A CH2 1 
ATOM   388  N  N   . ASP A 1 48  ? 5.914   -9.241  -1.875  1.00 70.16  ? 49   ASP A N   1 
ATOM   389  C  CA  . ASP A 1 48  ? 6.409   -9.460  -3.213  1.00 74.56  ? 49   ASP A CA  1 
ATOM   390  C  C   . ASP A 1 48  ? 7.940   -9.550  -3.189  1.00 77.13  ? 49   ASP A C   1 
ATOM   391  O  O   . ASP A 1 48  ? 8.530   -10.254 -4.009  1.00 77.14  ? 49   ASP A O   1 
ATOM   392  C  CB  . ASP A 1 48  ? 5.939   -8.315  -4.120  1.00 74.86  ? 49   ASP A CB  1 
ATOM   393  C  CG  . ASP A 1 48  ? 6.468   -8.437  -5.538  1.00 78.27  ? 49   ASP A CG  1 
ATOM   394  O  OD1 . ASP A 1 48  ? 7.653   -8.123  -5.778  1.00 80.52  ? 49   ASP A OD1 1 
ATOM   395  O  OD2 . ASP A 1 48  ? 5.698   -8.858  -6.423  1.00 84.73  ? 49   ASP A OD2 1 
ATOM   396  N  N   . GLU A 1 49  ? 8.578   -8.861  -2.239  1.00 78.57  ? 50   GLU A N   1 
ATOM   397  C  CA  . GLU A 1 49  ? 10.039  -8.866  -2.148  1.00 79.91  ? 50   GLU A CA  1 
ATOM   398  C  C   . GLU A 1 49  ? 10.581  -9.033  -0.731  1.00 76.42  ? 50   GLU A C   1 
ATOM   399  O  O   . GLU A 1 49  ? 10.609  -8.077  0.035   1.00 73.35  ? 50   GLU A O   1 
ATOM   400  C  CB  . GLU A 1 49  ? 10.595  -7.580  -2.753  1.00 84.21  ? 50   GLU A CB  1 
ATOM   401  C  CG  . GLU A 1 49  ? 12.033  -7.724  -3.157  1.00 96.99  ? 50   GLU A CG  1 
ATOM   402  C  CD  . GLU A 1 49  ? 12.271  -9.048  -3.858  1.00 107.97 ? 50   GLU A CD  1 
ATOM   403  O  OE1 . GLU A 1 49  ? 11.841  -9.191  -5.026  1.00 116.08 ? 50   GLU A OE1 1 
ATOM   404  O  OE2 . GLU A 1 49  ? 12.871  -9.950  -3.230  1.00 118.14 ? 50   GLU A OE2 1 
ATOM   405  N  N   . SER A 1 50  ? 11.039  -10.252 -0.422  1.00 72.07  ? 51   SER A N   1 
ATOM   406  C  CA  . SER A 1 50  ? 11.560  -10.636 0.901   1.00 68.22  ? 51   SER A CA  1 
ATOM   407  C  C   . SER A 1 50  ? 12.081  -9.443  1.681   1.00 64.62  ? 51   SER A C   1 
ATOM   408  O  O   . SER A 1 50  ? 11.400  -9.012  2.630   1.00 60.14  ? 51   SER A O   1 
ATOM   409  C  CB  . SER A 1 50  ? 12.605  -11.766 0.766   1.00 70.04  ? 51   SER A CB  1 
ATOM   410  O  OG  . SER A 1 50  ? 11.995  -13.010 0.411   1.00 72.54  ? 51   SER A OG  1 
ATOM   411  N  N   . PRO A 1 51  ? 13.316  -8.958  1.381   1.00 56.83  ? 52   PRO A N   1 
ATOM   412  C  CA  . PRO A 1 51  ? 13.839  -7.774  2.089   1.00 55.80  ? 52   PRO A CA  1 
ATOM   413  C  C   . PRO A 1 51  ? 13.927  -6.701  1.013   1.00 56.96  ? 52   PRO A C   1 
ATOM   414  O  O   . PRO A 1 51  ? 14.278  -6.982  -0.136  1.00 55.63  ? 52   PRO A O   1 
ATOM   415  C  CB  . PRO A 1 51  ? 15.215  -8.212  2.578   1.00 52.75  ? 52   PRO A CB  1 
ATOM   416  C  CG  . PRO A 1 51  ? 15.687  -9.032  1.489   1.00 55.96  ? 52   PRO A CG  1 
ATOM   417  C  CD  . PRO A 1 51  ? 14.448  -9.794  0.941   1.00 56.63  ? 52   PRO A CD  1 
ATOM   418  N  N   . VAL A 1 52  ? 13.588  -5.474  1.351   1.00 53.27  ? 53   VAL A N   1 
ATOM   419  C  CA  . VAL A 1 52  ? 13.644  -4.444  0.331   1.00 50.37  ? 53   VAL A CA  1 
ATOM   420  C  C   . VAL A 1 52  ? 14.239  -3.147  0.876   1.00 50.23  ? 53   VAL A C   1 
ATOM   421  O  O   . VAL A 1 52  ? 14.182  -2.876  2.074   1.00 49.46  ? 53   VAL A O   1 
ATOM   422  C  CB  . VAL A 1 52  ? 12.214  -4.214  -0.266  1.00 52.62  ? 53   VAL A CB  1 
ATOM   423  C  CG1 . VAL A 1 52  ? 11.326  -3.422  0.705   1.00 48.81  ? 53   VAL A CG1 1 
ATOM   424  C  CG2 . VAL A 1 52  ? 12.324  -3.528  -1.597  1.00 55.35  ? 53   VAL A CG2 1 
ATOM   425  N  N   . ASN A 1 53  ? 14.835  -2.360  -0.007  1.00 49.42  ? 54   ASN A N   1 
ATOM   426  C  CA  . ASN A 1 53  ? 15.434  -1.085  0.389   1.00 48.00  ? 54   ASN A CA  1 
ATOM   427  C  C   . ASN A 1 53  ? 14.343  -0.047  0.694   1.00 47.95  ? 54   ASN A C   1 
ATOM   428  O  O   . ASN A 1 53  ? 13.387  0.130   -0.072  1.00 45.92  ? 54   ASN A O   1 
ATOM   429  C  CB  . ASN A 1 53  ? 16.347  -0.577  -0.730  1.00 47.14  ? 54   ASN A CB  1 
ATOM   430  C  CG  . ASN A 1 53  ? 17.051  0.702   -0.366  1.00 47.84  ? 54   ASN A CG  1 
ATOM   431  O  OD1 . ASN A 1 53  ? 16.433  1.641   0.128   1.00 49.81  ? 54   ASN A OD1 1 
ATOM   432  N  ND2 . ASN A 1 53  ? 18.354  0.753   -0.618  1.00 50.02  ? 54   ASN A ND2 1 
ATOM   433  N  N   . VAL A 1 54  ? 14.475  0.639   1.816   1.00 47.83  ? 55   VAL A N   1 
ATOM   434  C  CA  . VAL A 1 54  ? 13.470  1.619   2.166   1.00 48.85  ? 55   VAL A CA  1 
ATOM   435  C  C   . VAL A 1 54  ? 13.142  2.541   1.007   1.00 51.23  ? 55   VAL A C   1 
ATOM   436  O  O   . VAL A 1 54  ? 11.996  2.953   0.846   1.00 53.93  ? 55   VAL A O   1 
ATOM   437  C  CB  . VAL A 1 54  ? 13.911  2.463   3.360   1.00 47.98  ? 55   VAL A CB  1 
ATOM   438  C  CG1 . VAL A 1 54  ? 13.011  3.659   3.505   1.00 47.55  ? 55   VAL A CG1 1 
ATOM   439  C  CG2 . VAL A 1 54  ? 13.841  1.632   4.619   1.00 46.27  ? 55   VAL A CG2 1 
ATOM   440  N  N   . LYS A 1 55  ? 14.138  2.859   0.190   1.00 53.06  ? 56   LYS A N   1 
ATOM   441  C  CA  . LYS A 1 55  ? 13.926  3.755   -0.935  1.00 54.33  ? 56   LYS A CA  1 
ATOM   442  C  C   . LYS A 1 55  ? 12.809  3.290   -1.844  1.00 56.21  ? 56   LYS A C   1 
ATOM   443  O  O   . LYS A 1 55  ? 12.178  4.101   -2.502  1.00 56.37  ? 56   LYS A O   1 
ATOM   444  C  CB  . LYS A 1 55  ? 15.220  3.936   -1.733  1.00 55.36  ? 56   LYS A CB  1 
ATOM   445  C  CG  . LYS A 1 55  ? 16.276  4.768   -0.992  1.00 60.89  ? 56   LYS A CG  1 
ATOM   446  C  CD  . LYS A 1 55  ? 17.534  5.028   -1.829  1.00 71.14  ? 56   LYS A CD  1 
ATOM   447  C  CE  . LYS A 1 55  ? 18.266  3.734   -2.211  1.00 81.53  ? 56   LYS A CE  1 
ATOM   448  N  NZ  . LYS A 1 55  ? 19.544  3.976   -2.953  1.00 82.50  ? 56   LYS A NZ  1 
ATOM   449  N  N   . LYS A 1 56  ? 12.551  1.989   -1.888  1.00 57.62  ? 57   LYS A N   1 
ATOM   450  C  CA  . LYS A 1 56  ? 11.475  1.499   -2.731  1.00 59.00  ? 57   LYS A CA  1 
ATOM   451  C  C   . LYS A 1 56  ? 10.113  1.852   -2.131  1.00 60.11  ? 57   LYS A C   1 
ATOM   452  O  O   . LYS A 1 56  ? 9.162   2.158   -2.855  1.00 62.49  ? 57   LYS A O   1 
ATOM   453  C  CB  . LYS A 1 56  ? 11.560  -0.008  -2.933  1.00 58.95  ? 57   LYS A CB  1 
ATOM   454  C  CG  . LYS A 1 56  ? 10.402  -0.507  -3.765  1.00 62.66  ? 57   LYS A CG  1 
ATOM   455  C  CD  . LYS A 1 56  ? 10.719  -1.767  -4.562  1.00 74.44  ? 57   LYS A CD  1 
ATOM   456  C  CE  . LYS A 1 56  ? 9.564   -2.098  -5.524  1.00 82.80  ? 57   LYS A CE  1 
ATOM   457  N  NZ  . LYS A 1 56  ? 9.744   -3.373  -6.283  1.00 85.94  ? 57   LYS A NZ  1 
ATOM   458  N  N   . VAL A 1 57  ? 10.008  1.806   -0.810  1.00 59.27  ? 58   VAL A N   1 
ATOM   459  C  CA  . VAL A 1 57  ? 8.755   2.154   -0.181  1.00 57.58  ? 58   VAL A CA  1 
ATOM   460  C  C   . VAL A 1 57  ? 8.494   3.613   -0.483  1.00 57.48  ? 58   VAL A C   1 
ATOM   461  O  O   . VAL A 1 57  ? 7.410   3.978   -0.900  1.00 57.71  ? 58   VAL A O   1 
ATOM   462  C  CB  . VAL A 1 57  ? 8.813   1.957   1.327   1.00 56.73  ? 58   VAL A CB  1 
ATOM   463  C  CG1 . VAL A 1 57  ? 7.605   2.601   1.983   1.00 55.26  ? 58   VAL A CG1 1 
ATOM   464  C  CG2 . VAL A 1 57  ? 8.840   0.488   1.635   1.00 55.38  ? 58   VAL A CG2 1 
ATOM   465  N  N   . VAL A 1 58  ? 9.499   4.452   -0.280  1.00 58.17  ? 59   VAL A N   1 
ATOM   466  C  CA  . VAL A 1 58  ? 9.338   5.874   -0.558  1.00 58.99  ? 59   VAL A CA  1 
ATOM   467  C  C   . VAL A 1 58  ? 8.924   6.092   -2.007  1.00 58.62  ? 59   VAL A C   1 
ATOM   468  O  O   . VAL A 1 58  ? 8.158   7.003   -2.303  1.00 58.85  ? 59   VAL A O   1 
ATOM   469  C  CB  . VAL A 1 58  ? 10.639  6.652   -0.311  1.00 58.24  ? 59   VAL A CB  1 
ATOM   470  C  CG1 . VAL A 1 58  ? 10.454  8.096   -0.699  1.00 56.19  ? 59   VAL A CG1 1 
ATOM   471  C  CG2 . VAL A 1 58  ? 11.032  6.547   1.147   1.00 59.67  ? 59   VAL A CG2 1 
ATOM   472  N  N   . THR A 1 59  ? 9.426   5.260   -2.910  1.00 59.21  ? 60   THR A N   1 
ATOM   473  C  CA  . THR A 1 59  ? 9.083   5.410   -4.314  1.00 62.18  ? 60   THR A CA  1 
ATOM   474  C  C   . THR A 1 59  ? 7.659   5.003   -4.647  1.00 64.51  ? 60   THR A C   1 
ATOM   475  O  O   . THR A 1 59  ? 6.941   5.764   -5.274  1.00 65.94  ? 60   THR A O   1 
ATOM   476  C  CB  . THR A 1 59  ? 10.029  4.604   -5.226  1.00 61.83  ? 60   THR A CB  1 
ATOM   477  O  OG1 . THR A 1 59  ? 11.248  5.332   -5.422  1.00 63.57  ? 60   THR A OG1 1 
ATOM   478  C  CG2 . THR A 1 59  ? 9.380   4.354   -6.568  1.00 59.79  ? 60   THR A CG2 1 
ATOM   479  N  N   . GLU A 1 60  ? 7.249   3.813   -4.224  1.00 67.24  ? 61   GLU A N   1 
ATOM   480  C  CA  . GLU A 1 60  ? 5.918   3.311   -4.530  1.00 69.19  ? 61   GLU A CA  1 
ATOM   481  C  C   . GLU A 1 60  ? 4.764   4.007   -3.826  1.00 70.45  ? 61   GLU A C   1 
ATOM   482  O  O   . GLU A 1 60  ? 3.600   3.771   -4.143  1.00 70.45  ? 61   GLU A O   1 
ATOM   483  C  CB  . GLU A 1 60  ? 5.865   1.820   -4.238  1.00 71.79  ? 61   GLU A CB  1 
ATOM   484  C  CG  . GLU A 1 60  ? 7.003   1.056   -4.876  1.00 81.77  ? 61   GLU A CG  1 
ATOM   485  C  CD  . GLU A 1 60  ? 7.071   1.246   -6.380  1.00 90.38  ? 61   GLU A CD  1 
ATOM   486  O  OE1 . GLU A 1 60  ? 6.202   0.701   -7.091  1.00 100.18 ? 61   GLU A OE1 1 
ATOM   487  O  OE2 . GLU A 1 60  ? 7.993   1.946   -6.853  1.00 98.74  ? 61   GLU A OE2 1 
ATOM   488  N  N   . LEU A 1 61  ? 5.074   4.850   -2.859  1.00 71.46  ? 62   LEU A N   1 
ATOM   489  C  CA  . LEU A 1 61  ? 4.031   5.559   -2.147  1.00 75.14  ? 62   LEU A CA  1 
ATOM   490  C  C   . LEU A 1 61  ? 4.326   7.038   -2.214  1.00 81.53  ? 62   LEU A C   1 
ATOM   491  O  O   . LEU A 1 61  ? 5.454   7.437   -2.488  1.00 80.42  ? 62   LEU A O   1 
ATOM   492  C  CB  . LEU A 1 61  ? 3.962   5.096   -0.692  1.00 69.61  ? 62   LEU A CB  1 
ATOM   493  C  CG  . LEU A 1 61  ? 3.213   3.778   -0.438  1.00 63.92  ? 62   LEU A CG  1 
ATOM   494  C  CD1 . LEU A 1 61  ? 3.775   2.675   -1.288  1.00 60.71  ? 62   LEU A CD1 1 
ATOM   495  C  CD2 . LEU A 1 61  ? 3.298   3.408   1.028   1.00 60.05  ? 62   LEU A CD2 1 
ATOM   496  N  N   . ALA A 1 62  ? 3.309   7.854   -1.988  1.00 86.88  ? 63   ALA A N   1 
ATOM   497  C  CA  . ALA A 1 62  ? 3.499   9.298   -2.027  1.00 94.91  ? 63   ALA A CA  1 
ATOM   498  C  C   . ALA A 1 62  ? 4.128   9.739   -0.707  1.00 98.54  ? 63   ALA A C   1 
ATOM   499  O  O   . ALA A 1 62  ? 3.533   10.498  0.071   1.00 99.58  ? 63   ALA A O   1 
ATOM   500  C  CB  . ALA A 1 62  ? 2.162   9.997   -2.249  1.00 93.03  ? 63   ALA A CB  1 
ATOM   501  N  N   . LEU A 1 63  ? 5.339   9.249   -0.459  1.00 104.07 ? 64   LEU A N   1 
ATOM   502  C  CA  . LEU A 1 63  ? 6.029   9.583   0.770   1.00 108.75 ? 64   LEU A CA  1 
ATOM   503  C  C   . LEU A 1 63  ? 6.963   10.775  0.633   1.00 110.59 ? 64   LEU A C   1 
ATOM   504  O  O   . LEU A 1 63  ? 7.732   10.887  -0.327  1.00 110.81 ? 64   LEU A O   1 
ATOM   505  C  CB  . LEU A 1 63  ? 6.804   8.372   1.302   1.00 108.69 ? 64   LEU A CB  1 
ATOM   506  C  CG  . LEU A 1 63  ? 6.000   7.139   1.734   1.00 110.21 ? 64   LEU A CG  1 
ATOM   507  C  CD1 . LEU A 1 63  ? 6.887   6.262   2.596   1.00 110.81 ? 64   LEU A CD1 1 
ATOM   508  C  CD2 . LEU A 1 63  ? 4.765   7.540   2.519   1.00 108.53 ? 64   LEU A CD2 1 
ATOM   509  N  N   . ASP A 1 64  ? 6.869   11.659  1.622   1.00 112.89 ? 65   ASP A N   1 
ATOM   510  C  CA  . ASP A 1 64  ? 7.670   12.872  1.700   1.00 113.60 ? 65   ASP A CA  1 
ATOM   511  C  C   . ASP A 1 64  ? 8.855   12.588  2.603   1.00 112.34 ? 65   ASP A C   1 
ATOM   512  O  O   . ASP A 1 64  ? 9.126   11.437  2.956   1.00 112.84 ? 65   ASP A O   1 
ATOM   513  C  CB  . ASP A 1 64  ? 6.836   13.989  2.313   1.00 115.45 ? 65   ASP A CB  1 
ATOM   514  C  CG  . ASP A 1 64  ? 5.429   14.006  1.778   1.00 118.07 ? 65   ASP A CG  1 
ATOM   515  O  OD1 . ASP A 1 64  ? 5.211   14.606  0.702   1.00 120.49 ? 65   ASP A OD1 1 
ATOM   516  O  OD2 . ASP A 1 64  ? 4.549   13.396  2.423   1.00 121.06 ? 65   ASP A OD2 1 
ATOM   517  N  N   . THR A 1 65  ? 9.560   13.641  2.987   1.00 111.21 ? 66   THR A N   1 
ATOM   518  C  CA  . THR A 1 65  ? 10.703  13.464  3.860   1.00 110.11 ? 66   THR A CA  1 
ATOM   519  C  C   . THR A 1 65  ? 10.190  13.165  5.259   1.00 109.61 ? 66   THR A C   1 
ATOM   520  O  O   . THR A 1 65  ? 9.091   13.589  5.629   1.00 109.27 ? 66   THR A O   1 
ATOM   521  C  CB  . THR A 1 65  ? 11.581  14.728  3.897   1.00 109.88 ? 66   THR A CB  1 
ATOM   522  O  OG1 . THR A 1 65  ? 11.996  15.059  2.565   1.00 110.56 ? 66   THR A OG1 1 
ATOM   523  C  CG2 . THR A 1 65  ? 12.815  14.496  4.768   1.00 109.05 ? 66   THR A CG2 1 
ATOM   524  N  N   . GLY A 1 66  ? 10.982  12.415  6.019   1.00 108.17 ? 67   GLY A N   1 
ATOM   525  C  CA  . GLY A 1 66  ? 10.620  12.076  7.381   1.00 105.77 ? 67   GLY A CA  1 
ATOM   526  C  C   . GLY A 1 66  ? 9.182   11.648  7.614   1.00 103.56 ? 67   GLY A C   1 
ATOM   527  O  O   . GLY A 1 66  ? 8.636   11.865  8.699   1.00 103.90 ? 67   GLY A O   1 
ATOM   528  N  N   . THR A 1 67  ? 8.550   11.070  6.600   1.00 102.25 ? 68   THR A N   1 
ATOM   529  C  CA  . THR A 1 67  ? 7.185   10.578  6.754   1.00 100.01 ? 68   THR A CA  1 
ATOM   530  C  C   . THR A 1 67  ? 7.328   9.062   6.670   1.00 98.63  ? 68   THR A C   1 
ATOM   531  O  O   . THR A 1 67  ? 6.557   8.304   7.259   1.00 99.60  ? 68   THR A O   1 
ATOM   532  C  CB  . THR A 1 67  ? 6.258   11.089  5.631   1.00 99.56  ? 68   THR A CB  1 
ATOM   533  O  OG1 . THR A 1 67  ? 6.716   10.602  4.367   1.00 100.50 ? 68   THR A OG1 1 
ATOM   534  C  CG2 . THR A 1 67  ? 6.257   12.603  5.598   1.00 99.39  ? 68   THR A CG2 1 
ATOM   535  N  N   . VAL A 1 68  ? 8.365   8.647   5.951   1.00 96.45  ? 69   VAL A N   1 
ATOM   536  C  CA  . VAL A 1 68  ? 8.702   7.246   5.739   1.00 92.46  ? 69   VAL A CA  1 
ATOM   537  C  C   . VAL A 1 68  ? 9.234   6.638   7.027   1.00 89.84  ? 69   VAL A C   1 
ATOM   538  O  O   . VAL A 1 68  ? 8.699   5.661   7.544   1.00 88.49  ? 69   VAL A O   1 
ATOM   539  C  CB  . VAL A 1 68  ? 9.811   7.121   4.684   1.00 93.94  ? 69   VAL A CB  1 
ATOM   540  C  CG1 . VAL A 1 68  ? 9.914   5.682   4.189   1.00 92.59  ? 69   VAL A CG1 1 
ATOM   541  C  CG2 . VAL A 1 68  ? 9.554   8.110   3.553   1.00 94.39  ? 69   VAL A CG2 1 
ATOM   542  N  N   . SER A 1 69  ? 10.309  7.235   7.526   1.00 87.55  ? 70   SER A N   1 
ATOM   543  C  CA  . SER A 1 69  ? 10.970  6.784   8.740   1.00 86.11  ? 70   SER A CA  1 
ATOM   544  C  C   . SER A 1 69  ? 9.970   6.506   9.849   1.00 84.94  ? 70   SER A C   1 
ATOM   545  O  O   . SER A 1 69  ? 10.004  5.445   10.478  1.00 85.16  ? 70   SER A O   1 
ATOM   546  C  CB  . SER A 1 69  ? 11.967  7.840   9.197   1.00 86.52  ? 70   SER A CB  1 
ATOM   547  O  OG  . SER A 1 69  ? 12.356  8.644   8.099   1.00 88.43  ? 70   SER A OG  1 
ATOM   548  N  N   . PRO A 1 70  ? 9.073   7.469   10.116  1.00 80.59  ? 71   PRO A N   1 
ATOM   549  C  CA  . PRO A 1 70  ? 8.067   7.294   11.163  1.00 77.82  ? 71   PRO A CA  1 
ATOM   550  C  C   . PRO A 1 70  ? 7.185   6.098   10.861  1.00 74.16  ? 71   PRO A C   1 
ATOM   551  O  O   . PRO A 1 70  ? 7.076   5.186   11.680  1.00 75.94  ? 71   PRO A O   1 
ATOM   552  C  CB  . PRO A 1 70  ? 7.295   8.604   11.116  1.00 78.77  ? 71   PRO A CB  1 
ATOM   553  C  CG  . PRO A 1 70  ? 8.354   9.585   10.724  1.00 79.94  ? 71   PRO A CG  1 
ATOM   554  C  CD  . PRO A 1 70  ? 9.036   8.846   9.598   1.00 81.45  ? 71   PRO A CD  1 
ATOM   555  N  N   . LEU A 1 71  ? 6.559   6.100   9.686   1.00 69.72  ? 72   LEU A N   1 
ATOM   556  C  CA  . LEU A 1 71  ? 5.688   4.993   9.305   1.00 64.61  ? 72   LEU A CA  1 
ATOM   557  C  C   . LEU A 1 71  ? 6.354   3.645   9.574   1.00 64.25  ? 72   LEU A C   1 
ATOM   558  O  O   . LEU A 1 71  ? 5.779   2.787   10.251  1.00 63.96  ? 72   LEU A O   1 
ATOM   559  C  CB  . LEU A 1 71  ? 5.301   5.101   7.827   1.00 62.49  ? 72   LEU A CB  1 
ATOM   560  C  CG  . LEU A 1 71  ? 4.739   3.857   7.123   1.00 59.72  ? 72   LEU A CG  1 
ATOM   561  C  CD1 . LEU A 1 71  ? 3.496   3.335   7.804   1.00 57.37  ? 72   LEU A CD1 1 
ATOM   562  C  CD2 . LEU A 1 71  ? 4.416   4.218   5.699   1.00 58.69  ? 72   LEU A CD2 1 
ATOM   563  N  N   . LEU A 1 72  ? 7.572   3.465   9.063   1.00 63.04  ? 73   LEU A N   1 
ATOM   564  C  CA  . LEU A 1 72  ? 8.288   2.210   9.257   1.00 62.52  ? 73   LEU A CA  1 
ATOM   565  C  C   . LEU A 1 72  ? 8.641   1.946   10.714  1.00 64.87  ? 73   LEU A C   1 
ATOM   566  O  O   . LEU A 1 72  ? 8.653   0.799   11.153  1.00 62.43  ? 73   LEU A O   1 
ATOM   567  C  CB  . LEU A 1 72  ? 9.544   2.176   8.393   1.00 60.68  ? 73   LEU A CB  1 
ATOM   568  C  CG  . LEU A 1 72  ? 9.251   2.266   6.895   1.00 59.10  ? 73   LEU A CG  1 
ATOM   569  C  CD1 . LEU A 1 72  ? 10.563  2.227   6.113   1.00 55.22  ? 73   LEU A CD1 1 
ATOM   570  C  CD2 . LEU A 1 72  ? 8.308   1.141   6.486   1.00 52.88  ? 73   LEU A CD2 1 
ATOM   571  N  N   . LYS A 1 73  ? 8.931   2.997   11.470  1.00 68.51  ? 74   LYS A N   1 
ATOM   572  C  CA  . LYS A 1 73  ? 9.239   2.823   12.887  1.00 73.38  ? 74   LYS A CA  1 
ATOM   573  C  C   . LYS A 1 73  ? 8.030   2.185   13.584  1.00 75.06  ? 74   LYS A C   1 
ATOM   574  O  O   . LYS A 1 73  ? 8.173   1.224   14.341  1.00 73.65  ? 74   LYS A O   1 
ATOM   575  C  CB  . LYS A 1 73  ? 9.553   4.172   13.539  1.00 75.65  ? 74   LYS A CB  1 
ATOM   576  C  CG  . LYS A 1 73  ? 9.783   4.086   15.046  1.00 82.64  ? 74   LYS A CG  1 
ATOM   577  C  CD  . LYS A 1 73  ? 10.303  5.399   15.621  1.00 93.44  ? 74   LYS A CD  1 
ATOM   578  C  CE  . LYS A 1 73  ? 10.862  5.199   17.027  1.00 102.60 ? 74   LYS A CE  1 
ATOM   579  N  NZ  . LYS A 1 73  ? 11.546  6.423   17.550  1.00 106.95 ? 74   LYS A NZ  1 
ATOM   580  N  N   . ARG A 1 74  ? 6.844   2.728   13.317  1.00 77.19  ? 75   ARG A N   1 
ATOM   581  C  CA  . ARG A 1 74  ? 5.618   2.212   13.907  1.00 78.10  ? 75   ARG A CA  1 
ATOM   582  C  C   . ARG A 1 74  ? 5.435   0.755   13.553  1.00 76.49  ? 75   ARG A C   1 
ATOM   583  O  O   . ARG A 1 74  ? 5.144   -0.068  14.419  1.00 76.14  ? 75   ARG A O   1 
ATOM   584  C  CB  . ARG A 1 74  ? 4.396   2.999   13.416  1.00 83.29  ? 75   ARG A CB  1 
ATOM   585  C  CG  . ARG A 1 74  ? 4.317   4.433   13.924  1.00 95.84  ? 75   ARG A CG  1 
ATOM   586  C  CD  . ARG A 1 74  ? 4.307   4.491   15.459  1.00 117.00 ? 75   ARG A CD  1 
ATOM   587  N  NE  . ARG A 1 74  ? 4.337   5.867   15.968  1.00 135.99 ? 75   ARG A NE  1 
ATOM   588  C  CZ  . ARG A 1 74  ? 4.415   6.195   17.257  1.00 143.00 ? 75   ARG A CZ  1 
ATOM   589  N  NH1 . ARG A 1 74  ? 4.473   5.250   18.187  1.00 145.02 ? 75   ARG A NH1 1 
ATOM   590  N  NH2 . ARG A 1 74  ? 4.437   7.474   17.618  1.00 145.25 ? 75   ARG A NH2 1 
HETATM 591  N  N   . MSE A 1 75  ? 5.604   0.435   12.276  1.00 74.04  ? 76   MSE A N   1 
HETATM 592  C  CA  . MSE A 1 75  ? 5.442   -0.937  11.826  1.00 70.88  ? 76   MSE A CA  1 
HETATM 593  C  C   . MSE A 1 75  ? 6.419   -1.887  12.489  1.00 70.89  ? 76   MSE A C   1 
HETATM 594  O  O   . MSE A 1 75  ? 6.127   -3.079  12.655  1.00 68.00  ? 76   MSE A O   1 
HETATM 595  C  CB  . MSE A 1 75  ? 5.587   -1.008  10.323  1.00 70.47  ? 76   MSE A CB  1 
HETATM 596  C  CG  . MSE A 1 75  ? 4.534   -0.216  9.619   1.00 74.71  ? 76   MSE A CG  1 
HETATM 597  SE SE  . MSE A 1 75  ? 4.593   -0.539  7.739   1.00 90.66  ? 76   MSE A SE  1 
HETATM 598  C  CE  . MSE A 1 75  ? 3.955   -2.374  7.725   1.00 95.66  ? 76   MSE A CE  1 
ATOM   599  N  N   . GLU A 1 76  ? 7.580   -1.357  12.865  1.00 70.22  ? 77   GLU A N   1 
ATOM   600  C  CA  . GLU A 1 76  ? 8.580   -2.166  13.527  1.00 70.12  ? 77   GLU A CA  1 
ATOM   601  C  C   . GLU A 1 76  ? 8.103   -2.398  14.951  1.00 72.47  ? 77   GLU A C   1 
ATOM   602  O  O   . GLU A 1 76  ? 8.016   -3.541  15.393  1.00 72.63  ? 77   GLU A O   1 
ATOM   603  C  CB  . GLU A 1 76  ? 9.938   -1.466  13.527  1.00 69.39  ? 77   GLU A CB  1 
ATOM   604  C  CG  . GLU A 1 76  ? 11.096  -2.419  13.826  1.00 70.44  ? 77   GLU A CG  1 
ATOM   605  C  CD  . GLU A 1 76  ? 12.470  -1.789  13.632  1.00 73.79  ? 77   GLU A CD  1 
ATOM   606  O  OE1 . GLU A 1 76  ? 13.461  -2.557  13.552  1.00 76.05  ? 77   GLU A OE1 1 
ATOM   607  O  OE2 . GLU A 1 76  ? 12.560  -0.538  13.564  1.00 75.53  ? 77   GLU A OE2 1 
ATOM   608  N  N   . GLN A 1 77  ? 7.774   -1.319  15.660  1.00 75.73  ? 78   GLN A N   1 
ATOM   609  C  CA  . GLN A 1 77  ? 7.277   -1.410  17.040  1.00 78.63  ? 78   GLN A CA  1 
ATOM   610  C  C   . GLN A 1 77  ? 6.208   -2.484  17.168  1.00 79.46  ? 78   GLN A C   1 
ATOM   611  O  O   . GLN A 1 77  ? 6.095   -3.141  18.192  1.00 78.80  ? 78   GLN A O   1 
ATOM   612  C  CB  . GLN A 1 77  ? 6.670   -0.081  17.482  1.00 79.32  ? 78   GLN A CB  1 
ATOM   613  C  CG  . GLN A 1 77  ? 7.664   1.037   17.751  1.00 84.89  ? 78   GLN A CG  1 
ATOM   614  C  CD  . GLN A 1 77  ? 7.029   2.413   17.571  1.00 90.63  ? 78   GLN A CD  1 
ATOM   615  O  OE1 . GLN A 1 77  ? 5.918   2.665   18.042  1.00 94.51  ? 78   GLN A OE1 1 
ATOM   616  N  NE2 . GLN A 1 77  ? 7.736   3.307   16.888  1.00 95.45  ? 78   GLN A NE2 1 
ATOM   617  N  N   . VAL A 1 78  ? 5.431   -2.665  16.110  1.00 80.52  ? 79   VAL A N   1 
ATOM   618  C  CA  . VAL A 1 78  ? 4.358   -3.643  16.102  1.00 82.23  ? 79   VAL A CA  1 
ATOM   619  C  C   . VAL A 1 78  ? 4.737   -4.958  15.397  1.00 81.36  ? 79   VAL A C   1 
ATOM   620  O  O   . VAL A 1 78  ? 3.876   -5.671  14.875  1.00 83.25  ? 79   VAL A O   1 
ATOM   621  C  CB  . VAL A 1 78  ? 3.109   -3.024  15.441  1.00 83.44  ? 79   VAL A CB  1 
ATOM   622  C  CG1 . VAL A 1 78  ? 1.881   -3.872  15.713  1.00 86.17  ? 79   VAL A CG1 1 
ATOM   623  C  CG2 . VAL A 1 78  ? 2.908   -1.616  15.971  1.00 85.58  ? 79   VAL A CG2 1 
ATOM   624  N  N   . ASP A 1 79  ? 6.025   -5.281  15.388  1.00 81.74  ? 80   ASP A N   1 
ATOM   625  C  CA  . ASP A 1 79  ? 6.511   -6.511  14.763  1.00 81.61  ? 80   ASP A CA  1 
ATOM   626  C  C   . ASP A 1 79  ? 5.934   -6.833  13.378  1.00 80.53  ? 80   ASP A C   1 
ATOM   627  O  O   . ASP A 1 79  ? 5.684   -7.987  13.049  1.00 80.78  ? 80   ASP A O   1 
ATOM   628  C  CB  . ASP A 1 79  ? 6.268   -7.697  15.698  1.00 82.43  ? 80   ASP A CB  1 
ATOM   629  C  CG  . ASP A 1 79  ? 6.928   -8.981  15.200  1.00 87.58  ? 80   ASP A CG  1 
ATOM   630  O  OD1 . ASP A 1 79  ? 8.157   -8.957  14.945  1.00 86.08  ? 80   ASP A OD1 1 
ATOM   631  O  OD2 . ASP A 1 79  ? 6.219   -10.011 15.066  1.00 87.38  ? 80   ASP A OD2 1 
ATOM   632  N  N   . LEU A 1 80  ? 5.718   -5.815  12.557  1.00 77.42  ? 81   LEU A N   1 
ATOM   633  C  CA  . LEU A 1 80  ? 5.200   -6.055  11.215  1.00 73.53  ? 81   LEU A CA  1 
ATOM   634  C  C   . LEU A 1 80  ? 6.362   -6.147  10.229  1.00 69.09  ? 81   LEU A C   1 
ATOM   635  O  O   . LEU A 1 80  ? 6.289   -6.844  9.216   1.00 67.51  ? 81   LEU A O   1 
ATOM   636  C  CB  . LEU A 1 80  ? 4.260   -4.931  10.794  1.00 76.35  ? 81   LEU A CB  1 
ATOM   637  C  CG  . LEU A 1 80  ? 2.822   -5.045  11.291  1.00 78.52  ? 81   LEU A CG  1 
ATOM   638  C  CD1 . LEU A 1 80  ? 1.986   -3.921  10.680  1.00 80.78  ? 81   LEU A CD1 1 
ATOM   639  C  CD2 . LEU A 1 80  ? 2.260   -6.411  10.898  1.00 80.36  ? 81   LEU A CD2 1 
ATOM   640  N  N   . ILE A 1 81  ? 7.435   -5.430  10.538  1.00 64.81  ? 82   ILE A N   1 
ATOM   641  C  CA  . ILE A 1 81  ? 8.620   -5.418  9.701   1.00 60.21  ? 82   ILE A CA  1 
ATOM   642  C  C   . ILE A 1 81  ? 9.815   -5.262  10.620  1.00 59.13  ? 82   ILE A C   1 
ATOM   643  O  O   . ILE A 1 81  ? 9.672   -4.885  11.784  1.00 57.39  ? 82   ILE A O   1 
ATOM   644  C  CB  . ILE A 1 81  ? 8.636   -4.215  8.751   1.00 57.31  ? 82   ILE A CB  1 
ATOM   645  C  CG1 . ILE A 1 81  ? 8.622   -2.938  9.586   1.00 52.81  ? 82   ILE A CG1 1 
ATOM   646  C  CG2 . ILE A 1 81  ? 7.465   -4.269  7.793   1.00 54.05  ? 82   ILE A CG2 1 
ATOM   647  C  CD1 . ILE A 1 81  ? 8.826   -1.697  8.787   1.00 50.11  ? 82   ILE A CD1 1 
ATOM   648  N  N   . LYS A 1 82  ? 10.990  -5.548  10.078  1.00 57.77  ? 83   LYS A N   1 
ATOM   649  C  CA  . LYS A 1 82  ? 12.235  -5.421  10.810  1.00 57.09  ? 83   LYS A CA  1 
ATOM   650  C  C   . LYS A 1 82  ? 13.123  -4.564  9.932   1.00 56.43  ? 83   LYS A C   1 
ATOM   651  O  O   . LYS A 1 82  ? 13.352  -4.891  8.764   1.00 55.94  ? 83   LYS A O   1 
ATOM   652  C  CB  . LYS A 1 82  ? 12.871  -6.793  11.021  1.00 58.71  ? 83   LYS A CB  1 
ATOM   653  C  CG  . LYS A 1 82  ? 14.210  -6.756  11.716  1.00 61.26  ? 83   LYS A CG  1 
ATOM   654  C  CD  . LYS A 1 82  ? 14.102  -6.022  13.020  1.00 69.63  ? 83   LYS A CD  1 
ATOM   655  C  CE  . LYS A 1 82  ? 15.431  -5.973  13.748  1.00 77.51  ? 83   LYS A CE  1 
ATOM   656  N  NZ  . LYS A 1 82  ? 15.272  -5.319  15.086  1.00 83.59  ? 83   LYS A NZ  1 
ATOM   657  N  N   . ARG A 1 83  ? 13.601  -3.455  10.478  1.00 54.15  ? 84   ARG A N   1 
ATOM   658  C  CA  . ARG A 1 83  ? 14.457  -2.571  9.712   1.00 52.27  ? 84   ARG A CA  1 
ATOM   659  C  C   . ARG A 1 83  ? 15.901  -2.917  9.982   1.00 51.04  ? 84   ARG A C   1 
ATOM   660  O  O   . ARG A 1 83  ? 16.251  -3.395  11.061  1.00 53.05  ? 84   ARG A O   1 
ATOM   661  C  CB  . ARG A 1 83  ? 14.192  -1.126  10.083  1.00 53.91  ? 84   ARG A CB  1 
ATOM   662  C  CG  . ARG A 1 83  ? 12.719  -0.765  10.074  1.00 60.96  ? 84   ARG A CG  1 
ATOM   663  C  CD  . ARG A 1 83  ? 12.536  0.666   10.476  1.00 72.67  ? 84   ARG A CD  1 
ATOM   664  N  NE  . ARG A 1 83  ? 13.528  1.004   11.482  1.00 89.37  ? 84   ARG A NE  1 
ATOM   665  C  CZ  . ARG A 1 83  ? 13.970  2.232   11.699  1.00 97.07  ? 84   ARG A CZ  1 
ATOM   666  N  NH1 . ARG A 1 83  ? 13.492  3.239   10.979  1.00 100.72 ? 84   ARG A NH1 1 
ATOM   667  N  NH2 . ARG A 1 83  ? 14.912  2.444   12.610  1.00 99.79  ? 84   ARG A NH2 1 
ATOM   668  N  N   . GLU A 1 84  ? 16.743  -2.695  8.990   1.00 47.23  ? 85   GLU A N   1 
ATOM   669  C  CA  . GLU A 1 84  ? 18.154  -2.990  9.128   1.00 42.46  ? 85   GLU A CA  1 
ATOM   670  C  C   . GLU A 1 84  ? 18.923  -1.889  8.420   1.00 42.73  ? 85   GLU A C   1 
ATOM   671  O  O   . GLU A 1 84  ? 18.595  -1.518  7.291   1.00 41.33  ? 85   GLU A O   1 
ATOM   672  C  CB  . GLU A 1 84  ? 18.449  -4.342  8.510   1.00 41.53  ? 85   GLU A CB  1 
ATOM   673  C  CG  . GLU A 1 84  ? 19.889  -4.695  8.513   1.00 44.04  ? 85   GLU A CG  1 
ATOM   674  C  CD  . GLU A 1 84  ? 20.155  -6.016  7.820   1.00 49.17  ? 85   GLU A CD  1 
ATOM   675  O  OE1 . GLU A 1 84  ? 19.278  -6.482  7.050   1.00 48.19  ? 85   GLU A OE1 1 
ATOM   676  O  OE2 . GLU A 1 84  ? 21.255  -6.575  8.040   1.00 51.40  ? 85   GLU A OE2 1 
ATOM   677  N  N   . ARG A 1 85  ? 19.928  -1.341  9.092   1.00 40.35  ? 86   ARG A N   1 
ATOM   678  C  CA  . ARG A 1 85  ? 20.712  -0.267  8.506   1.00 38.51  ? 86   ARG A CA  1 
ATOM   679  C  C   . ARG A 1 85  ? 22.014  -0.844  7.978   1.00 38.78  ? 86   ARG A C   1 
ATOM   680  O  O   . ARG A 1 85  ? 22.643  -1.658  8.638   1.00 39.34  ? 86   ARG A O   1 
ATOM   681  C  CB  . ARG A 1 85  ? 20.976  0.807   9.556   1.00 38.81  ? 86   ARG A CB  1 
ATOM   682  C  CG  . ARG A 1 85  ? 21.776  1.995   9.057   1.00 39.47  ? 86   ARG A CG  1 
ATOM   683  C  CD  . ARG A 1 85  ? 21.928  3.030   10.175  1.00 37.76  ? 86   ARG A CD  1 
ATOM   684  N  NE  . ARG A 1 85  ? 20.631  3.568   10.576  1.00 39.22  ? 86   ARG A NE  1 
ATOM   685  C  CZ  . ARG A 1 85  ? 19.905  4.409   9.840   1.00 39.85  ? 86   ARG A CZ  1 
ATOM   686  N  NH1 . ARG A 1 85  ? 20.341  4.825   8.654   1.00 38.63  ? 86   ARG A NH1 1 
ATOM   687  N  NH2 . ARG A 1 85  ? 18.736  4.831   10.283  1.00 38.74  ? 86   ARG A NH2 1 
ATOM   688  N  N   . SER A 1 86  ? 22.411  -0.449  6.781   1.00 40.49  ? 87   SER A N   1 
ATOM   689  C  CA  . SER A 1 86  ? 23.638  -0.969  6.207   1.00 42.92  ? 87   SER A CA  1 
ATOM   690  C  C   . SER A 1 86  ? 24.893  -0.590  6.987   1.00 47.81  ? 87   SER A C   1 
ATOM   691  O  O   . SER A 1 86  ? 24.978  0.482   7.585   1.00 47.48  ? 87   SER A O   1 
ATOM   692  C  CB  . SER A 1 86  ? 23.779  -0.486  4.767   1.00 41.22  ? 87   SER A CB  1 
ATOM   693  O  OG  . SER A 1 86  ? 25.044  -0.828  4.226   1.00 38.89  ? 87   SER A OG  1 
ATOM   694  N  N   . GLU A 1 87  ? 25.864  -1.495  6.979   1.00 52.88  ? 88   GLU A N   1 
ATOM   695  C  CA  . GLU A 1 87  ? 27.151  -1.279  7.626   1.00 56.92  ? 88   GLU A CA  1 
ATOM   696  C  C   . GLU A 1 87  ? 28.070  -0.671  6.570   1.00 53.51  ? 88   GLU A C   1 
ATOM   697  O  O   . GLU A 1 87  ? 29.075  -0.051  6.897   1.00 54.28  ? 88   GLU A O   1 
ATOM   698  C  CB  . GLU A 1 87  ? 27.745  -2.604  8.093   1.00 64.44  ? 88   GLU A CB  1 
ATOM   699  C  CG  . GLU A 1 87  ? 26.865  -3.368  9.054   1.00 86.09  ? 88   GLU A CG  1 
ATOM   700  C  CD  . GLU A 1 87  ? 27.335  -4.800  9.257   1.00 105.51 ? 88   GLU A CD  1 
ATOM   701  O  OE1 . GLU A 1 87  ? 27.399  -5.551  8.254   1.00 119.96 ? 88   GLU A OE1 1 
ATOM   702  O  OE2 . GLU A 1 87  ? 27.636  -5.173  10.416  1.00 121.48 ? 88   GLU A OE2 1 
ATOM   703  N  N   . VAL A 1 88  ? 27.718  -0.863  5.299   1.00 50.73  ? 89   VAL A N   1 
ATOM   704  C  CA  . VAL A 1 88  ? 28.512  -0.326  4.214   1.00 47.01  ? 89   VAL A CA  1 
ATOM   705  C  C   . VAL A 1 88  ? 28.180  1.141   3.995   1.00 45.27  ? 89   VAL A C   1 
ATOM   706  O  O   . VAL A 1 88  ? 29.079  1.946   3.853   1.00 45.13  ? 89   VAL A O   1 
ATOM   707  C  CB  . VAL A 1 88  ? 28.299  -1.115  2.924   1.00 46.62  ? 89   VAL A CB  1 
ATOM   708  C  CG1 . VAL A 1 88  ? 29.135  -0.506  1.793   1.00 41.58  ? 89   VAL A CG1 1 
ATOM   709  C  CG2 . VAL A 1 88  ? 28.688  -2.569  3.148   1.00 43.94  ? 89   VAL A CG2 1 
ATOM   710  N  N   . ASP A 1 89  ? 26.905  1.497   3.908   1.00 44.48  ? 90   ASP A N   1 
ATOM   711  C  CA  . ASP A 1 89  ? 26.550  2.915   3.804   1.00 45.19  ? 90   ASP A CA  1 
ATOM   712  C  C   . ASP A 1 89  ? 25.410  3.084   4.803   1.00 45.94  ? 90   ASP A C   1 
ATOM   713  O  O   . ASP A 1 89  ? 24.277  2.673   4.558   1.00 45.06  ? 90   ASP A O   1 
ATOM   714  C  CB  . ASP A 1 89  ? 26.098  3.347   2.413   1.00 44.68  ? 90   ASP A CB  1 
ATOM   715  C  CG  . ASP A 1 89  ? 25.788  4.852   2.358   1.00 49.27  ? 90   ASP A CG  1 
ATOM   716  O  OD1 . ASP A 1 89  ? 25.427  5.412   3.415   1.00 48.21  ? 90   ASP A OD1 1 
ATOM   717  O  OD2 . ASP A 1 89  ? 25.888  5.489   1.283   1.00 55.90  ? 90   ASP A OD2 1 
ATOM   718  N  N   . GLN A 1 90  ? 25.739  3.700   5.932   1.00 46.41  ? 91   GLN A N   1 
ATOM   719  C  CA  . GLN A 1 90  ? 24.803  3.859   7.022   1.00 46.84  ? 91   GLN A CA  1 
ATOM   720  C  C   . GLN A 1 90  ? 23.565  4.679   6.808   1.00 46.57  ? 91   GLN A C   1 
ATOM   721  O  O   . GLN A 1 90  ? 22.757  4.808   7.735   1.00 46.26  ? 91   GLN A O   1 
ATOM   722  C  CB  . GLN A 1 90  ? 25.555  4.327   8.262   1.00 48.00  ? 91   GLN A CB  1 
ATOM   723  C  CG  . GLN A 1 90  ? 26.759  3.451   8.469   1.00 53.22  ? 91   GLN A CG  1 
ATOM   724  C  CD  . GLN A 1 90  ? 27.440  3.695   9.769   1.00 61.17  ? 91   GLN A CD  1 
ATOM   725  O  OE1 . GLN A 1 90  ? 26.803  3.715   10.821  1.00 70.07  ? 91   GLN A OE1 1 
ATOM   726  N  NE2 . GLN A 1 90  ? 28.752  3.873   9.721   1.00 68.04  ? 91   GLN A NE2 1 
ATOM   727  N  N   . ARG A 1 91  ? 23.385  5.243   5.617   1.00 45.03  ? 92   ARG A N   1 
ATOM   728  C  CA  . ARG A 1 91  ? 22.140  5.964   5.401   1.00 44.22  ? 92   ARG A CA  1 
ATOM   729  C  C   . ARG A 1 91  ? 21.208  5.100   4.575   1.00 42.60  ? 92   ARG A C   1 
ATOM   730  O  O   . ARG A 1 91  ? 20.084  5.480   4.276   1.00 44.46  ? 92   ARG A O   1 
ATOM   731  C  CB  . ARG A 1 91  ? 22.374  7.323   4.765   1.00 42.39  ? 92   ARG A CB  1 
ATOM   732  C  CG  . ARG A 1 91  ? 23.329  7.268   3.686   1.00 41.30  ? 92   ARG A CG  1 
ATOM   733  C  CD  . ARG A 1 91  ? 23.990  8.598   3.399   1.00 32.06  ? 92   ARG A CD  1 
ATOM   734  N  NE  . ARG A 1 91  ? 25.010  8.263   2.425   1.00 42.08  ? 92   ARG A NE  1 
ATOM   735  C  CZ  . ARG A 1 91  ? 25.499  9.092   1.528   1.00 41.11  ? 92   ARG A CZ  1 
ATOM   736  N  NH1 . ARG A 1 91  ? 25.059  10.347  1.481   1.00 45.23  ? 92   ARG A NH1 1 
ATOM   737  N  NH2 . ARG A 1 91  ? 26.414  8.643   0.679   1.00 35.73  ? 92   ARG A NH2 1 
ATOM   738  N  N   . GLU A 1 92  ? 21.680  3.909   4.231   1.00 42.83  ? 93   GLU A N   1 
ATOM   739  C  CA  . GLU A 1 92  ? 20.865  2.955   3.505   1.00 44.49  ? 93   GLU A CA  1 
ATOM   740  C  C   . GLU A 1 92  ? 20.173  2.082   4.551   1.00 43.46  ? 93   GLU A C   1 
ATOM   741  O  O   . GLU A 1 92  ? 20.784  1.710   5.561   1.00 44.23  ? 93   GLU A O   1 
ATOM   742  C  CB  . GLU A 1 92  ? 21.737  2.094   2.615   1.00 44.36  ? 93   GLU A CB  1 
ATOM   743  C  CG  . GLU A 1 92  ? 22.287  2.847   1.424   1.00 50.05  ? 93   GLU A CG  1 
ATOM   744  C  CD  . GLU A 1 92  ? 21.190  3.315   0.479   1.00 54.58  ? 93   GLU A CD  1 
ATOM   745  O  OE1 . GLU A 1 92  ? 20.018  2.922   0.672   1.00 58.65  ? 93   GLU A OE1 1 
ATOM   746  O  OE2 . GLU A 1 92  ? 21.500  4.073   -0.466  1.00 59.10  ? 93   GLU A OE2 1 
ATOM   747  N  N   . VAL A 1 93  ? 18.900  1.762   4.321   1.00 43.24  ? 94   VAL A N   1 
ATOM   748  C  CA  . VAL A 1 93  ? 18.138  0.935   5.256   1.00 41.36  ? 94   VAL A CA  1 
ATOM   749  C  C   . VAL A 1 93  ? 17.288  -0.072  4.501   1.00 41.74  ? 94   VAL A C   1 
ATOM   750  O  O   . VAL A 1 93  ? 16.713  0.244   3.455   1.00 40.90  ? 94   VAL A O   1 
ATOM   751  C  CB  . VAL A 1 93  ? 17.224  1.808   6.142   1.00 38.24  ? 94   VAL A CB  1 
ATOM   752  C  CG1 . VAL A 1 93  ? 16.256  0.932   6.942   1.00 28.01  ? 94   VAL A CG1 1 
ATOM   753  C  CG2 . VAL A 1 93  ? 18.093  2.680   7.068   1.00 33.64  ? 94   VAL A CG2 1 
ATOM   754  N  N   . PHE A 1 94  ? 17.220  -1.291  5.023   1.00 42.68  ? 95   PHE A N   1 
ATOM   755  C  CA  . PHE A 1 94  ? 16.429  -2.330  4.393   1.00 46.28  ? 95   PHE A CA  1 
ATOM   756  C  C   . PHE A 1 94  ? 15.322  -2.731  5.318   1.00 48.98  ? 95   PHE A C   1 
ATOM   757  O  O   . PHE A 1 94  ? 15.434  -2.590  6.532   1.00 49.44  ? 95   PHE A O   1 
ATOM   758  C  CB  . PHE A 1 94  ? 17.265  -3.555  4.098   1.00 46.71  ? 95   PHE A CB  1 
ATOM   759  C  CG  . PHE A 1 94  ? 18.530  -3.251  3.405   1.00 52.64  ? 95   PHE A CG  1 
ATOM   760  C  CD1 . PHE A 1 94  ? 19.745  -3.422  4.060   1.00 56.19  ? 95   PHE A CD1 1 
ATOM   761  C  CD2 . PHE A 1 94  ? 18.521  -2.798  2.091   1.00 52.90  ? 95   PHE A CD2 1 
ATOM   762  C  CE1 . PHE A 1 94  ? 20.948  -3.145  3.411   1.00 60.46  ? 95   PHE A CE1 1 
ATOM   763  C  CE2 . PHE A 1 94  ? 19.706  -2.520  1.434   1.00 59.20  ? 95   PHE A CE2 1 
ATOM   764  C  CZ  . PHE A 1 94  ? 20.930  -2.694  2.096   1.00 59.62  ? 95   PHE A CZ  1 
ATOM   765  N  N   . ILE A 1 95  ? 14.268  -3.265  4.715   1.00 52.05  ? 96   ILE A N   1 
ATOM   766  C  CA  . ILE A 1 95  ? 13.073  -3.706  5.411   1.00 52.60  ? 96   ILE A CA  1 
ATOM   767  C  C   . ILE A 1 95  ? 12.858  -5.200  5.204   1.00 51.14  ? 96   ILE A C   1 
ATOM   768  O  O   . ILE A 1 95  ? 12.969  -5.698  4.081   1.00 50.78  ? 96   ILE A O   1 
ATOM   769  C  CB  . ILE A 1 95  ? 11.858  -2.932  4.867   1.00 56.15  ? 96   ILE A CB  1 
ATOM   770  C  CG1 . ILE A 1 95  ? 11.701  -1.624  5.607   1.00 58.74  ? 96   ILE A CG1 1 
ATOM   771  C  CG2 . ILE A 1 95  ? 10.594  -3.711  5.034   1.00 59.21  ? 96   ILE A CG2 1 
ATOM   772  C  CD1 . ILE A 1 95  ? 10.479  -0.892  5.107   1.00 69.09  ? 96   ILE A CD1 1 
ATOM   773  N  N   . HIS A 1 96  ? 12.537  -5.894  6.292   1.00 51.50  ? 97   HIS A N   1 
ATOM   774  C  CA  . HIS A 1 96  ? 12.281  -7.338  6.280   1.00 51.21  ? 97   HIS A CA  1 
ATOM   775  C  C   . HIS A 1 96  ? 10.894  -7.702  6.820   1.00 52.88  ? 97   HIS A C   1 
ATOM   776  O  O   . HIS A 1 96  ? 10.377  -7.052  7.739   1.00 54.43  ? 97   HIS A O   1 
ATOM   777  C  CB  . HIS A 1 96  ? 13.271  -8.056  7.175   1.00 48.76  ? 97   HIS A CB  1 
ATOM   778  C  CG  . HIS A 1 96  ? 14.694  -7.887  6.775   1.00 46.73  ? 97   HIS A CG  1 
ATOM   779  N  ND1 . HIS A 1 96  ? 15.339  -8.772  5.944   1.00 47.08  ? 97   HIS A ND1 1 
ATOM   780  C  CD2 . HIS A 1 96  ? 15.624  -6.977  7.153   1.00 46.97  ? 97   HIS A CD2 1 
ATOM   781  C  CE1 . HIS A 1 96  ? 16.610  -8.424  5.834   1.00 47.11  ? 97   HIS A CE1 1 
ATOM   782  N  NE2 . HIS A 1 96  ? 16.809  -7.338  6.560   1.00 43.87  ? 97   HIS A NE2 1 
ATOM   783  N  N   . LEU A 1 97  ? 10.306  -8.755  6.258   1.00 54.68  ? 98   LEU A N   1 
ATOM   784  C  CA  . LEU A 1 97  ? 9.021   -9.255  6.737   1.00 54.57  ? 98   LEU A CA  1 
ATOM   785  C  C   . LEU A 1 97  ? 9.313   -9.946  8.058   1.00 56.75  ? 98   LEU A C   1 
ATOM   786  O  O   . LEU A 1 97  ? 10.437  -10.393 8.299   1.00 55.71  ? 98   LEU A O   1 
ATOM   787  C  CB  . LEU A 1 97  ? 8.442   -10.286 5.772   1.00 52.52  ? 98   LEU A CB  1 
ATOM   788  C  CG  . LEU A 1 97  ? 7.504   -9.722  4.718   1.00 52.21  ? 98   LEU A CG  1 
ATOM   789  C  CD1 . LEU A 1 97  ? 7.246   -10.724 3.622   1.00 49.36  ? 98   LEU A CD1 1 
ATOM   790  C  CD2 . LEU A 1 97  ? 6.216   -9.317  5.411   1.00 55.02  ? 98   LEU A CD2 1 
ATOM   791  N  N   . THR A 1 98  ? 8.313   -10.015 8.927   1.00 59.88  ? 99   THR A N   1 
ATOM   792  C  CA  . THR A 1 98  ? 8.485   -10.693 10.201  1.00 62.68  ? 99   THR A CA  1 
ATOM   793  C  C   . THR A 1 98  ? 7.543   -11.880 10.107  1.00 65.40  ? 99   THR A C   1 
ATOM   794  O  O   . THR A 1 98  ? 6.808   -12.010 9.123   1.00 63.79  ? 99   THR A O   1 
ATOM   795  C  CB  . THR A 1 98  ? 8.075   -9.799  11.371  1.00 61.13  ? 99   THR A CB  1 
ATOM   796  O  OG1 . THR A 1 98  ? 6.662   -9.570  11.323  1.00 61.52  ? 99   THR A OG1 1 
ATOM   797  C  CG2 . THR A 1 98  ? 8.810   -8.471  11.295  1.00 58.32  ? 99   THR A CG2 1 
ATOM   798  N  N   . ASP A 1 99  ? 7.558   -12.762 11.100  1.00 68.90  ? 100  ASP A N   1 
ATOM   799  C  CA  . ASP A 1 99  ? 6.650   -13.898 11.036  1.00 71.50  ? 100  ASP A CA  1 
ATOM   800  C  C   . ASP A 1 99  ? 5.209   -13.419 11.105  1.00 70.39  ? 100  ASP A C   1 
ATOM   801  O  O   . ASP A 1 99  ? 4.352   -13.913 10.374  1.00 70.80  ? 100  ASP A O   1 
ATOM   802  C  CB  . ASP A 1 99  ? 6.956   -14.905 12.144  1.00 73.38  ? 100  ASP A CB  1 
ATOM   803  C  CG  . ASP A 1 99  ? 8.155   -15.773 11.808  1.00 77.55  ? 100  ASP A CG  1 
ATOM   804  O  OD1 . ASP A 1 99  ? 8.248   -16.226 10.640  1.00 78.25  ? 100  ASP A OD1 1 
ATOM   805  O  OD2 . ASP A 1 99  ? 8.999   -16.009 12.701  1.00 82.72  ? 100  ASP A OD2 1 
ATOM   806  N  N   . LYS A 1 100 ? 4.946   -12.439 11.963  1.00 70.62  ? 101  LYS A N   1 
ATOM   807  C  CA  . LYS A 1 100 ? 3.602   -11.897 12.075  1.00 71.28  ? 101  LYS A CA  1 
ATOM   808  C  C   . LYS A 1 100 ? 3.102   -11.422 10.714  1.00 72.89  ? 101  LYS A C   1 
ATOM   809  O  O   . LYS A 1 100 ? 1.982   -11.729 10.305  1.00 72.39  ? 101  LYS A O   1 
ATOM   810  C  CB  . LYS A 1 100 ? 3.585   -10.728 13.047  1.00 70.10  ? 101  LYS A CB  1 
ATOM   811  C  CG  . LYS A 1 100 ? 2.276   -9.958  13.057  1.00 68.00  ? 101  LYS A CG  1 
ATOM   812  C  CD  . LYS A 1 100 ? 2.342   -8.853  14.087  1.00 68.09  ? 101  LYS A CD  1 
ATOM   813  C  CE  . LYS A 1 100 ? 0.999   -8.204  14.296  1.00 67.41  ? 101  LYS A CE  1 
ATOM   814  N  NZ  . LYS A 1 100 ? 1.092   -7.113  15.302  1.00 69.83  ? 101  LYS A NZ  1 
ATOM   815  N  N   . SER A 1 101 ? 3.938   -10.662 10.017  1.00 74.45  ? 102  SER A N   1 
ATOM   816  C  CA  . SER A 1 101 ? 3.566   -10.142 8.709   1.00 74.95  ? 102  SER A CA  1 
ATOM   817  C  C   . SER A 1 101 ? 3.577   -11.237 7.653   1.00 75.69  ? 102  SER A C   1 
ATOM   818  O  O   . SER A 1 101 ? 2.950   -11.104 6.609   1.00 76.48  ? 102  SER A O   1 
ATOM   819  C  CB  . SER A 1 101 ? 4.497   -8.993  8.301   1.00 74.04  ? 102  SER A CB  1 
ATOM   820  O  OG  . SER A 1 101 ? 5.864   -9.348  8.444   1.00 73.58  ? 102  SER A OG  1 
ATOM   821  N  N   . GLU A 1 102 ? 4.290   -12.321 7.922   1.00 77.22  ? 103  GLU A N   1 
ATOM   822  C  CA  . GLU A 1 102 ? 4.335   -13.423 6.976   1.00 80.05  ? 103  GLU A CA  1 
ATOM   823  C  C   . GLU A 1 102 ? 2.968   -14.101 7.047   1.00 80.45  ? 103  GLU A C   1 
ATOM   824  O  O   . GLU A 1 102 ? 2.398   -14.537 6.034   1.00 79.55  ? 103  GLU A O   1 
ATOM   825  C  CB  . GLU A 1 102 ? 5.441   -14.406 7.369   1.00 80.76  ? 103  GLU A CB  1 
ATOM   826  C  CG  . GLU A 1 102 ? 5.606   -15.564 6.404   1.00 85.21  ? 103  GLU A CG  1 
ATOM   827  C  CD  . GLU A 1 102 ? 5.815   -15.103 4.973   1.00 87.81  ? 103  GLU A CD  1 
ATOM   828  O  OE1 . GLU A 1 102 ? 6.830   -14.421 4.707   1.00 89.86  ? 103  GLU A OE1 1 
ATOM   829  O  OE2 . GLU A 1 102 ? 4.963   -15.423 4.118   1.00 90.36  ? 103  GLU A OE2 1 
ATOM   830  N  N   . THR A 1 103 ? 2.448   -14.167 8.269   1.00 79.43  ? 104  THR A N   1 
ATOM   831  C  CA  . THR A 1 103 ? 1.153   -14.764 8.546   1.00 79.20  ? 104  THR A CA  1 
ATOM   832  C  C   . THR A 1 103 ? 0.036   -14.072 7.766   1.00 76.92  ? 104  THR A C   1 
ATOM   833  O  O   . THR A 1 103 ? -0.732  -14.717 7.050   1.00 77.70  ? 104  THR A O   1 
ATOM   834  C  CB  . THR A 1 103 ? 0.845   -14.689 10.059  1.00 80.88  ? 104  THR A CB  1 
ATOM   835  O  OG1 . THR A 1 103 ? 1.413   -15.830 10.711  1.00 78.97  ? 104  THR A OG1 1 
ATOM   836  C  CG2 . THR A 1 103 ? -0.667  -14.626 10.317  1.00 83.24  ? 104  THR A CG2 1 
ATOM   837  N  N   . ILE A 1 104 ? -0.055  -12.758 7.908   1.00 75.35  ? 105  ILE A N   1 
ATOM   838  C  CA  . ILE A 1 104 ? -1.079  -12.005 7.217   1.00 74.87  ? 105  ILE A CA  1 
ATOM   839  C  C   . ILE A 1 104 ? -1.070  -12.200 5.691   1.00 76.70  ? 105  ILE A C   1 
ATOM   840  O  O   . ILE A 1 104 ? -2.080  -11.967 5.027   1.00 78.38  ? 105  ILE A O   1 
ATOM   841  C  CB  . ILE A 1 104 ? -0.919  -10.514 7.529   1.00 72.71  ? 105  ILE A CB  1 
ATOM   842  C  CG1 . ILE A 1 104 ? -0.840  -10.321 9.039   1.00 69.93  ? 105  ILE A CG1 1 
ATOM   843  C  CG2 . ILE A 1 104 ? -2.075  -9.724  6.930   1.00 74.04  ? 105  ILE A CG2 1 
ATOM   844  C  CD1 . ILE A 1 104 ? -0.835  -8.874  9.468   1.00 66.21  ? 105  ILE A CD1 1 
ATOM   845  N  N   . ARG A 1 105 ? 0.053   -12.648 5.139   1.00 78.47  ? 106  ARG A N   1 
ATOM   846  C  CA  . ARG A 1 105 ? 0.176   -12.807 3.688   1.00 80.40  ? 106  ARG A CA  1 
ATOM   847  C  C   . ARG A 1 105 ? -1.050  -13.304 2.919   1.00 82.97  ? 106  ARG A C   1 
ATOM   848  O  O   . ARG A 1 105 ? -1.530  -12.620 2.015   1.00 82.89  ? 106  ARG A O   1 
ATOM   849  C  CB  . ARG A 1 105 ? 1.369   -13.703 3.332   1.00 78.48  ? 106  ARG A CB  1 
ATOM   850  C  CG  . ARG A 1 105 ? 1.629   -13.768 1.824   1.00 72.95  ? 106  ARG A CG  1 
ATOM   851  C  CD  . ARG A 1 105 ? 2.617   -14.864 1.459   1.00 72.07  ? 106  ARG A CD  1 
ATOM   852  N  NE  . ARG A 1 105 ? 3.959   -14.606 1.969   1.00 73.66  ? 106  ARG A NE  1 
ATOM   853  C  CZ  . ARG A 1 105 ? 4.827   -13.762 1.416   1.00 72.86  ? 106  ARG A CZ  1 
ATOM   854  N  NH1 . ARG A 1 105 ? 4.508   -13.088 0.317   1.00 71.09  ? 106  ARG A NH1 1 
ATOM   855  N  NH2 . ARG A 1 105 ? 6.016   -13.576 1.973   1.00 71.89  ? 106  ARG A NH2 1 
ATOM   856  N  N   . PRO A 1 106 ? -1.568  -14.501 3.260   1.00 88.50  ? 107  PRO A N   1 
ATOM   857  C  CA  . PRO A 1 106 ? -2.739  -15.071 2.576   1.00 90.14  ? 107  PRO A CA  1 
ATOM   858  C  C   . PRO A 1 106 ? -3.981  -14.185 2.579   1.00 92.43  ? 107  PRO A C   1 
ATOM   859  O  O   . PRO A 1 106 ? -4.726  -14.139 1.598   1.00 91.88  ? 107  PRO A O   1 
ATOM   860  C  CB  . PRO A 1 106 ? -2.964  -16.388 3.319   1.00 89.04  ? 107  PRO A CB  1 
ATOM   861  C  CG  . PRO A 1 106 ? -2.493  -16.069 4.701   1.00 88.68  ? 107  PRO A CG  1 
ATOM   862  C  CD  . PRO A 1 106 ? -1.203  -15.332 4.423   1.00 88.24  ? 107  PRO A CD  1 
ATOM   863  N  N   . GLU A 1 107 ? -4.198  -13.477 3.677   1.00 95.63  ? 108  GLU A N   1 
ATOM   864  C  CA  . GLU A 1 107 ? -5.352  -12.612 3.782   1.00 99.79  ? 108  GLU A CA  1 
ATOM   865  C  C   . GLU A 1 107 ? -5.380  -11.405 2.838   1.00 101.35 ? 108  GLU A C   1 
ATOM   866  O  O   . GLU A 1 107 ? -6.404  -11.142 2.205   1.00 102.46 ? 108  GLU A O   1 
ATOM   867  C  CB  . GLU A 1 107 ? -5.516  -12.141 5.228   1.00 99.99  ? 108  GLU A CB  1 
ATOM   868  C  CG  . GLU A 1 107 ? -6.135  -13.194 6.133   1.00 103.01 ? 108  GLU A CG  1 
ATOM   869  C  CD  . GLU A 1 107 ? -6.392  -12.694 7.547   1.00 104.55 ? 108  GLU A CD  1 
ATOM   870  O  OE1 . GLU A 1 107 ? -6.996  -11.613 7.710   1.00 105.94 ? 108  GLU A OE1 1 
ATOM   871  O  OE2 . GLU A 1 107 ? -5.998  -13.390 8.500   1.00 105.77 ? 108  GLU A OE2 1 
ATOM   872  N  N   . LEU A 1 108 ? -4.271  -10.681 2.712   1.00 101.70 ? 109  LEU A N   1 
ATOM   873  C  CA  . LEU A 1 108 ? -4.277  -9.488  1.863   1.00 101.73 ? 109  LEU A CA  1 
ATOM   874  C  C   . LEU A 1 108 ? -3.413  -9.450  0.607   1.00 100.00 ? 109  LEU A C   1 
ATOM   875  O  O   . LEU A 1 108 ? -3.383  -8.429  -0.083  1.00 99.86  ? 109  LEU A O   1 
ATOM   876  C  CB  . LEU A 1 108 ? -3.921  -8.266  2.710   1.00 103.49 ? 109  LEU A CB  1 
ATOM   877  C  CG  . LEU A 1 108 ? -4.876  -7.850  3.824   1.00 104.78 ? 109  LEU A CG  1 
ATOM   878  C  CD1 . LEU A 1 108 ? -4.201  -6.795  4.678   1.00 106.34 ? 109  LEU A CD1 1 
ATOM   879  C  CD2 . LEU A 1 108 ? -6.174  -7.323  3.225   1.00 105.63 ? 109  LEU A CD2 1 
ATOM   880  N  N   . SER A 1 109 ? -2.713  -10.533 0.296   1.00 99.67  ? 110  SER A N   1 
ATOM   881  C  CA  . SER A 1 109 ? -1.849  -10.525 -0.879  1.00 98.42  ? 110  SER A CA  1 
ATOM   882  C  C   . SER A 1 109 ? -2.606  -10.411 -2.202  1.00 98.27  ? 110  SER A C   1 
ATOM   883  O  O   . SER A 1 109 ? -2.079  -9.864  -3.173  1.00 99.23  ? 110  SER A O   1 
ATOM   884  C  CB  . SER A 1 109 ? -0.971  -11.771 -0.885  1.00 97.85  ? 110  SER A CB  1 
ATOM   885  O  OG  . SER A 1 109 ? -1.772  -12.930 -0.885  1.00 98.57  ? 110  SER A OG  1 
ATOM   886  N  N   . ASN A 1 110 ? -3.840  -10.908 -2.228  1.00 97.35  ? 111  ASN A N   1 
ATOM   887  C  CA  . ASN A 1 110 ? -4.679  -10.882 -3.431  1.00 96.47  ? 111  ASN A CA  1 
ATOM   888  C  C   . ASN A 1 110 ? -5.458  -9.571  -3.644  1.00 95.03  ? 111  ASN A C   1 
ATOM   889  O  O   . ASN A 1 110 ? -6.012  -9.333  -4.718  1.00 93.92  ? 111  ASN A O   1 
ATOM   890  C  CB  . ASN A 1 110 ? -5.676  -12.038 -3.367  1.00 98.35  ? 111  ASN A CB  1 
ATOM   891  C  CG  . ASN A 1 110 ? -6.414  -12.099 -2.030  1.00 101.44 ? 111  ASN A CG  1 
ATOM   892  O  OD1 . ASN A 1 110 ? -6.581  -11.080 -1.341  1.00 101.70 ? 111  ASN A OD1 1 
ATOM   893  N  ND2 . ASN A 1 110 ? -6.869  -13.295 -1.664  1.00 102.52 ? 111  ASN A ND2 1 
ATOM   894  N  N   . ALA A 1 111 ? -5.488  -8.746  -2.601  1.00 92.67  ? 112  ALA A N   1 
ATOM   895  C  CA  . ALA A 1 111 ? -6.190  -7.459  -2.560  1.00 89.63  ? 112  ALA A CA  1 
ATOM   896  C  C   . ALA A 1 111 ? -6.521  -6.693  -3.841  1.00 88.22  ? 112  ALA A C   1 
ATOM   897  O  O   . ALA A 1 111 ? -7.692  -6.471  -4.135  1.00 87.35  ? 112  ALA A O   1 
ATOM   898  C  CB  . ALA A 1 111 ? -5.470  -6.525  -1.595  1.00 89.27  ? 112  ALA A CB  1 
ATOM   899  N  N   . SER A 1 112 ? -5.517  -6.262  -4.596  1.00 88.37  ? 113  SER A N   1 
ATOM   900  C  CA  . SER A 1 112 ? -5.808  -5.494  -5.804  1.00 89.74  ? 113  SER A CA  1 
ATOM   901  C  C   . SER A 1 112 ? -6.761  -6.190  -6.776  1.00 92.87  ? 113  SER A C   1 
ATOM   902  O  O   . SER A 1 112 ? -7.169  -5.607  -7.783  1.00 93.33  ? 113  SER A O   1 
ATOM   903  C  CB  . SER A 1 112 ? -4.514  -5.090  -6.522  1.00 87.60  ? 113  SER A CB  1 
ATOM   904  O  OG  . SER A 1 112 ? -4.077  -3.805  -6.092  1.00 83.26  ? 113  SER A OG  1 
ATOM   905  N  N   . ASP A 1 113 ? -7.127  -7.431  -6.472  1.00 95.05  ? 114  ASP A N   1 
ATOM   906  C  CA  . ASP A 1 113 ? -8.053  -8.161  -7.328  1.00 96.78  ? 114  ASP A CA  1 
ATOM   907  C  C   . ASP A 1 113 ? -9.372  -8.439  -6.634  1.00 95.31  ? 114  ASP A C   1 
ATOM   908  O  O   . ASP A 1 113 ? -10.418 -8.450  -7.280  1.00 94.07  ? 114  ASP A O   1 
ATOM   909  C  CB  . ASP A 1 113 ? -7.408  -9.445  -7.829  1.00 100.09 ? 114  ASP A CB  1 
ATOM   910  C  CG  . ASP A 1 113 ? -6.413  -9.178  -8.931  1.00 105.16 ? 114  ASP A CG  1 
ATOM   911  O  OD1 . ASP A 1 113 ? -6.837  -8.667  -9.991  1.00 107.87 ? 114  ASP A OD1 1 
ATOM   912  O  OD2 . ASP A 1 113 ? -5.213  -9.460  -8.735  1.00 111.21 ? 114  ASP A OD2 1 
ATOM   913  N  N   . LYS A 1 114 ? -9.331  -8.668  -5.324  1.00 94.12  ? 115  LYS A N   1 
ATOM   914  C  CA  . LYS A 1 114 ? -10.567 -8.871  -4.585  1.00 92.27  ? 115  LYS A CA  1 
ATOM   915  C  C   . LYS A 1 114 ? -11.365 -7.645  -5.004  1.00 89.96  ? 115  LYS A C   1 
ATOM   916  O  O   . LYS A 1 114 ? -12.573 -7.702  -5.213  1.00 92.28  ? 115  LYS A O   1 
ATOM   917  C  CB  . LYS A 1 114 ? -10.321 -8.816  -3.074  1.00 94.57  ? 115  LYS A CB  1 
ATOM   918  C  CG  . LYS A 1 114 ? -9.568  -10.000 -2.488  1.00 98.29  ? 115  LYS A CG  1 
ATOM   919  C  CD  . LYS A 1 114 ? -10.461 -11.229 -2.393  1.00 102.92 ? 115  LYS A CD  1 
ATOM   920  C  CE  . LYS A 1 114 ? -9.740  -12.409 -1.756  1.00 104.94 ? 115  LYS A CE  1 
ATOM   921  N  NZ  . LYS A 1 114 ? -10.635 -13.598 -1.630  1.00 106.90 ? 115  LYS A NZ  1 
ATOM   922  N  N   . VAL A 1 115 ? -10.645 -6.536  -5.139  1.00 87.73  ? 116  VAL A N   1 
ATOM   923  C  CA  . VAL A 1 115 ? -11.209 -5.262  -5.548  1.00 84.08  ? 116  VAL A CA  1 
ATOM   924  C  C   . VAL A 1 115 ? -11.754 -5.375  -6.962  1.00 85.72  ? 116  VAL A C   1 
ATOM   925  O  O   . VAL A 1 115 ? -12.962 -5.355  -7.167  1.00 84.19  ? 116  VAL A O   1 
ATOM   926  C  CB  . VAL A 1 115 ? -10.135 -4.141  -5.495  1.00 82.16  ? 116  VAL A CB  1 
ATOM   927  C  CG1 . VAL A 1 115 ? -10.616 -2.908  -6.239  1.00 78.76  ? 116  VAL A CG1 1 
ATOM   928  C  CG2 . VAL A 1 115 ? -9.826  -3.784  -4.049  1.00 77.27  ? 116  VAL A CG2 1 
ATOM   929  N  N   . ALA A 1 116 ? -10.857 -5.508  -7.931  1.00 86.07  ? 117  ALA A N   1 
ATOM   930  C  CA  . ALA A 1 116 ? -11.241 -5.613  -9.339  1.00 88.03  ? 117  ALA A CA  1 
ATOM   931  C  C   . ALA A 1 116 ? -12.429 -6.548  -9.585  1.00 88.78  ? 117  ALA A C   1 
ATOM   932  O  O   . ALA A 1 116 ? -13.317 -6.240  -10.388 1.00 88.59  ? 117  ALA A O   1 
ATOM   933  C  CB  . ALA A 1 116 ? -10.040 -6.058  -10.175 1.00 86.47  ? 117  ALA A CB  1 
ATOM   934  N  N   . SER A 1 117 ? -12.442 -7.691  -8.906  1.00 90.78  ? 118  SER A N   1 
ATOM   935  C  CA  . SER A 1 117 ? -13.536 -8.636  -9.070  1.00 92.31  ? 118  SER A CA  1 
ATOM   936  C  C   . SER A 1 117 ? -14.803 -8.044  -8.462  1.00 94.05  ? 118  SER A C   1 
ATOM   937  O  O   . SER A 1 117 ? -15.849 -8.008  -9.106  1.00 95.13  ? 118  SER A O   1 
ATOM   938  C  CB  . SER A 1 117 ? -13.201 -9.978  -8.402  1.00 91.80  ? 118  SER A CB  1 
ATOM   939  O  OG  . SER A 1 117 ? -13.040 -9.852  -6.999  1.00 90.74  ? 118  SER A OG  1 
ATOM   940  N  N   . ALA A 1 118 ? -14.699 -7.563  -7.226  1.00 95.36  ? 119  ALA A N   1 
ATOM   941  C  CA  . ALA A 1 118 ? -15.842 -6.973  -6.538  1.00 96.50  ? 119  ALA A CA  1 
ATOM   942  C  C   . ALA A 1 118 ? -16.339 -5.709  -7.231  1.00 97.94  ? 119  ALA A C   1 
ATOM   943  O  O   . ALA A 1 118 ? -17.350 -5.138  -6.832  1.00 98.89  ? 119  ALA A O   1 
ATOM   944  C  CB  . ALA A 1 118 ? -15.479 -6.664  -5.101  1.00 94.86  ? 119  ALA A CB  1 
ATOM   945  N  N   . SER A 1 119 ? -15.630 -5.272  -8.269  1.00 99.37  ? 120  SER A N   1 
ATOM   946  C  CA  . SER A 1 119 ? -16.016 -4.072  -9.008  1.00 101.36 ? 120  SER A CA  1 
ATOM   947  C  C   . SER A 1 119 ? -16.389 -4.377  -10.452 1.00 102.55 ? 120  SER A C   1 
ATOM   948  O  O   . SER A 1 119 ? -16.505 -3.466  -11.273 1.00 102.87 ? 120  SER A O   1 
ATOM   949  C  CB  . SER A 1 119 ? -14.883 -3.047  -8.995  1.00 100.90 ? 120  SER A CB  1 
ATOM   950  O  OG  . SER A 1 119 ? -14.703 -2.503  -7.703  1.00 101.45 ? 120  SER A OG  1 
ATOM   951  N  N   . SER A 1 120 ? -16.577 -5.657  -10.761 1.00 103.34 ? 121  SER A N   1 
ATOM   952  C  CA  . SER A 1 120 ? -16.929 -6.072  -12.114 1.00 104.01 ? 121  SER A CA  1 
ATOM   953  C  C   . SER A 1 120 ? -16.075 -5.320  -13.119 1.00 103.41 ? 121  SER A C   1 
ATOM   954  O  O   . SER A 1 120 ? -16.589 -4.676  -14.038 1.00 103.27 ? 121  SER A O   1 
ATOM   955  C  CB  . SER A 1 120 ? -18.413 -5.806  -12.394 1.00 105.05 ? 121  SER A CB  1 
ATOM   956  O  OG  . SER A 1 120 ? -19.245 -6.658  -11.622 1.00 108.30 ? 121  SER A OG  1 
ATOM   957  N  N   . LEU A 1 121 ? -14.766 -5.390  -12.916 1.00 104.71 ? 122  LEU A N   1 
ATOM   958  C  CA  . LEU A 1 121 ? -13.814 -4.738  -13.799 1.00 105.76 ? 122  LEU A CA  1 
ATOM   959  C  C   . LEU A 1 121 ? -13.134 -5.805  -14.647 1.00 106.26 ? 122  LEU A C   1 
ATOM   960  O  O   . LEU A 1 121 ? -12.630 -6.797  -14.128 1.00 107.29 ? 122  LEU A O   1 
ATOM   961  C  CB  . LEU A 1 121 ? -12.778 -3.968  -12.975 1.00 106.16 ? 122  LEU A CB  1 
ATOM   962  C  CG  . LEU A 1 121 ? -13.257 -2.682  -12.291 1.00 106.51 ? 122  LEU A CG  1 
ATOM   963  C  CD1 . LEU A 1 121 ? -12.278 -2.275  -11.208 1.00 104.99 ? 122  LEU A CD1 1 
ATOM   964  C  CD2 . LEU A 1 121 ? -13.406 -1.574  -13.329 1.00 105.67 ? 122  LEU A CD2 1 
ATOM   965  N  N   . SER A 1 122 ? -13.134 -5.603  -15.956 1.00 107.24 ? 123  SER A N   1 
ATOM   966  C  CA  . SER A 1 122 ? -12.521 -6.558  -16.865 1.00 108.05 ? 123  SER A CA  1 
ATOM   967  C  C   . SER A 1 122 ? -11.018 -6.338  -16.915 1.00 110.06 ? 123  SER A C   1 
ATOM   968  O  O   . SER A 1 122 ? -10.512 -5.333  -16.416 1.00 108.95 ? 123  SER A O   1 
ATOM   969  C  CB  . SER A 1 122 ? -13.099 -6.390  -18.265 1.00 106.82 ? 123  SER A CB  1 
ATOM   970  O  OG  . SER A 1 122 ? -12.661 -5.172  -18.836 1.00 105.31 ? 123  SER A OG  1 
ATOM   971  N  N   . GLN A 1 123 ? -10.313 -7.282  -17.531 1.00 111.59 ? 124  GLN A N   1 
ATOM   972  C  CA  . GLN A 1 123 ? -8.862  -7.209  -17.663 1.00 113.81 ? 124  GLN A CA  1 
ATOM   973  C  C   . GLN A 1 123 ? -8.472  -5.931  -18.388 1.00 113.62 ? 124  GLN A C   1 
ATOM   974  O  O   . GLN A 1 123 ? -7.481  -5.287  -18.048 1.00 114.29 ? 124  GLN A O   1 
ATOM   975  C  CB  . GLN A 1 123 ? -8.345  -8.409  -18.454 1.00 114.84 ? 124  GLN A CB  1 
ATOM   976  C  CG  . GLN A 1 123 ? -8.898  -9.743  -17.988 1.00 117.90 ? 124  GLN A CG  1 
ATOM   977  C  CD  . GLN A 1 123 ? -8.626  -10.002 -16.523 1.00 120.17 ? 124  GLN A CD  1 
ATOM   978  O  OE1 . GLN A 1 123 ? -7.474  -10.044 -16.092 1.00 122.44 ? 124  GLN A OE1 1 
ATOM   979  N  NE2 . GLN A 1 123 ? -9.691  -10.180 -15.747 1.00 121.74 ? 124  GLN A NE2 1 
ATOM   980  N  N   . ASP A 1 124 ? -9.268  -5.576  -19.389 1.00 114.21 ? 125  ASP A N   1 
ATOM   981  C  CA  . ASP A 1 124 ? -9.034  -4.385  -20.199 1.00 114.20 ? 125  ASP A CA  1 
ATOM   982  C  C   . ASP A 1 124 ? -9.396  -3.113  -19.443 1.00 112.26 ? 125  ASP A C   1 
ATOM   983  O  O   . ASP A 1 124 ? -8.702  -2.097  -19.548 1.00 112.30 ? 125  ASP A O   1 
ATOM   984  C  CB  . ASP A 1 124 ? -9.865  -4.482  -21.476 1.00 115.21 ? 125  ASP A CB  1 
ATOM   985  C  CG  . ASP A 1 124 ? -9.671  -5.802  -22.192 1.00 116.69 ? 125  ASP A CG  1 
ATOM   986  O  OD1 . ASP A 1 124 ? -8.656  -5.936  -22.909 1.00 116.58 ? 125  ASP A OD1 1 
ATOM   987  O  OD2 . ASP A 1 124 ? -10.523 -6.705  -22.024 1.00 114.20 ? 125  ASP A OD2 1 
ATOM   988  N  N   . GLU A 1 125 ? -10.496 -3.182  -18.694 1.00 109.16 ? 126  GLU A N   1 
ATOM   989  C  CA  . GLU A 1 125 ? -10.982 -2.055  -17.900 1.00 105.04 ? 126  GLU A CA  1 
ATOM   990  C  C   . GLU A 1 125 ? -9.975  -1.711  -16.805 1.00 99.79  ? 126  GLU A C   1 
ATOM   991  O  O   . GLU A 1 125 ? -9.625  -0.543  -16.610 1.00 99.79  ? 126  GLU A O   1 
ATOM   992  C  CB  . GLU A 1 125 ? -12.338 -2.399  -17.273 1.00 107.82 ? 126  GLU A CB  1 
ATOM   993  C  CG  . GLU A 1 125 ? -13.463 -2.559  -18.287 1.00 110.27 ? 126  GLU A CG  1 
ATOM   994  C  CD  . GLU A 1 125 ? -14.775 -3.000  -17.660 1.00 111.62 ? 126  GLU A CD  1 
ATOM   995  O  OE1 . GLU A 1 125 ? -14.823 -4.105  -17.076 1.00 110.35 ? 126  GLU A OE1 1 
ATOM   996  O  OE2 . GLU A 1 125 ? -15.762 -2.239  -17.755 1.00 112.87 ? 126  GLU A OE2 1 
ATOM   997  N  N   . VAL A 1 126 ? -9.512  -2.738  -16.096 1.00 95.45  ? 127  VAL A N   1 
ATOM   998  C  CA  . VAL A 1 126 ? -8.535  -2.551  -15.036 1.00 89.99  ? 127  VAL A CA  1 
ATOM   999  C  C   . VAL A 1 126 ? -7.286  -1.891  -15.608 1.00 89.74  ? 127  VAL A C   1 
ATOM   1000 O  O   . VAL A 1 126 ? -6.784  -0.913  -15.053 1.00 88.99  ? 127  VAL A O   1 
ATOM   1001 C  CB  . VAL A 1 126 ? -8.141  -3.893  -14.392 1.00 87.92  ? 127  VAL A CB  1 
ATOM   1002 C  CG1 . VAL A 1 126 ? -7.052  -3.671  -13.366 1.00 83.63  ? 127  VAL A CG1 1 
ATOM   1003 C  CG2 . VAL A 1 126 ? -9.357  -4.538  -13.739 1.00 82.32  ? 127  VAL A CG2 1 
ATOM   1004 N  N   . LYS A 1 127 ? -6.797  -2.427  -16.722 1.00 89.24  ? 128  LYS A N   1 
ATOM   1005 C  CA  . LYS A 1 127 ? -5.606  -1.886  -17.376 1.00 90.35  ? 128  LYS A CA  1 
ATOM   1006 C  C   . LYS A 1 127 ? -5.772  -0.407  -17.680 1.00 88.96  ? 128  LYS A C   1 
ATOM   1007 O  O   . LYS A 1 127 ? -4.826  0.375   -17.552 1.00 89.40  ? 128  LYS A O   1 
ATOM   1008 C  CB  . LYS A 1 127 ? -5.323  -2.601  -18.701 1.00 92.96  ? 128  LYS A CB  1 
ATOM   1009 C  CG  . LYS A 1 127 ? -4.870  -4.052  -18.613 1.00 97.68  ? 128  LYS A CG  1 
ATOM   1010 C  CD  . LYS A 1 127 ? -4.594  -4.576  -20.023 1.00 105.27 ? 128  LYS A CD  1 
ATOM   1011 C  CE  . LYS A 1 127 ? -4.411  -6.087  -20.076 1.00 111.41 ? 128  LYS A CE  1 
ATOM   1012 N  NZ  . LYS A 1 127 ? -4.260  -6.559  -21.489 1.00 112.96 ? 128  LYS A NZ  1 
ATOM   1013 N  N   . GLU A 1 128 ? -6.978  -0.032  -18.099 1.00 86.50  ? 129  GLU A N   1 
ATOM   1014 C  CA  . GLU A 1 128 ? -7.261  1.353   -18.445 1.00 83.80  ? 129  GLU A CA  1 
ATOM   1015 C  C   . GLU A 1 128 ? -7.423  2.235   -17.212 1.00 82.23  ? 129  GLU A C   1 
ATOM   1016 O  O   . GLU A 1 128 ? -6.981  3.394   -17.198 1.00 79.34  ? 129  GLU A O   1 
ATOM   1017 C  CB  . GLU A 1 128 ? -8.509  1.426   -19.323 1.00 84.17  ? 129  GLU A CB  1 
ATOM   1018 C  CG  . GLU A 1 128 ? -8.642  2.738   -20.079 1.00 85.21  ? 129  GLU A CG  1 
ATOM   1019 C  CD  . GLU A 1 128 ? -7.346  3.168   -20.771 1.00 87.66  ? 129  GLU A CD  1 
ATOM   1020 O  OE1 . GLU A 1 128 ? -6.407  2.339   -20.895 1.00 86.21  ? 129  GLU A OE1 1 
ATOM   1021 O  OE2 . GLU A 1 128 ? -7.275  4.344   -21.202 1.00 86.88  ? 129  GLU A OE2 1 
ATOM   1022 N  N   . LEU A 1 129 ? -8.055  1.681   -16.178 1.00 80.19  ? 130  LEU A N   1 
ATOM   1023 C  CA  . LEU A 1 129 ? -8.245  2.412   -14.930 1.00 78.31  ? 130  LEU A CA  1 
ATOM   1024 C  C   . LEU A 1 129 ? -6.857  2.773   -14.422 1.00 78.14  ? 130  LEU A C   1 
ATOM   1025 O  O   . LEU A 1 129 ? -6.544  3.954   -14.217 1.00 78.63  ? 130  LEU A O   1 
ATOM   1026 C  CB  . LEU A 1 129 ? -8.985  1.546   -13.909 1.00 77.31  ? 130  LEU A CB  1 
ATOM   1027 C  CG  . LEU A 1 129 ? -9.315  2.173   -12.548 1.00 74.98  ? 130  LEU A CG  1 
ATOM   1028 C  CD1 . LEU A 1 129 ? -9.717  3.645   -12.690 1.00 72.61  ? 130  LEU A CD1 1 
ATOM   1029 C  CD2 . LEU A 1 129 ? -10.430 1.356   -11.902 1.00 74.55  ? 130  LEU A CD2 1 
ATOM   1030 N  N   . ASN A 1 130 ? -6.025  1.751   -14.246 1.00 78.87  ? 131  ASN A N   1 
ATOM   1031 C  CA  . ASN A 1 130 ? -4.654  1.945   -13.799 1.00 80.53  ? 131  ASN A CA  1 
ATOM   1032 C  C   . ASN A 1 130 ? -3.948  2.935   -14.725 1.00 81.69  ? 131  ASN A C   1 
ATOM   1033 O  O   . ASN A 1 130 ? -3.123  3.733   -14.286 1.00 81.08  ? 131  ASN A O   1 
ATOM   1034 C  CB  . ASN A 1 130 ? -3.906  0.605   -13.807 1.00 82.07  ? 131  ASN A CB  1 
ATOM   1035 C  CG  . ASN A 1 130 ? -4.181  -0.239  -12.557 1.00 88.02  ? 131  ASN A CG  1 
ATOM   1036 O  OD1 . ASN A 1 130 ? -4.191  -1.474  -12.617 1.00 89.52  ? 131  ASN A OD1 1 
ATOM   1037 N  ND2 . ASN A 1 130 ? -4.384  0.425   -11.418 1.00 88.92  ? 131  ASN A ND2 1 
ATOM   1038 N  N   . ARG A 1 131 ? -4.287  2.888   -16.007 1.00 81.03  ? 132  ARG A N   1 
ATOM   1039 C  CA  . ARG A 1 131 ? -3.674  3.781   -16.988 1.00 81.44  ? 132  ARG A CA  1 
ATOM   1040 C  C   . ARG A 1 131 ? -4.076  5.232   -16.737 1.00 80.87  ? 132  ARG A C   1 
ATOM   1041 O  O   . ARG A 1 131 ? -3.232  6.135   -16.651 1.00 78.82  ? 132  ARG A O   1 
ATOM   1042 C  CB  . ARG A 1 131 ? -4.082  3.380   -18.414 1.00 80.96  ? 132  ARG A CB  1 
ATOM   1043 C  CG  . ARG A 1 131 ? -3.256  4.072   -19.511 1.00 80.06  ? 132  ARG A CG  1 
ATOM   1044 C  CD  . ARG A 1 131 ? -3.721  3.682   -20.917 1.00 80.34  ? 132  ARG A CD  1 
ATOM   1045 N  NE  . ARG A 1 131 ? -4.802  4.532   -21.407 1.00 78.77  ? 132  ARG A NE  1 
ATOM   1046 C  CZ  . ARG A 1 131 ? -4.666  5.825   -21.700 1.00 80.79  ? 132  ARG A CZ  1 
ATOM   1047 N  NH1 . ARG A 1 131 ? -3.486  6.420   -21.555 1.00 81.20  ? 132  ARG A NH1 1 
ATOM   1048 N  NH2 . ARG A 1 131 ? -5.713  6.528   -22.126 1.00 78.44  ? 132  ARG A NH2 1 
ATOM   1049 N  N   . LEU A 1 132 ? -5.380  5.446   -16.629 1.00 80.58  ? 133  LEU A N   1 
ATOM   1050 C  CA  . LEU A 1 132 ? -5.906  6.777   -16.394 1.00 80.66  ? 133  LEU A CA  1 
ATOM   1051 C  C   . LEU A 1 132 ? -5.360  7.304   -15.072 1.00 78.98  ? 133  LEU A C   1 
ATOM   1052 O  O   . LEU A 1 132 ? -4.842  8.424   -14.999 1.00 78.44  ? 133  LEU A O   1 
ATOM   1053 C  CB  . LEU A 1 132 ? -7.431  6.710   -16.381 1.00 82.06  ? 133  LEU A CB  1 
ATOM   1054 C  CG  . LEU A 1 132 ? -7.993  6.249   -17.730 1.00 83.31  ? 133  LEU A CG  1 
ATOM   1055 C  CD1 . LEU A 1 132 ? -9.444  5.797   -17.594 1.00 81.28  ? 133  LEU A CD1 1 
ATOM   1056 C  CD2 . LEU A 1 132 ? -7.854  7.398   -18.725 1.00 82.87  ? 133  LEU A CD2 1 
ATOM   1057 N  N   . LEU A 1 133 ? -5.467  6.480   -14.033 1.00 78.70  ? 134  LEU A N   1 
ATOM   1058 C  CA  . LEU A 1 133 ? -4.960  6.857   -12.722 1.00 78.34  ? 134  LEU A CA  1 
ATOM   1059 C  C   . LEU A 1 133 ? -3.491  7.248   -12.853 1.00 79.36  ? 134  LEU A C   1 
ATOM   1060 O  O   . LEU A 1 133 ? -3.019  8.175   -12.186 1.00 79.15  ? 134  LEU A O   1 
ATOM   1061 C  CB  . LEU A 1 133 ? -5.114  5.698   -11.734 1.00 76.43  ? 134  LEU A CB  1 
ATOM   1062 C  CG  . LEU A 1 133 ? -6.542  5.492   -11.227 1.00 74.33  ? 134  LEU A CG  1 
ATOM   1063 C  CD1 . LEU A 1 133 ? -6.627  4.269   -10.331 1.00 73.53  ? 134  LEU A CD1 1 
ATOM   1064 C  CD2 . LEU A 1 133 ? -6.974  6.731   -10.462 1.00 71.57  ? 134  LEU A CD2 1 
ATOM   1065 N  N   . GLY A 1 134 ? -2.778  6.539   -13.725 1.00 80.41  ? 135  GLY A N   1 
ATOM   1066 C  CA  . GLY A 1 134 ? -1.379  6.836   -13.935 1.00 82.49  ? 135  GLY A CA  1 
ATOM   1067 C  C   . GLY A 1 134 ? -1.220  8.283   -14.349 1.00 85.23  ? 135  GLY A C   1 
ATOM   1068 O  O   . GLY A 1 134 ? -0.389  9.014   -13.797 1.00 84.20  ? 135  GLY A O   1 
ATOM   1069 N  N   . LYS A 1 135 ? -2.032  8.701   -15.317 1.00 85.88  ? 136  LYS A N   1 
ATOM   1070 C  CA  . LYS A 1 135 ? -1.977  10.069  -15.814 1.00 88.04  ? 136  LYS A CA  1 
ATOM   1071 C  C   . LYS A 1 135 ? -2.221  11.067  -14.697 1.00 87.36  ? 136  LYS A C   1 
ATOM   1072 O  O   . LYS A 1 135 ? -1.588  12.128  -14.644 1.00 86.60  ? 136  LYS A O   1 
ATOM   1073 C  CB  . LYS A 1 135 ? -3.015  10.286  -16.913 1.00 90.63  ? 136  LYS A CB  1 
ATOM   1074 C  CG  . LYS A 1 135 ? -2.673  9.685   -18.266 1.00 95.52  ? 136  LYS A CG  1 
ATOM   1075 C  CD  . LYS A 1 135 ? -3.535  10.332  -19.346 1.00 102.36 ? 136  LYS A CD  1 
ATOM   1076 C  CE  . LYS A 1 135 ? -3.181  9.851   -20.737 1.00 107.52 ? 136  LYS A CE  1 
ATOM   1077 N  NZ  . LYS A 1 135 ? -3.930  10.624  -21.766 1.00 110.72 ? 136  LYS A NZ  1 
ATOM   1078 N  N   . VAL A 1 136 ? -3.151  10.723  -13.809 1.00 86.37  ? 137  VAL A N   1 
ATOM   1079 C  CA  . VAL A 1 136 ? -3.497  11.580  -12.675 1.00 84.63  ? 137  VAL A CA  1 
ATOM   1080 C  C   . VAL A 1 136 ? -2.300  11.709  -11.739 1.00 82.54  ? 137  VAL A C   1 
ATOM   1081 O  O   . VAL A 1 136 ? -1.977  12.799  -11.256 1.00 81.37  ? 137  VAL A O   1 
ATOM   1082 C  CB  . VAL A 1 136 ? -4.677  10.986  -11.860 1.00 85.41  ? 137  VAL A CB  1 
ATOM   1083 C  CG1 . VAL A 1 136 ? -5.124  11.975  -10.798 1.00 84.18  ? 137  VAL A CG1 1 
ATOM   1084 C  CG2 . VAL A 1 136 ? -5.832  10.620  -12.786 1.00 86.94  ? 137  VAL A CG2 1 
ATOM   1085 N  N   . ILE A 1 137 ? -1.646  10.577  -11.498 1.00 82.21  ? 138  ILE A N   1 
ATOM   1086 C  CA  . ILE A 1 137 ? -0.501  10.511  -10.612 1.00 81.38  ? 138  ILE A CA  1 
ATOM   1087 C  C   . ILE A 1 137 ? 0.653   11.419  -11.003 1.00 83.57  ? 138  ILE A C   1 
ATOM   1088 O  O   . ILE A 1 137 ? 1.059   12.274  -10.219 1.00 83.87  ? 138  ILE A O   1 
ATOM   1089 C  CB  . ILE A 1 137 ? -0.017  9.065   -10.493 1.00 78.98  ? 138  ILE A CB  1 
ATOM   1090 C  CG1 . ILE A 1 137 ? -1.143  8.217   -9.894  1.00 77.53  ? 138  ILE A CG1 1 
ATOM   1091 C  CG2 . ILE A 1 137 ? 1.217   8.999   -9.626  1.00 76.92  ? 138  ILE A CG2 1 
ATOM   1092 C  CD1 . ILE A 1 137 ? -0.804  6.761   -9.647  1.00 74.00  ? 138  ILE A CD1 1 
ATOM   1093 N  N   . HIS A 1 138 ? 1.175   11.252  -12.211 1.00 86.36  ? 139  HIS A N   1 
ATOM   1094 C  CA  . HIS A 1 138 ? 2.294   12.076  -12.663 1.00 89.36  ? 139  HIS A CA  1 
ATOM   1095 C  C   . HIS A 1 138 ? 1.823   13.424  -13.177 1.00 91.57  ? 139  HIS A C   1 
ATOM   1096 O  O   . HIS A 1 138 ? 2.628   14.232  -13.639 1.00 92.61  ? 139  HIS A O   1 
ATOM   1097 C  CB  . HIS A 1 138 ? 3.066   11.359  -13.764 1.00 89.78  ? 139  HIS A CB  1 
ATOM   1098 C  CG  . HIS A 1 138 ? 3.538   9.998   -13.371 1.00 93.35  ? 139  HIS A CG  1 
ATOM   1099 N  ND1 . HIS A 1 138 ? 4.506   9.796   -12.411 1.00 94.62  ? 139  HIS A ND1 1 
ATOM   1100 C  CD2 . HIS A 1 138 ? 3.142   8.767   -13.773 1.00 95.62  ? 139  HIS A CD2 1 
ATOM   1101 C  CE1 . HIS A 1 138 ? 4.685   8.498   -12.238 1.00 97.40  ? 139  HIS A CE1 1 
ATOM   1102 N  NE2 . HIS A 1 138 ? 3.870   7.851   -13.053 1.00 97.84  ? 139  HIS A NE2 1 
ATOM   1103 N  N   . ALA A 1 139 ? 0.517   13.663  -13.089 1.00 93.03  ? 140  ALA A N   1 
ATOM   1104 C  CA  . ALA A 1 139 ? -0.079  14.913  -13.551 1.00 94.68  ? 140  ALA A CA  1 
ATOM   1105 C  C   . ALA A 1 139 ? 0.612   16.169  -13.012 1.00 96.60  ? 140  ALA A C   1 
ATOM   1106 O  O   . ALA A 1 139 ? 0.309   17.280  -13.443 1.00 95.75  ? 140  ALA A O   1 
ATOM   1107 C  CB  . ALA A 1 139 ? -1.559  14.941  -13.189 1.00 92.50  ? 140  ALA A CB  1 
ATOM   1108 N  N   . PHE A 1 140 ? 1.538   16.005  -12.071 1.00 99.65  ? 141  PHE A N   1 
ATOM   1109 C  CA  . PHE A 1 140 ? 2.235   17.158  -11.516 1.00 103.58 ? 141  PHE A CA  1 
ATOM   1110 C  C   . PHE A 1 140 ? 3.728   16.891  -11.366 1.00 104.60 ? 141  PHE A C   1 
ATOM   1111 O  O   . PHE A 1 140 ? 4.360   17.634  -10.582 1.00 105.65 ? 141  PHE A O   1 
ATOM   1112 C  CB  . PHE A 1 140 ? 1.635   17.537  -10.158 1.00 105.87 ? 141  PHE A CB  1 
ATOM   1113 C  CG  . PHE A 1 140 ? 0.125   17.536  -10.131 1.00 110.59 ? 141  PHE A CG  1 
ATOM   1114 C  CD1 . PHE A 1 140 ? -0.581  16.346  -9.977  1.00 112.79 ? 141  PHE A CD1 1 
ATOM   1115 C  CD2 . PHE A 1 140 ? -0.591  18.722  -10.273 1.00 112.04 ? 141  PHE A CD2 1 
ATOM   1116 C  CE1 . PHE A 1 140 ? -1.978  16.341  -9.962  1.00 113.68 ? 141  PHE A CE1 1 
ATOM   1117 C  CE2 . PHE A 1 140 ? -1.987  18.721  -10.261 1.00 112.94 ? 141  PHE A CE2 1 
ATOM   1118 C  CZ  . PHE A 1 140 ? -2.678  17.532  -10.106 1.00 113.49 ? 141  PHE A CZ  1 
HETATM 1119 S  S   . SO4 B 2 .   ? 18.131  3.090   13.363  1.00 122.53 ? 1142 SO4 A S   1 
HETATM 1120 O  O1  . SO4 B 2 .   ? 17.704  2.865   14.756  1.00 123.71 ? 1142 SO4 A O1  1 
HETATM 1121 O  O2  . SO4 B 2 .   ? 19.606  3.013   13.282  1.00 121.24 ? 1142 SO4 A O2  1 
HETATM 1122 O  O3  . SO4 B 2 .   ? 17.666  4.422   12.935  1.00 121.25 ? 1142 SO4 A O3  1 
HETATM 1123 O  O4  . SO4 B 2 .   ? 17.530  2.061   12.493  1.00 122.94 ? 1142 SO4 A O4  1 
HETATM 1124 O  O   . HOH C 3 .   ? -0.409  4.232   9.148   1.00 55.76  ? 2001 HOH A O   1 
HETATM 1125 O  O   . HOH C 3 .   ? -1.889  1.596   13.465  1.00 82.39  ? 2002 HOH A O   1 
HETATM 1126 O  O   . HOH C 3 .   ? 11.904  -12.508 -2.459  1.00 47.76  ? 2003 HOH A O   1 
HETATM 1127 O  O   . HOH C 3 .   ? 12.386  10.690  3.388   1.00 67.42  ? 2004 HOH A O   1 
HETATM 1128 O  O   . HOH C 3 .   ? 18.860  6.938   7.589   1.00 53.92  ? 2005 HOH A O   1 
HETATM 1129 O  O   . HOH C 3 .   ? 17.846  3.101   1.988   1.00 57.88  ? 2006 HOH A O   1 
HETATM 1130 O  O   . HOH C 3 .   ? -4.290  -13.392 -0.722  1.00 67.69  ? 2007 HOH A O   1 
HETATM 1131 O  O   . HOH C 3 .   ? 4.963   14.027  -11.948 1.00 66.09  ? 2008 HOH A O   1 
HETATM 1132 O  O   . HOH C 3 .   ? 6.641   18.015  -12.301 1.00 67.68  ? 2009 HOH A O   1 
# 
